data_3L4A
# 
_entry.id   3L4A 
# 
_audit_conform.dict_name       mmcif_pdbx.dic 
_audit_conform.dict_version    5.398 
_audit_conform.dict_location   http://mmcif.pdb.org/dictionaries/ascii/mmcif_pdbx.dic 
# 
loop_
_database_2.database_id 
_database_2.database_code 
_database_2.pdbx_database_accession 
_database_2.pdbx_DOI 
PDB   3L4A         pdb_00003l4a 10.2210/pdb3l4a/pdb 
RCSB  RCSB056814   ?            ?                   
WWPDB D_1000056814 ?            ?                   
# 
loop_
_pdbx_audit_revision_history.ordinal 
_pdbx_audit_revision_history.data_content_type 
_pdbx_audit_revision_history.major_revision 
_pdbx_audit_revision_history.minor_revision 
_pdbx_audit_revision_history.revision_date 
1 'Structure model' 1 0 2011-01-12 
2 'Structure model' 1 1 2011-07-13 
3 'Structure model' 1 2 2011-11-16 
4 'Structure model' 1 3 2017-11-01 
5 'Structure model' 1 4 2018-03-07 
6 'Structure model' 1 5 2023-09-06 
7 'Structure model' 1 6 2024-11-06 
# 
_pdbx_audit_revision_details.ordinal             1 
_pdbx_audit_revision_details.revision_ordinal    1 
_pdbx_audit_revision_details.data_content_type   'Structure model' 
_pdbx_audit_revision_details.provider            repository 
_pdbx_audit_revision_details.type                'Initial release' 
_pdbx_audit_revision_details.description         ? 
_pdbx_audit_revision_details.details             ? 
# 
loop_
_pdbx_audit_revision_group.ordinal 
_pdbx_audit_revision_group.revision_ordinal 
_pdbx_audit_revision_group.data_content_type 
_pdbx_audit_revision_group.group 
1 2 'Structure model' 'Version format compliance' 
2 3 'Structure model' 'Atomic model'              
3 4 'Structure model' 'Refinement description'    
4 5 'Structure model' 'Data collection'           
5 6 'Structure model' 'Data collection'           
6 6 'Structure model' 'Database references'       
7 6 'Structure model' 'Derived calculations'      
8 6 'Structure model' 'Refinement description'    
9 7 'Structure model' 'Structure summary'         
# 
loop_
_pdbx_audit_revision_category.ordinal 
_pdbx_audit_revision_category.revision_ordinal 
_pdbx_audit_revision_category.data_content_type 
_pdbx_audit_revision_category.category 
1  4 'Structure model' software                      
2  5 'Structure model' diffrn_source                 
3  6 'Structure model' chem_comp_atom                
4  6 'Structure model' chem_comp_bond                
5  6 'Structure model' database_2                    
6  6 'Structure model' pdbx_initial_refinement_model 
7  6 'Structure model' struct_ref_seq_dif            
8  6 'Structure model' struct_site                   
9  7 'Structure model' pdbx_entry_details            
10 7 'Structure model' pdbx_modification_feature     
# 
loop_
_pdbx_audit_revision_item.ordinal 
_pdbx_audit_revision_item.revision_ordinal 
_pdbx_audit_revision_item.data_content_type 
_pdbx_audit_revision_item.item 
1 5 'Structure model' '_diffrn_source.source'               
2 6 'Structure model' '_database_2.pdbx_DOI'                
3 6 'Structure model' '_database_2.pdbx_database_accession' 
4 6 'Structure model' '_struct_ref_seq_dif.details'         
5 6 'Structure model' '_struct_site.pdbx_auth_asym_id'      
6 6 'Structure model' '_struct_site.pdbx_auth_comp_id'      
7 6 'Structure model' '_struct_site.pdbx_auth_seq_id'       
# 
_pdbx_database_status.entry_id                        3L4A 
_pdbx_database_status.status_code                     REL 
_pdbx_database_status.deposit_site                    RCSB 
_pdbx_database_status.process_site                    RCSB 
_pdbx_database_status.recvd_initial_deposition_date   2009-12-18 
_pdbx_database_status.status_code_sf                  REL 
_pdbx_database_status.status_code_mr                  ? 
_pdbx_database_status.SG_entry                        ? 
_pdbx_database_status.status_code_cs                  ? 
_pdbx_database_status.pdb_format_compatible           Y 
_pdbx_database_status.methods_development_category    ? 
_pdbx_database_status.status_code_nmr_data            ? 
# 
loop_
_pdbx_database_related.db_name 
_pdbx_database_related.db_id 
_pdbx_database_related.details 
_pdbx_database_related.content_type 
PDB 3L47 AgamOBP22a_Au                                                      unspecified 
PDB 3L4L AgamOBP22a_Benzaldehyde                                            unspecified 
PDB 3L5G 'AgamOBP22a_ Cyclohexanone'                                        unspecified 
PDB 3PJI 'AgamOBP22a at 1.7 angstrom in the open status for ligand binding' unspecified 
# 
loop_
_audit_author.name 
_audit_author.pdbx_ordinal 
'Ren, H.'   1 
'Zhang, S.' 2 
# 
_citation.id                        primary 
_citation.title                     
'The Crystal Structure of an Anopheles gambiae Odorant-binding Protein AgamOBP22a and complexes with Bound Odorants' 
_citation.journal_abbrev            'To be Published' 
_citation.journal_volume            ? 
_citation.page_first                ? 
_citation.page_last                 ? 
_citation.year                      ? 
_citation.journal_id_ASTM           ? 
_citation.country                   ? 
_citation.journal_id_ISSN           ? 
_citation.journal_id_CSD            0353 
_citation.book_publisher            ? 
_citation.pdbx_database_id_PubMed   ? 
_citation.pdbx_database_id_DOI      ? 
# 
loop_
_citation_author.citation_id 
_citation_author.name 
_citation_author.ordinal 
_citation_author.identifier_ORCID 
primary 'Ren, H.'     1 ? 
primary 'Yang, G.'    2 ? 
primary 'Winberg, G.' 3 ? 
primary 'Turin, L.'   4 ? 
primary 'Mershin, A.' 5 ? 
primary 'Zhang, S.'   6 ? 
# 
loop_
_entity.id 
_entity.type 
_entity.src_method 
_entity.pdbx_description 
_entity.formula_weight 
_entity.pdbx_number_of_molecules 
_entity.pdbx_ec 
_entity.pdbx_mutation 
_entity.pdbx_fragment 
_entity.details 
1 polymer     man 'Odorant binding protein (AGAP010409-PA)' 16043.329 1   ? ? 'AgamOBP22a, UNP residues 22-144' ? 
2 non-polymer syn GLYCEROL                                  92.094    1   ? ? ?                                 ? 
3 non-polymer syn 'AMMONIUM ION'                            18.038    8   ? ? ?                                 ? 
4 water       nat water                                     18.015    129 ? ? ?                                 ? 
# 
_entity_name_com.entity_id   1 
_entity_name_com.name        'Odorant-binding protein OBPjj83b' 
# 
_entity_poly.entity_id                      1 
_entity_poly.type                           'polypeptide(L)' 
_entity_poly.nstd_linkage                   no 
_entity_poly.nstd_monomer                   no 
_entity_poly.pdbx_seq_one_letter_code       
;ADNNESVIESCSNAVQGAANDELKVHYRANEFPDDPVTHCFVRCIGLELNLYDDKYGVDLQANWENLGNSDDADEEFVAK
HRACLEAKNLETIEDLCERAYSAFQCLREDYEMYQNNNNATSELVPRGSSGELWSHPQFEK
;
_entity_poly.pdbx_seq_one_letter_code_can   
;ADNNESVIESCSNAVQGAANDELKVHYRANEFPDDPVTHCFVRCIGLELNLYDDKYGVDLQANWENLGNSDDADEEFVAK
HRACLEAKNLETIEDLCERAYSAFQCLREDYEMYQNNNNATSELVPRGSSGELWSHPQFEK
;
_entity_poly.pdbx_strand_id                 A 
_entity_poly.pdbx_target_identifier         ? 
# 
loop_
_pdbx_entity_nonpoly.entity_id 
_pdbx_entity_nonpoly.name 
_pdbx_entity_nonpoly.comp_id 
2 GLYCEROL       GOL 
3 'AMMONIUM ION' NH4 
4 water          HOH 
# 
loop_
_entity_poly_seq.entity_id 
_entity_poly_seq.num 
_entity_poly_seq.mon_id 
_entity_poly_seq.hetero 
1 1   ALA n 
1 2   ASP n 
1 3   ASN n 
1 4   ASN n 
1 5   GLU n 
1 6   SER n 
1 7   VAL n 
1 8   ILE n 
1 9   GLU n 
1 10  SER n 
1 11  CYS n 
1 12  SER n 
1 13  ASN n 
1 14  ALA n 
1 15  VAL n 
1 16  GLN n 
1 17  GLY n 
1 18  ALA n 
1 19  ALA n 
1 20  ASN n 
1 21  ASP n 
1 22  GLU n 
1 23  LEU n 
1 24  LYS n 
1 25  VAL n 
1 26  HIS n 
1 27  TYR n 
1 28  ARG n 
1 29  ALA n 
1 30  ASN n 
1 31  GLU n 
1 32  PHE n 
1 33  PRO n 
1 34  ASP n 
1 35  ASP n 
1 36  PRO n 
1 37  VAL n 
1 38  THR n 
1 39  HIS n 
1 40  CYS n 
1 41  PHE n 
1 42  VAL n 
1 43  ARG n 
1 44  CYS n 
1 45  ILE n 
1 46  GLY n 
1 47  LEU n 
1 48  GLU n 
1 49  LEU n 
1 50  ASN n 
1 51  LEU n 
1 52  TYR n 
1 53  ASP n 
1 54  ASP n 
1 55  LYS n 
1 56  TYR n 
1 57  GLY n 
1 58  VAL n 
1 59  ASP n 
1 60  LEU n 
1 61  GLN n 
1 62  ALA n 
1 63  ASN n 
1 64  TRP n 
1 65  GLU n 
1 66  ASN n 
1 67  LEU n 
1 68  GLY n 
1 69  ASN n 
1 70  SER n 
1 71  ASP n 
1 72  ASP n 
1 73  ALA n 
1 74  ASP n 
1 75  GLU n 
1 76  GLU n 
1 77  PHE n 
1 78  VAL n 
1 79  ALA n 
1 80  LYS n 
1 81  HIS n 
1 82  ARG n 
1 83  ALA n 
1 84  CYS n 
1 85  LEU n 
1 86  GLU n 
1 87  ALA n 
1 88  LYS n 
1 89  ASN n 
1 90  LEU n 
1 91  GLU n 
1 92  THR n 
1 93  ILE n 
1 94  GLU n 
1 95  ASP n 
1 96  LEU n 
1 97  CYS n 
1 98  GLU n 
1 99  ARG n 
1 100 ALA n 
1 101 TYR n 
1 102 SER n 
1 103 ALA n 
1 104 PHE n 
1 105 GLN n 
1 106 CYS n 
1 107 LEU n 
1 108 ARG n 
1 109 GLU n 
1 110 ASP n 
1 111 TYR n 
1 112 GLU n 
1 113 MET n 
1 114 TYR n 
1 115 GLN n 
1 116 ASN n 
1 117 ASN n 
1 118 ASN n 
1 119 ASN n 
1 120 ALA n 
1 121 THR n 
1 122 SER n 
1 123 GLU n 
1 124 LEU n 
1 125 VAL n 
1 126 PRO n 
1 127 ARG n 
1 128 GLY n 
1 129 SER n 
1 130 SER n 
1 131 GLY n 
1 132 GLU n 
1 133 LEU n 
1 134 TRP n 
1 135 SER n 
1 136 HIS n 
1 137 PRO n 
1 138 GLN n 
1 139 PHE n 
1 140 GLU n 
1 141 LYS n 
# 
_entity_src_gen.entity_id                          1 
_entity_src_gen.pdbx_src_id                        1 
_entity_src_gen.pdbx_alt_source_flag               sample 
_entity_src_gen.pdbx_seq_type                      ? 
_entity_src_gen.pdbx_beg_seq_num                   ? 
_entity_src_gen.pdbx_end_seq_num                   ? 
_entity_src_gen.gene_src_common_name               'African malaria mosquito' 
_entity_src_gen.gene_src_genus                     ? 
_entity_src_gen.pdbx_gene_src_gene                 'AgamOBP22a, AGAP010409, OBP22, OBPjj83b' 
_entity_src_gen.gene_src_species                   ? 
_entity_src_gen.gene_src_strain                    PEST 
_entity_src_gen.gene_src_tissue                    ? 
_entity_src_gen.gene_src_tissue_fraction           ? 
_entity_src_gen.gene_src_details                   ? 
_entity_src_gen.pdbx_gene_src_fragment             ? 
_entity_src_gen.pdbx_gene_src_scientific_name      'Anopheles gambiae' 
_entity_src_gen.pdbx_gene_src_ncbi_taxonomy_id     180454 
_entity_src_gen.pdbx_gene_src_variant              ? 
_entity_src_gen.pdbx_gene_src_cell_line            ? 
_entity_src_gen.pdbx_gene_src_atcc                 ? 
_entity_src_gen.pdbx_gene_src_organ                ? 
_entity_src_gen.pdbx_gene_src_organelle            ? 
_entity_src_gen.pdbx_gene_src_cell                 ? 
_entity_src_gen.pdbx_gene_src_cellular_location    ? 
_entity_src_gen.host_org_common_name               ? 
_entity_src_gen.pdbx_host_org_scientific_name      'Escherichia coli' 
_entity_src_gen.pdbx_host_org_ncbi_taxonomy_id     469008 
_entity_src_gen.host_org_genus                     ? 
_entity_src_gen.pdbx_host_org_gene                 ? 
_entity_src_gen.pdbx_host_org_organ                ? 
_entity_src_gen.host_org_species                   ? 
_entity_src_gen.pdbx_host_org_tissue               ? 
_entity_src_gen.pdbx_host_org_tissue_fraction      ? 
_entity_src_gen.pdbx_host_org_strain               'BL21(DE3)-STAR-pLysS' 
_entity_src_gen.pdbx_host_org_variant              ? 
_entity_src_gen.pdbx_host_org_cell_line            ? 
_entity_src_gen.pdbx_host_org_atcc                 ? 
_entity_src_gen.pdbx_host_org_culture_collection   ? 
_entity_src_gen.pdbx_host_org_cell                 ? 
_entity_src_gen.pdbx_host_org_organelle            ? 
_entity_src_gen.pdbx_host_org_cellular_location    ? 
_entity_src_gen.pdbx_host_org_vector_type          plasmid 
_entity_src_gen.pdbx_host_org_vector               ? 
_entity_src_gen.host_org_details                   ? 
_entity_src_gen.expression_system_id               ? 
_entity_src_gen.plasmid_name                       pET28a 
_entity_src_gen.plasmid_details                    ? 
_entity_src_gen.pdbx_description                   ? 
# 
loop_
_chem_comp.id 
_chem_comp.type 
_chem_comp.mon_nstd_flag 
_chem_comp.name 
_chem_comp.pdbx_synonyms 
_chem_comp.formula 
_chem_comp.formula_weight 
ALA 'L-peptide linking' y ALANINE         ?                               'C3 H7 N O2'     89.093  
ARG 'L-peptide linking' y ARGININE        ?                               'C6 H15 N4 O2 1' 175.209 
ASN 'L-peptide linking' y ASPARAGINE      ?                               'C4 H8 N2 O3'    132.118 
ASP 'L-peptide linking' y 'ASPARTIC ACID' ?                               'C4 H7 N O4'     133.103 
CYS 'L-peptide linking' y CYSTEINE        ?                               'C3 H7 N O2 S'   121.158 
GLN 'L-peptide linking' y GLUTAMINE       ?                               'C5 H10 N2 O3'   146.144 
GLU 'L-peptide linking' y 'GLUTAMIC ACID' ?                               'C5 H9 N O4'     147.129 
GLY 'peptide linking'   y GLYCINE         ?                               'C2 H5 N O2'     75.067  
GOL non-polymer         . GLYCEROL        'GLYCERIN; PROPANE-1,2,3-TRIOL' 'C3 H8 O3'       92.094  
HIS 'L-peptide linking' y HISTIDINE       ?                               'C6 H10 N3 O2 1' 156.162 
HOH non-polymer         . WATER           ?                               'H2 O'           18.015  
ILE 'L-peptide linking' y ISOLEUCINE      ?                               'C6 H13 N O2'    131.173 
LEU 'L-peptide linking' y LEUCINE         ?                               'C6 H13 N O2'    131.173 
LYS 'L-peptide linking' y LYSINE          ?                               'C6 H15 N2 O2 1' 147.195 
MET 'L-peptide linking' y METHIONINE      ?                               'C5 H11 N O2 S'  149.211 
NH4 non-polymer         . 'AMMONIUM ION'  ?                               'H4 N 1'         18.038  
PHE 'L-peptide linking' y PHENYLALANINE   ?                               'C9 H11 N O2'    165.189 
PRO 'L-peptide linking' y PROLINE         ?                               'C5 H9 N O2'     115.130 
SER 'L-peptide linking' y SERINE          ?                               'C3 H7 N O3'     105.093 
THR 'L-peptide linking' y THREONINE       ?                               'C4 H9 N O3'     119.119 
TRP 'L-peptide linking' y TRYPTOPHAN      ?                               'C11 H12 N2 O2'  204.225 
TYR 'L-peptide linking' y TYROSINE        ?                               'C9 H11 N O3'    181.189 
VAL 'L-peptide linking' y VALINE          ?                               'C5 H11 N O2'    117.146 
# 
loop_
_pdbx_poly_seq_scheme.asym_id 
_pdbx_poly_seq_scheme.entity_id 
_pdbx_poly_seq_scheme.seq_id 
_pdbx_poly_seq_scheme.mon_id 
_pdbx_poly_seq_scheme.ndb_seq_num 
_pdbx_poly_seq_scheme.pdb_seq_num 
_pdbx_poly_seq_scheme.auth_seq_num 
_pdbx_poly_seq_scheme.pdb_mon_id 
_pdbx_poly_seq_scheme.auth_mon_id 
_pdbx_poly_seq_scheme.pdb_strand_id 
_pdbx_poly_seq_scheme.pdb_ins_code 
_pdbx_poly_seq_scheme.hetero 
A 1 1   ALA 1   22  ?   ?   ?   A . n 
A 1 2   ASP 2   23  ?   ?   ?   A . n 
A 1 3   ASN 3   24  ?   ?   ?   A . n 
A 1 4   ASN 4   25  25  ASN ASN A . n 
A 1 5   GLU 5   26  26  GLU GLU A . n 
A 1 6   SER 6   27  27  SER SER A . n 
A 1 7   VAL 7   28  28  VAL VAL A . n 
A 1 8   ILE 8   29  29  ILE ILE A . n 
A 1 9   GLU 9   30  30  GLU GLU A . n 
A 1 10  SER 10  31  31  SER SER A . n 
A 1 11  CYS 11  32  32  CYS CYS A . n 
A 1 12  SER 12  33  33  SER SER A . n 
A 1 13  ASN 13  34  34  ASN ASN A . n 
A 1 14  ALA 14  35  35  ALA ALA A . n 
A 1 15  VAL 15  36  36  VAL VAL A . n 
A 1 16  GLN 16  37  37  GLN GLN A . n 
A 1 17  GLY 17  38  38  GLY GLY A . n 
A 1 18  ALA 18  39  39  ALA ALA A . n 
A 1 19  ALA 19  40  40  ALA ALA A . n 
A 1 20  ASN 20  41  41  ASN ASN A . n 
A 1 21  ASP 21  42  42  ASP ASP A . n 
A 1 22  GLU 22  43  43  GLU GLU A . n 
A 1 23  LEU 23  44  44  LEU LEU A . n 
A 1 24  LYS 24  45  45  LYS LYS A . n 
A 1 25  VAL 25  46  46  VAL VAL A . n 
A 1 26  HIS 26  47  47  HIS HIS A . n 
A 1 27  TYR 27  48  48  TYR TYR A . n 
A 1 28  ARG 28  49  49  ARG ARG A . n 
A 1 29  ALA 29  50  50  ALA ALA A . n 
A 1 30  ASN 30  51  51  ASN ASN A . n 
A 1 31  GLU 31  52  52  GLU GLU A . n 
A 1 32  PHE 32  53  53  PHE PHE A . n 
A 1 33  PRO 33  54  54  PRO PRO A . n 
A 1 34  ASP 34  55  55  ASP ASP A . n 
A 1 35  ASP 35  56  56  ASP ASP A . n 
A 1 36  PRO 36  57  57  PRO PRO A . n 
A 1 37  VAL 37  58  58  VAL VAL A . n 
A 1 38  THR 38  59  59  THR THR A . n 
A 1 39  HIS 39  60  60  HIS HIS A . n 
A 1 40  CYS 40  61  61  CYS CYS A . n 
A 1 41  PHE 41  62  62  PHE PHE A . n 
A 1 42  VAL 42  63  63  VAL VAL A . n 
A 1 43  ARG 43  64  64  ARG ARG A . n 
A 1 44  CYS 44  65  65  CYS CYS A . n 
A 1 45  ILE 45  66  66  ILE ILE A . n 
A 1 46  GLY 46  67  67  GLY GLY A . n 
A 1 47  LEU 47  68  68  LEU LEU A . n 
A 1 48  GLU 48  69  69  GLU GLU A . n 
A 1 49  LEU 49  70  70  LEU LEU A . n 
A 1 50  ASN 50  71  71  ASN ASN A . n 
A 1 51  LEU 51  72  72  LEU LEU A . n 
A 1 52  TYR 52  73  73  TYR TYR A . n 
A 1 53  ASP 53  74  74  ASP ASP A . n 
A 1 54  ASP 54  75  75  ASP ASP A . n 
A 1 55  LYS 55  76  76  LYS LYS A . n 
A 1 56  TYR 56  77  77  TYR TYR A . n 
A 1 57  GLY 57  78  78  GLY GLY A . n 
A 1 58  VAL 58  79  79  VAL VAL A . n 
A 1 59  ASP 59  80  80  ASP ASP A . n 
A 1 60  LEU 60  81  81  LEU LEU A . n 
A 1 61  GLN 61  82  82  GLN GLN A . n 
A 1 62  ALA 62  83  83  ALA ALA A . n 
A 1 63  ASN 63  84  84  ASN ASN A . n 
A 1 64  TRP 64  85  85  TRP TRP A . n 
A 1 65  GLU 65  86  86  GLU GLU A . n 
A 1 66  ASN 66  87  87  ASN ASN A . n 
A 1 67  LEU 67  88  88  LEU LEU A . n 
A 1 68  GLY 68  89  89  GLY GLY A . n 
A 1 69  ASN 69  90  90  ASN ASN A . n 
A 1 70  SER 70  91  91  SER SER A . n 
A 1 71  ASP 71  92  92  ASP ASP A . n 
A 1 72  ASP 72  93  93  ASP ASP A . n 
A 1 73  ALA 73  94  94  ALA ALA A . n 
A 1 74  ASP 74  95  95  ASP ASP A . n 
A 1 75  GLU 75  96  96  GLU GLU A . n 
A 1 76  GLU 76  97  97  GLU GLU A . n 
A 1 77  PHE 77  98  98  PHE PHE A . n 
A 1 78  VAL 78  99  99  VAL VAL A . n 
A 1 79  ALA 79  100 100 ALA ALA A . n 
A 1 80  LYS 80  101 101 LYS LYS A . n 
A 1 81  HIS 81  102 102 HIS HIS A . n 
A 1 82  ARG 82  103 103 ARG ARG A . n 
A 1 83  ALA 83  104 104 ALA ALA A . n 
A 1 84  CYS 84  105 105 CYS CYS A . n 
A 1 85  LEU 85  106 106 LEU LEU A . n 
A 1 86  GLU 86  107 107 GLU GLU A . n 
A 1 87  ALA 87  108 108 ALA ALA A . n 
A 1 88  LYS 88  109 109 LYS LYS A . n 
A 1 89  ASN 89  110 110 ASN ASN A . n 
A 1 90  LEU 90  111 111 LEU LEU A . n 
A 1 91  GLU 91  112 112 GLU GLU A . n 
A 1 92  THR 92  113 113 THR THR A . n 
A 1 93  ILE 93  114 114 ILE ILE A . n 
A 1 94  GLU 94  115 115 GLU GLU A . n 
A 1 95  ASP 95  116 116 ASP ASP A . n 
A 1 96  LEU 96  117 117 LEU LEU A . n 
A 1 97  CYS 97  118 118 CYS CYS A . n 
A 1 98  GLU 98  119 119 GLU GLU A . n 
A 1 99  ARG 99  120 120 ARG ARG A . n 
A 1 100 ALA 100 121 121 ALA ALA A . n 
A 1 101 TYR 101 122 122 TYR TYR A . n 
A 1 102 SER 102 123 123 SER SER A . n 
A 1 103 ALA 103 124 124 ALA ALA A . n 
A 1 104 PHE 104 125 125 PHE PHE A . n 
A 1 105 GLN 105 126 126 GLN GLN A . n 
A 1 106 CYS 106 127 127 CYS CYS A . n 
A 1 107 LEU 107 128 128 LEU LEU A . n 
A 1 108 ARG 108 129 129 ARG ARG A . n 
A 1 109 GLU 109 130 130 GLU GLU A . n 
A 1 110 ASP 110 131 131 ASP ASP A . n 
A 1 111 TYR 111 132 132 TYR TYR A . n 
A 1 112 GLU 112 133 133 GLU GLU A . n 
A 1 113 MET 113 134 134 MET MET A . n 
A 1 114 TYR 114 135 135 TYR TYR A . n 
A 1 115 GLN 115 136 136 GLN GLN A . n 
A 1 116 ASN 116 137 137 ASN ASN A . n 
A 1 117 ASN 117 138 138 ASN ASN A . n 
A 1 118 ASN 118 139 139 ASN ASN A . n 
A 1 119 ASN 119 140 ?   ?   ?   A . n 
A 1 120 ALA 120 141 ?   ?   ?   A . n 
A 1 121 THR 121 142 ?   ?   ?   A . n 
A 1 122 SER 122 143 ?   ?   ?   A . n 
A 1 123 GLU 123 144 ?   ?   ?   A . n 
A 1 124 LEU 124 145 ?   ?   ?   A . n 
A 1 125 VAL 125 146 ?   ?   ?   A . n 
A 1 126 PRO 126 147 ?   ?   ?   A . n 
A 1 127 ARG 127 148 ?   ?   ?   A . n 
A 1 128 GLY 128 149 ?   ?   ?   A . n 
A 1 129 SER 129 150 ?   ?   ?   A . n 
A 1 130 SER 130 151 ?   ?   ?   A . n 
A 1 131 GLY 131 152 ?   ?   ?   A . n 
A 1 132 GLU 132 153 153 GLU GLU A . n 
A 1 133 LEU 133 154 154 LEU LEU A . n 
A 1 134 TRP 134 155 155 TRP TRP A . n 
A 1 135 SER 135 156 156 SER SER A . n 
A 1 136 HIS 136 157 157 HIS HIS A . n 
A 1 137 PRO 137 158 158 PRO PRO A . n 
A 1 138 GLN 138 159 ?   ?   ?   A . n 
A 1 139 PHE 139 160 ?   ?   ?   A . n 
A 1 140 GLU 140 161 ?   ?   ?   A . n 
A 1 141 LYS 141 162 ?   ?   ?   A . n 
# 
loop_
_pdbx_nonpoly_scheme.asym_id 
_pdbx_nonpoly_scheme.entity_id 
_pdbx_nonpoly_scheme.mon_id 
_pdbx_nonpoly_scheme.ndb_seq_num 
_pdbx_nonpoly_scheme.pdb_seq_num 
_pdbx_nonpoly_scheme.auth_seq_num 
_pdbx_nonpoly_scheme.pdb_mon_id 
_pdbx_nonpoly_scheme.auth_mon_id 
_pdbx_nonpoly_scheme.pdb_strand_id 
_pdbx_nonpoly_scheme.pdb_ins_code 
B 2 GOL 1   200 200 GOL GOL A . 
C 3 NH4 1   201 201 NH4 NH4 A . 
D 3 NH4 1   202 202 NH4 NH4 A . 
E 3 NH4 1   203 203 NH4 NH4 A . 
F 3 NH4 1   204 204 NH4 NH4 A . 
G 3 NH4 1   205 205 NH4 NH4 A . 
H 3 NH4 1   206 206 NH4 NH4 A . 
I 3 NH4 1   207 207 NH4 NH4 A . 
J 3 NH4 1   208 208 NH4 NH4 A . 
K 4 HOH 1   209 209 HOH HOH A . 
K 4 HOH 2   210 210 HOH HOH A . 
K 4 HOH 3   211 211 HOH HOH A . 
K 4 HOH 4   212 212 HOH HOH A . 
K 4 HOH 5   213 213 HOH HOH A . 
K 4 HOH 6   214 214 HOH HOH A . 
K 4 HOH 7   215 215 HOH HOH A . 
K 4 HOH 8   216 216 HOH HOH A . 
K 4 HOH 9   217 217 HOH HOH A . 
K 4 HOH 10  218 218 HOH HOH A . 
K 4 HOH 11  219 219 HOH HOH A . 
K 4 HOH 12  220 220 HOH HOH A . 
K 4 HOH 13  221 221 HOH HOH A . 
K 4 HOH 14  222 222 HOH HOH A . 
K 4 HOH 15  223 223 HOH HOH A . 
K 4 HOH 16  224 224 HOH HOH A . 
K 4 HOH 17  225 225 HOH HOH A . 
K 4 HOH 18  226 226 HOH HOH A . 
K 4 HOH 19  227 227 HOH HOH A . 
K 4 HOH 20  228 228 HOH HOH A . 
K 4 HOH 21  229 229 HOH HOH A . 
K 4 HOH 22  230 230 HOH HOH A . 
K 4 HOH 23  231 231 HOH HOH A . 
K 4 HOH 24  232 232 HOH HOH A . 
K 4 HOH 25  233 233 HOH HOH A . 
K 4 HOH 26  234 234 HOH HOH A . 
K 4 HOH 27  235 235 HOH HOH A . 
K 4 HOH 28  236 236 HOH HOH A . 
K 4 HOH 29  237 237 HOH HOH A . 
K 4 HOH 30  238 238 HOH HOH A . 
K 4 HOH 31  239 239 HOH HOH A . 
K 4 HOH 32  240 240 HOH HOH A . 
K 4 HOH 33  241 241 HOH HOH A . 
K 4 HOH 34  242 242 HOH HOH A . 
K 4 HOH 35  243 243 HOH HOH A . 
K 4 HOH 36  244 244 HOH HOH A . 
K 4 HOH 37  245 245 HOH HOH A . 
K 4 HOH 38  246 246 HOH HOH A . 
K 4 HOH 39  247 247 HOH HOH A . 
K 4 HOH 40  248 248 HOH HOH A . 
K 4 HOH 41  249 249 HOH HOH A . 
K 4 HOH 42  250 250 HOH HOH A . 
K 4 HOH 43  251 251 HOH HOH A . 
K 4 HOH 44  252 252 HOH HOH A . 
K 4 HOH 45  253 253 HOH HOH A . 
K 4 HOH 46  254 254 HOH HOH A . 
K 4 HOH 47  255 255 HOH HOH A . 
K 4 HOH 48  256 256 HOH HOH A . 
K 4 HOH 49  257 257 HOH HOH A . 
K 4 HOH 50  258 258 HOH HOH A . 
K 4 HOH 51  259 259 HOH HOH A . 
K 4 HOH 52  260 260 HOH HOH A . 
K 4 HOH 53  261 261 HOH HOH A . 
K 4 HOH 54  262 262 HOH HOH A . 
K 4 HOH 55  263 263 HOH HOH A . 
K 4 HOH 56  264 264 HOH HOH A . 
K 4 HOH 57  265 265 HOH HOH A . 
K 4 HOH 58  266 266 HOH HOH A . 
K 4 HOH 59  267 267 HOH HOH A . 
K 4 HOH 60  268 268 HOH HOH A . 
K 4 HOH 61  269 269 HOH HOH A . 
K 4 HOH 62  270 270 HOH HOH A . 
K 4 HOH 63  271 271 HOH HOH A . 
K 4 HOH 64  272 272 HOH HOH A . 
K 4 HOH 65  273 273 HOH HOH A . 
K 4 HOH 66  274 274 HOH HOH A . 
K 4 HOH 67  275 275 HOH HOH A . 
K 4 HOH 68  276 276 HOH HOH A . 
K 4 HOH 69  277 277 HOH HOH A . 
K 4 HOH 70  278 278 HOH HOH A . 
K 4 HOH 71  279 279 HOH HOH A . 
K 4 HOH 72  280 280 HOH HOH A . 
K 4 HOH 73  281 281 HOH HOH A . 
K 4 HOH 74  282 282 HOH HOH A . 
K 4 HOH 75  283 283 HOH HOH A . 
K 4 HOH 76  284 284 HOH HOH A . 
K 4 HOH 77  285 285 HOH HOH A . 
K 4 HOH 78  286 286 HOH HOH A . 
K 4 HOH 79  287 287 HOH HOH A . 
K 4 HOH 80  288 288 HOH HOH A . 
K 4 HOH 81  289 289 HOH HOH A . 
K 4 HOH 82  290 290 HOH HOH A . 
K 4 HOH 83  291 291 HOH HOH A . 
K 4 HOH 84  292 292 HOH HOH A . 
K 4 HOH 85  293 293 HOH HOH A . 
K 4 HOH 86  294 294 HOH HOH A . 
K 4 HOH 87  295 295 HOH HOH A . 
K 4 HOH 88  296 296 HOH HOH A . 
K 4 HOH 89  297 297 HOH HOH A . 
K 4 HOH 90  298 298 HOH HOH A . 
K 4 HOH 91  299 299 HOH HOH A . 
K 4 HOH 92  300 300 HOH HOH A . 
K 4 HOH 93  301 301 HOH HOH A . 
K 4 HOH 94  302 302 HOH HOH A . 
K 4 HOH 95  303 303 HOH HOH A . 
K 4 HOH 96  304 304 HOH HOH A . 
K 4 HOH 97  305 305 HOH HOH A . 
K 4 HOH 98  306 306 HOH HOH A . 
K 4 HOH 99  307 307 HOH HOH A . 
K 4 HOH 100 308 308 HOH HOH A . 
K 4 HOH 101 309 309 HOH HOH A . 
K 4 HOH 102 310 310 HOH HOH A . 
K 4 HOH 103 311 311 HOH HOH A . 
K 4 HOH 104 312 312 HOH HOH A . 
K 4 HOH 105 313 313 HOH HOH A . 
K 4 HOH 106 314 314 HOH HOH A . 
K 4 HOH 107 315 315 HOH HOH A . 
K 4 HOH 108 316 316 HOH HOH A . 
K 4 HOH 109 317 317 HOH HOH A . 
K 4 HOH 110 318 318 HOH HOH A . 
K 4 HOH 111 319 319 HOH HOH A . 
K 4 HOH 112 320 320 HOH HOH A . 
K 4 HOH 113 321 321 HOH HOH A . 
K 4 HOH 114 322 322 HOH HOH A . 
K 4 HOH 115 323 323 HOH HOH A . 
K 4 HOH 116 324 324 HOH HOH A . 
K 4 HOH 117 325 325 HOH HOH A . 
K 4 HOH 118 326 326 HOH HOH A . 
K 4 HOH 119 327 327 HOH HOH A . 
K 4 HOH 120 328 328 HOH HOH A . 
K 4 HOH 121 329 329 HOH HOH A . 
K 4 HOH 122 330 330 HOH HOH A . 
K 4 HOH 123 331 331 HOH HOH A . 
K 4 HOH 124 332 332 HOH HOH A . 
K 4 HOH 125 333 333 HOH HOH A . 
K 4 HOH 126 334 334 HOH HOH A . 
K 4 HOH 127 335 335 HOH HOH A . 
K 4 HOH 128 336 336 HOH HOH A . 
K 4 HOH 129 337 337 HOH HOH A . 
# 
loop_
_software.pdbx_ordinal 
_software.name 
_software.version 
_software.date 
_software.type 
_software.contact_author 
_software.contact_author_email 
_software.classification 
_software.location 
_software.language 
_software.citation_id 
1 DENZO        .     ?               package 'Zbyszek Otwinowski' hkl@hkl-xray.com      'data reduction'  http://www.hkl-xray.com/ 
?   ? 
2 SCALEPACK    .     ?               package 'Zbyszek Otwinowski' hkl@hkl-xray.com      'data scaling'    http://www.hkl-xray.com/ 
?   ? 
3 PHENIX       .     ?               package 'Paul D. Adams'      PDAdams@lbl.gov       refinement        
http://www.phenix-online.org/             C++ ? 
4 PDB_EXTRACT  3.005 'June 11, 2008' package PDB                  help@deposit.rcsb.org 'data extraction' 
http://sw-tools.pdb.org/apps/PDB_EXTRACT/ C++ ? 
5 CrystalClear .     ?               ?       ?                    ?                     'data collection' ? ?   ? 
6 HKL-2000     .     ?               ?       ?                    ?                     'data reduction'  ? ?   ? 
7 HKL-2000     .     ?               ?       ?                    ?                     'data scaling'    ? ?   ? 
# 
_cell.entry_id           3L4A 
_cell.length_a           72.194 
_cell.length_b           37.729 
_cell.length_c           43.703 
_cell.angle_alpha        90.00 
_cell.angle_beta         99.29 
_cell.angle_gamma        90.00 
_cell.Z_PDB              4 
_cell.pdbx_unique_axis   ? 
_cell.length_a_esd       ? 
_cell.length_b_esd       ? 
_cell.length_c_esd       ? 
_cell.angle_alpha_esd    ? 
_cell.angle_beta_esd     ? 
_cell.angle_gamma_esd    ? 
# 
_symmetry.entry_id                         3L4A 
_symmetry.space_group_name_H-M             'C 1 2 1' 
_symmetry.pdbx_full_space_group_name_H-M   ? 
_symmetry.cell_setting                     ? 
_symmetry.Int_Tables_number                5 
_symmetry.space_group_name_Hall            ? 
# 
_exptl.entry_id          3L4A 
_exptl.method            'X-RAY DIFFRACTION' 
_exptl.crystals_number   1 
# 
_exptl_crystal.id                    1 
_exptl_crystal.density_meas          ? 
_exptl_crystal.density_Matthews      1.83 
_exptl_crystal.density_percent_sol   32.81 
_exptl_crystal.description           ? 
_exptl_crystal.F_000                 ? 
_exptl_crystal.preparation           ? 
# 
_exptl_crystal_grow.crystal_id      1 
_exptl_crystal_grow.method          'VAPOR DIFFUSION, HANGING DROP' 
_exptl_crystal_grow.temp            298 
_exptl_crystal_grow.temp_details    ? 
_exptl_crystal_grow.pH              7.0 
_exptl_crystal_grow.pdbx_pH_range   ? 
_exptl_crystal_grow.pdbx_details    'Ammonium citrate tribasic, MPD, pH 7.0, vapor diffusion, hanging drop, temperature 298K' 
# 
_diffrn.id                     1 
_diffrn.ambient_temp           100 
_diffrn.ambient_temp_details   ? 
_diffrn.crystal_id             1 
# 
_diffrn_detector.diffrn_id              1 
_diffrn_detector.detector               CCD 
_diffrn_detector.type                   'RIGAKU SATURN 944' 
_diffrn_detector.pdbx_collection_date   2009-06-22 
_diffrn_detector.details                ? 
# 
_diffrn_radiation.diffrn_id                        1 
_diffrn_radiation.wavelength_id                    1 
_diffrn_radiation.pdbx_monochromatic_or_laue_m_l   M 
_diffrn_radiation.monochromator                    ? 
_diffrn_radiation.pdbx_diffrn_protocol             'SINGLE WAVELENGTH' 
_diffrn_radiation.pdbx_scattering_type             x-ray 
# 
_diffrn_radiation_wavelength.id           1 
_diffrn_radiation_wavelength.wavelength   1.5418 
_diffrn_radiation_wavelength.wt           1.0 
# 
_diffrn_source.diffrn_id                   1 
_diffrn_source.source                      'ROTATING ANODE' 
_diffrn_source.type                        RIGAKU 
_diffrn_source.pdbx_synchrotron_site       ? 
_diffrn_source.pdbx_synchrotron_beamline   ? 
_diffrn_source.pdbx_wavelength             ? 
_diffrn_source.pdbx_wavelength_list        1.5418 
# 
_reflns.entry_id                     3L4A 
_reflns.observed_criterion_sigma_I   ? 
_reflns.observed_criterion_sigma_F   ? 
_reflns.d_resolution_low             30.000 
_reflns.d_resolution_high            1.500 
_reflns.number_obs                   17623 
_reflns.number_all                   ? 
_reflns.percent_possible_obs         94.000 
_reflns.pdbx_Rmerge_I_obs            0.036 
_reflns.pdbx_Rsym_value              ? 
_reflns.pdbx_netI_over_sigmaI        38.200 
_reflns.B_iso_Wilson_estimate        ? 
_reflns.pdbx_redundancy              4.200 
_reflns.R_free_details               ? 
_reflns.limit_h_max                  ? 
_reflns.limit_h_min                  ? 
_reflns.limit_k_max                  ? 
_reflns.limit_k_min                  ? 
_reflns.limit_l_max                  ? 
_reflns.limit_l_min                  ? 
_reflns.observed_criterion_F_max     ? 
_reflns.observed_criterion_F_min     ? 
_reflns.pdbx_chi_squared             ? 
_reflns.pdbx_scaling_rejects         ? 
_reflns.pdbx_diffrn_id               1 
_reflns.pdbx_ordinal                 1 
# 
loop_
_reflns_shell.d_res_high 
_reflns_shell.d_res_low 
_reflns_shell.percent_possible_all 
_reflns_shell.Rmerge_I_obs 
_reflns_shell.pdbx_Rsym_value 
_reflns_shell.meanI_over_sigI_obs 
_reflns_shell.pdbx_redundancy 
_reflns_shell.percent_possible_obs 
_reflns_shell.number_unique_all 
_reflns_shell.number_measured_all 
_reflns_shell.number_measured_obs 
_reflns_shell.number_unique_obs 
_reflns_shell.pdbx_chi_squared 
_reflns_shell.pdbx_diffrn_id 
_reflns_shell.pdbx_ordinal 
1.50 1.53  82.80  0.181 ? ? 3.10 ? ? ? ? ? ? ? 1  
1.53 1.55  85.40  0.158 ? ? 3.10 ? ? ? ? ? ? ? 2  
1.55 1.58  84.90  0.151 ? ? 3.20 ? ? ? ? ? ? ? 3  
1.58 1.62  87.90  0.132 ? ? 3.20 ? ? ? ? ? ? ? 4  
1.62 1.65  88.70  0.121 ? ? 3.30 ? ? ? ? ? ? ? 5  
1.65 1.69  90.00  0.104 ? ? 3.30 ? ? ? ? ? ? ? 6  
1.69 1.73  91.40  0.093 ? ? 3.40 ? ? ? ? ? ? ? 7  
1.73 1.78  92.20  0.085 ? ? 3.40 ? ? ? ? ? ? ? 8  
1.78 1.83  93.50  0.072 ? ? 3.50 ? ? ? ? ? ? ? 9  
1.83 1.89  94.10  0.066 ? ? 3.60 ? ? ? ? ? ? ? 10 
1.89 1.96  94.60  0.055 ? ? 3.60 ? ? ? ? ? ? ? 11 
1.96 2.04  96.30  0.048 ? ? 3.60 ? ? ? ? ? ? ? 12 
2.04 2.13  97.30  0.046 ? ? 3.90 ? ? ? ? ? ? ? 13 
2.13 2.24  100.00 0.042 ? ? 4.10 ? ? ? ? ? ? ? 14 
2.24 2.38  100.00 0.041 ? ? 4.30 ? ? ? ? ? ? ? 15 
2.38 2.56  100.00 0.041 ? ? 4.60 ? ? ? ? ? ? ? 16 
2.56 2.82  100.00 0.040 ? ? 5.00 ? ? ? ? ? ? ? 17 
2.82 3.23  100.00 0.040 ? ? 5.90 ? ? ? ? ? ? ? 18 
3.23 4.07  100.00 0.031 ? ? 7.10 ? ? ? ? ? ? ? 19 
4.07 30.00 99.60  0.026 ? ? 6.90 ? ? ? ? ? ? ? 20 
# 
_refine.pdbx_refine_id                           'X-RAY DIFFRACTION' 
_refine.entry_id                                 3L4A 
_refine.ls_number_reflns_obs                     17369 
_refine.ls_number_reflns_all                     ? 
_refine.pdbx_ls_sigma_I                          ? 
_refine.pdbx_ls_sigma_F                          0.06 
_refine.pdbx_data_cutoff_high_absF               ? 
_refine.pdbx_data_cutoff_low_absF                ? 
_refine.pdbx_data_cutoff_high_rms_absF           ? 
_refine.ls_d_res_low                             25.465 
_refine.ls_d_res_high                            1.500 
_refine.ls_percent_reflns_obs                    92.53 
_refine.ls_R_factor_obs                          0.1786 
_refine.ls_R_factor_all                          ? 
_refine.ls_R_factor_R_work                       0.1768 
_refine.ls_R_factor_R_free                       0.2067 
_refine.ls_R_factor_R_free_error                 ? 
_refine.ls_R_factor_R_free_error_details         ? 
_refine.ls_percent_reflns_R_free                 5.92 
_refine.ls_number_reflns_R_free                  1028 
_refine.ls_number_parameters                     ? 
_refine.ls_number_restraints                     ? 
_refine.occupancy_min                            0.19 
_refine.occupancy_max                            1.00 
_refine.correlation_coeff_Fo_to_Fc               ? 
_refine.correlation_coeff_Fo_to_Fc_free          ? 
_refine.B_iso_mean                               ? 
_refine.aniso_B[1][1]                            0.0122 
_refine.aniso_B[2][2]                            0.5121 
_refine.aniso_B[3][3]                            -0.5242 
_refine.aniso_B[1][2]                            0.0000 
_refine.aniso_B[1][3]                            0.9708 
_refine.aniso_B[2][3]                            -0.0000 
_refine.solvent_model_details                    'FLAT BULK SOLVENT MODEL' 
_refine.solvent_model_param_ksol                 0.381 
_refine.solvent_model_param_bsol                 58.580 
_refine.pdbx_solvent_vdw_probe_radii             1.11 
_refine.pdbx_solvent_ion_probe_radii             ? 
_refine.pdbx_solvent_shrinkage_radii             0.90 
_refine.pdbx_ls_cross_valid_method               ? 
_refine.details                                  ? 
_refine.pdbx_starting_model                      3L47 
_refine.pdbx_method_to_determine_struct          'MOLECULAR REPLACEMENT' 
_refine.pdbx_isotropic_thermal_model             ? 
_refine.pdbx_stereochemistry_target_values       ML 
_refine.pdbx_stereochem_target_val_spec_case     ? 
_refine.pdbx_R_Free_selection_details            ? 
_refine.pdbx_overall_ESU_R_Free                  ? 
_refine.overall_SU_ML                            1.31 
_refine.pdbx_overall_phase_error                 20.78 
_refine.overall_SU_B                             ? 
_refine.overall_SU_R_Cruickshank_DPI             ? 
_refine.pdbx_overall_SU_R_free_Cruickshank_DPI   ? 
_refine.pdbx_overall_SU_R_Blow_DPI               ? 
_refine.pdbx_overall_SU_R_free_Blow_DPI          ? 
_refine.ls_redundancy_reflns_obs                 ? 
_refine.B_iso_min                                ? 
_refine.B_iso_max                                ? 
_refine.overall_SU_R_free                        ? 
_refine.ls_wR_factor_R_free                      ? 
_refine.ls_wR_factor_R_work                      ? 
_refine.overall_FOM_free_R_set                   ? 
_refine.overall_FOM_work_R_set                   ? 
_refine.pdbx_overall_ESU_R                       ? 
_refine.pdbx_diffrn_id                           1 
_refine.pdbx_TLS_residual_ADP_flag               ? 
# 
_refine_hist.pdbx_refine_id                   'X-RAY DIFFRACTION' 
_refine_hist.cycle_id                         LAST 
_refine_hist.pdbx_number_atoms_protein        977 
_refine_hist.pdbx_number_atoms_nucleic_acid   0 
_refine_hist.pdbx_number_atoms_ligand         14 
_refine_hist.number_atoms_solvent             129 
_refine_hist.number_atoms_total               1120 
_refine_hist.d_res_high                       1.500 
_refine_hist.d_res_low                        25.465 
# 
loop_
_refine_ls_restr.type 
_refine_ls_restr.dev_ideal 
_refine_ls_restr.dev_ideal_target 
_refine_ls_restr.weight 
_refine_ls_restr.number 
_refine_ls_restr.pdbx_refine_id 
_refine_ls_restr.pdbx_restraint_function 
f_bond_d           0.005  ? ? 1064 'X-RAY DIFFRACTION' ? 
f_angle_d          0.846  ? ? 1449 'X-RAY DIFFRACTION' ? 
f_dihedral_angle_d 19.203 ? ? 398  'X-RAY DIFFRACTION' ? 
f_chiral_restr     0.070  ? ? 153  'X-RAY DIFFRACTION' ? 
f_plane_restr      0.003  ? ? 199  'X-RAY DIFFRACTION' ? 
# 
loop_
_refine_ls_shell.pdbx_refine_id 
_refine_ls_shell.pdbx_total_number_of_bins_used 
_refine_ls_shell.d_res_high 
_refine_ls_shell.d_res_low 
_refine_ls_shell.number_reflns_R_work 
_refine_ls_shell.R_factor_R_work 
_refine_ls_shell.percent_reflns_obs 
_refine_ls_shell.R_factor_R_free 
_refine_ls_shell.R_factor_R_free_error 
_refine_ls_shell.percent_reflns_R_free 
_refine_ls_shell.number_reflns_R_free 
_refine_ls_shell.number_reflns_all 
_refine_ls_shell.R_factor_all 
_refine_ls_shell.redundancy_reflns_obs 
_refine_ls_shell.number_reflns_obs 
'X-RAY DIFFRACTION' . 1.5002 1.5793  1996 0.2053 80.00  0.2482 . . 132 . . . . 
'X-RAY DIFFRACTION' . 1.5793 1.6783  2168 0.1893 86.00  0.2251 . . 120 . . . . 
'X-RAY DIFFRACTION' . 1.6783 1.8078  2271 0.1809 90.00  0.2368 . . 130 . . . . 
'X-RAY DIFFRACTION' . 1.8078 1.9897  2362 0.1889 94.00  0.2294 . . 146 . . . . 
'X-RAY DIFFRACTION' . 1.9897 2.2774  2437 0.1729 98.00  0.2227 . . 175 . . . . 
'X-RAY DIFFRACTION' . 2.2774 2.8687  2506 0.1737 100.00 0.2166 . . 175 . . . . 
'X-RAY DIFFRACTION' . 2.8687 25.4683 2601 0.1677 100.00 0.1735 . . 150 . . . . 
# 
_struct.entry_id                  3L4A 
_struct.title                     'Crystal Structure of an Anopheles gambiae Odorant-binding Protein 22a' 
_struct.pdbx_model_details        ? 
_struct.pdbx_CASP_flag            ? 
_struct.pdbx_model_type_details   ? 
# 
_struct_keywords.entry_id        3L4A 
_struct_keywords.text            'all alpha helix, TRANSPORT PROTEIN' 
_struct_keywords.pdbx_keywords   'TRANSPORT PROTEIN' 
# 
loop_
_struct_asym.id 
_struct_asym.pdbx_blank_PDB_chainid_flag 
_struct_asym.pdbx_modified 
_struct_asym.entity_id 
_struct_asym.details 
A N N 1 ? 
B N N 2 ? 
C N N 3 ? 
D N N 3 ? 
E N N 3 ? 
F N N 3 ? 
G N N 3 ? 
H N N 3 ? 
I N N 3 ? 
J N N 3 ? 
K N N 4 ? 
# 
_struct_ref.id                         1 
_struct_ref.db_name                    UNP 
_struct_ref.db_code                    Q7PGA3_ANOGA 
_struct_ref.pdbx_db_accession          Q7PGA3 
_struct_ref.entity_id                  1 
_struct_ref.pdbx_seq_one_letter_code   
;ADNNESVIESCSNAVQGAANDELKVHYRANEFPDDPVTHCFVRCIGLELNLYDDKYGVDLQANWENLGNSDDADEEFVAK
HRACLEAKNLETIEDLCERAYSAFQCLREDYEMYQNNNNATSE
;
_struct_ref.pdbx_align_begin           22 
_struct_ref.pdbx_db_isoform            ? 
# 
_struct_ref_seq.align_id                      1 
_struct_ref_seq.ref_id                        1 
_struct_ref_seq.pdbx_PDB_id_code              3L4A 
_struct_ref_seq.pdbx_strand_id                A 
_struct_ref_seq.seq_align_beg                 1 
_struct_ref_seq.pdbx_seq_align_beg_ins_code   ? 
_struct_ref_seq.seq_align_end                 123 
_struct_ref_seq.pdbx_seq_align_end_ins_code   ? 
_struct_ref_seq.pdbx_db_accession             Q7PGA3 
_struct_ref_seq.db_align_beg                  22 
_struct_ref_seq.pdbx_db_align_beg_ins_code    ? 
_struct_ref_seq.db_align_end                  144 
_struct_ref_seq.pdbx_db_align_end_ins_code    ? 
_struct_ref_seq.pdbx_auth_seq_align_beg       22 
_struct_ref_seq.pdbx_auth_seq_align_end       144 
# 
loop_
_struct_ref_seq_dif.align_id 
_struct_ref_seq_dif.pdbx_pdb_id_code 
_struct_ref_seq_dif.mon_id 
_struct_ref_seq_dif.pdbx_pdb_strand_id 
_struct_ref_seq_dif.seq_num 
_struct_ref_seq_dif.pdbx_pdb_ins_code 
_struct_ref_seq_dif.pdbx_seq_db_name 
_struct_ref_seq_dif.pdbx_seq_db_accession_code 
_struct_ref_seq_dif.db_mon_id 
_struct_ref_seq_dif.pdbx_seq_db_seq_num 
_struct_ref_seq_dif.details 
_struct_ref_seq_dif.pdbx_auth_seq_num 
_struct_ref_seq_dif.pdbx_ordinal 
1 3L4A LEU A 124 ? UNP Q7PGA3 ? ? linker           145 1  
1 3L4A VAL A 125 ? UNP Q7PGA3 ? ? linker           146 2  
1 3L4A PRO A 126 ? UNP Q7PGA3 ? ? linker           147 3  
1 3L4A ARG A 127 ? UNP Q7PGA3 ? ? linker           148 4  
1 3L4A GLY A 128 ? UNP Q7PGA3 ? ? linker           149 5  
1 3L4A SER A 129 ? UNP Q7PGA3 ? ? linker           150 6  
1 3L4A SER A 130 ? UNP Q7PGA3 ? ? linker           151 7  
1 3L4A GLY A 131 ? UNP Q7PGA3 ? ? linker           152 8  
1 3L4A GLU A 132 ? UNP Q7PGA3 ? ? linker           153 9  
1 3L4A LEU A 133 ? UNP Q7PGA3 ? ? linker           154 10 
1 3L4A TRP A 134 ? UNP Q7PGA3 ? ? 'expression tag' 155 11 
1 3L4A SER A 135 ? UNP Q7PGA3 ? ? 'expression tag' 156 12 
1 3L4A HIS A 136 ? UNP Q7PGA3 ? ? 'expression tag' 157 13 
1 3L4A PRO A 137 ? UNP Q7PGA3 ? ? 'expression tag' 158 14 
1 3L4A GLN A 138 ? UNP Q7PGA3 ? ? 'expression tag' 159 15 
1 3L4A PHE A 139 ? UNP Q7PGA3 ? ? 'expression tag' 160 16 
1 3L4A GLU A 140 ? UNP Q7PGA3 ? ? 'expression tag' 161 17 
1 3L4A LYS A 141 ? UNP Q7PGA3 ? ? 'expression tag' 162 18 
# 
_pdbx_struct_assembly.id                   1 
_pdbx_struct_assembly.details              author_defined_assembly 
_pdbx_struct_assembly.method_details       ? 
_pdbx_struct_assembly.oligomeric_details   monomeric 
_pdbx_struct_assembly.oligomeric_count     1 
# 
_pdbx_struct_assembly_gen.assembly_id       1 
_pdbx_struct_assembly_gen.oper_expression   1 
_pdbx_struct_assembly_gen.asym_id_list      A,B,C,D,E,F,G,H,I,J,K 
# 
_pdbx_struct_oper_list.id                   1 
_pdbx_struct_oper_list.type                 'identity operation' 
_pdbx_struct_oper_list.name                 1_555 
_pdbx_struct_oper_list.symmetry_operation   x,y,z 
_pdbx_struct_oper_list.matrix[1][1]         1.0000000000 
_pdbx_struct_oper_list.matrix[1][2]         0.0000000000 
_pdbx_struct_oper_list.matrix[1][3]         0.0000000000 
_pdbx_struct_oper_list.vector[1]            0.0000000000 
_pdbx_struct_oper_list.matrix[2][1]         0.0000000000 
_pdbx_struct_oper_list.matrix[2][2]         1.0000000000 
_pdbx_struct_oper_list.matrix[2][3]         0.0000000000 
_pdbx_struct_oper_list.vector[2]            0.0000000000 
_pdbx_struct_oper_list.matrix[3][1]         0.0000000000 
_pdbx_struct_oper_list.matrix[3][2]         0.0000000000 
_pdbx_struct_oper_list.matrix[3][3]         1.0000000000 
_pdbx_struct_oper_list.vector[3]            0.0000000000 
# 
_struct_biol.id        1 
_struct_biol.details   ? 
# 
loop_
_struct_conf.conf_type_id 
_struct_conf.id 
_struct_conf.pdbx_PDB_helix_id 
_struct_conf.beg_label_comp_id 
_struct_conf.beg_label_asym_id 
_struct_conf.beg_label_seq_id 
_struct_conf.pdbx_beg_PDB_ins_code 
_struct_conf.end_label_comp_id 
_struct_conf.end_label_asym_id 
_struct_conf.end_label_seq_id 
_struct_conf.pdbx_end_PDB_ins_code 
_struct_conf.beg_auth_comp_id 
_struct_conf.beg_auth_asym_id 
_struct_conf.beg_auth_seq_id 
_struct_conf.end_auth_comp_id 
_struct_conf.end_auth_asym_id 
_struct_conf.end_auth_seq_id 
_struct_conf.pdbx_PDB_helix_class 
_struct_conf.details 
_struct_conf.pdbx_PDB_helix_length 
HELX_P HELX_P1 1 ASN A 4   ? VAL A 15  ? ASN A 25  VAL A 36  1 ? 12 
HELX_P HELX_P2 2 ASN A 20  ? ALA A 29  ? ASN A 41  ALA A 50  1 ? 10 
HELX_P HELX_P3 3 ASP A 35  ? LEU A 49  ? ASP A 56  LEU A 70  1 ? 15 
HELX_P HELX_P4 4 ASP A 59  ? LEU A 67  ? ASP A 80  LEU A 88  1 ? 9  
HELX_P HELX_P5 5 ASP A 74  ? LYS A 88  ? ASP A 95  LYS A 109 1 ? 15 
HELX_P HELX_P6 6 ASN A 89  ? ILE A 93  ? ASN A 110 ILE A 114 5 ? 5  
HELX_P HELX_P7 7 ASP A 95  ? CYS A 106 ? ASP A 116 CYS A 127 1 ? 12 
HELX_P HELX_P8 8 LEU A 107 ? ASN A 118 ? LEU A 128 ASN A 139 1 ? 12 
# 
_struct_conf_type.id          HELX_P 
_struct_conf_type.criteria    ? 
_struct_conf_type.reference   ? 
# 
loop_
_struct_conn.id 
_struct_conn.conn_type_id 
_struct_conn.pdbx_leaving_atom_flag 
_struct_conn.pdbx_PDB_id 
_struct_conn.ptnr1_label_asym_id 
_struct_conn.ptnr1_label_comp_id 
_struct_conn.ptnr1_label_seq_id 
_struct_conn.ptnr1_label_atom_id 
_struct_conn.pdbx_ptnr1_label_alt_id 
_struct_conn.pdbx_ptnr1_PDB_ins_code 
_struct_conn.pdbx_ptnr1_standard_comp_id 
_struct_conn.ptnr1_symmetry 
_struct_conn.ptnr2_label_asym_id 
_struct_conn.ptnr2_label_comp_id 
_struct_conn.ptnr2_label_seq_id 
_struct_conn.ptnr2_label_atom_id 
_struct_conn.pdbx_ptnr2_label_alt_id 
_struct_conn.pdbx_ptnr2_PDB_ins_code 
_struct_conn.ptnr1_auth_asym_id 
_struct_conn.ptnr1_auth_comp_id 
_struct_conn.ptnr1_auth_seq_id 
_struct_conn.ptnr2_auth_asym_id 
_struct_conn.ptnr2_auth_comp_id 
_struct_conn.ptnr2_auth_seq_id 
_struct_conn.ptnr2_symmetry 
_struct_conn.pdbx_ptnr3_label_atom_id 
_struct_conn.pdbx_ptnr3_label_seq_id 
_struct_conn.pdbx_ptnr3_label_comp_id 
_struct_conn.pdbx_ptnr3_label_asym_id 
_struct_conn.pdbx_ptnr3_label_alt_id 
_struct_conn.pdbx_ptnr3_PDB_ins_code 
_struct_conn.details 
_struct_conn.pdbx_dist_value 
_struct_conn.pdbx_value_order 
_struct_conn.pdbx_role 
disulf1 disulf ? ? A CYS 11 SG ? ? ? 1_555 A CYS 44  SG ? ? A CYS 32  A CYS 65  1_555 ? ? ? ? ? ? ? 2.036 ? ? 
disulf2 disulf ? ? A CYS 40 SG ? ? ? 1_555 A CYS 97  SG ? ? A CYS 61  A CYS 118 1_555 ? ? ? ? ? ? ? 2.032 ? ? 
disulf3 disulf ? ? A CYS 84 SG ? ? ? 1_555 A CYS 106 SG ? ? A CYS 105 A CYS 127 1_555 ? ? ? ? ? ? ? 2.052 ? ? 
# 
_struct_conn_type.id          disulf 
_struct_conn_type.criteria    ? 
_struct_conn_type.reference   ? 
# 
loop_
_pdbx_modification_feature.ordinal 
_pdbx_modification_feature.label_comp_id 
_pdbx_modification_feature.label_asym_id 
_pdbx_modification_feature.label_seq_id 
_pdbx_modification_feature.label_alt_id 
_pdbx_modification_feature.modified_residue_label_comp_id 
_pdbx_modification_feature.modified_residue_label_asym_id 
_pdbx_modification_feature.modified_residue_label_seq_id 
_pdbx_modification_feature.modified_residue_label_alt_id 
_pdbx_modification_feature.auth_comp_id 
_pdbx_modification_feature.auth_asym_id 
_pdbx_modification_feature.auth_seq_id 
_pdbx_modification_feature.PDB_ins_code 
_pdbx_modification_feature.symmetry 
_pdbx_modification_feature.modified_residue_auth_comp_id 
_pdbx_modification_feature.modified_residue_auth_asym_id 
_pdbx_modification_feature.modified_residue_auth_seq_id 
_pdbx_modification_feature.modified_residue_PDB_ins_code 
_pdbx_modification_feature.modified_residue_symmetry 
_pdbx_modification_feature.comp_id_linking_atom 
_pdbx_modification_feature.modified_residue_id_linking_atom 
_pdbx_modification_feature.modified_residue_id 
_pdbx_modification_feature.ref_pcm_id 
_pdbx_modification_feature.ref_comp_id 
_pdbx_modification_feature.type 
_pdbx_modification_feature.category 
1 CYS A 11 ? CYS A 44  ? CYS A 32  ? 1_555 CYS A 65  ? 1_555 SG SG . . . None 'Disulfide bridge' 
2 CYS A 40 ? CYS A 97  ? CYS A 61  ? 1_555 CYS A 118 ? 1_555 SG SG . . . None 'Disulfide bridge' 
3 CYS A 84 ? CYS A 106 ? CYS A 105 ? 1_555 CYS A 127 ? 1_555 SG SG . . . None 'Disulfide bridge' 
# 
_struct_sheet.id               A 
_struct_sheet.type             ? 
_struct_sheet.number_strands   2 
_struct_sheet.details          ? 
# 
_struct_sheet_order.sheet_id     A 
_struct_sheet_order.range_id_1   1 
_struct_sheet_order.range_id_2   2 
_struct_sheet_order.offset       ? 
_struct_sheet_order.sense        anti-parallel 
# 
loop_
_struct_sheet_range.sheet_id 
_struct_sheet_range.id 
_struct_sheet_range.beg_label_comp_id 
_struct_sheet_range.beg_label_asym_id 
_struct_sheet_range.beg_label_seq_id 
_struct_sheet_range.pdbx_beg_PDB_ins_code 
_struct_sheet_range.end_label_comp_id 
_struct_sheet_range.end_label_asym_id 
_struct_sheet_range.end_label_seq_id 
_struct_sheet_range.pdbx_end_PDB_ins_code 
_struct_sheet_range.beg_auth_comp_id 
_struct_sheet_range.beg_auth_asym_id 
_struct_sheet_range.beg_auth_seq_id 
_struct_sheet_range.end_auth_comp_id 
_struct_sheet_range.end_auth_asym_id 
_struct_sheet_range.end_auth_seq_id 
A 1 TYR A 52 ? ASP A 53 ? TYR A 73 ASP A 74 
A 2 GLY A 57 ? VAL A 58 ? GLY A 78 VAL A 79 
# 
_pdbx_struct_sheet_hbond.sheet_id                A 
_pdbx_struct_sheet_hbond.range_id_1              1 
_pdbx_struct_sheet_hbond.range_id_2              2 
_pdbx_struct_sheet_hbond.range_1_label_atom_id   N 
_pdbx_struct_sheet_hbond.range_1_label_comp_id   ASP 
_pdbx_struct_sheet_hbond.range_1_label_asym_id   A 
_pdbx_struct_sheet_hbond.range_1_label_seq_id    53 
_pdbx_struct_sheet_hbond.range_1_PDB_ins_code    ? 
_pdbx_struct_sheet_hbond.range_1_auth_atom_id    N 
_pdbx_struct_sheet_hbond.range_1_auth_comp_id    ASP 
_pdbx_struct_sheet_hbond.range_1_auth_asym_id    A 
_pdbx_struct_sheet_hbond.range_1_auth_seq_id     74 
_pdbx_struct_sheet_hbond.range_2_label_atom_id   O 
_pdbx_struct_sheet_hbond.range_2_label_comp_id   GLY 
_pdbx_struct_sheet_hbond.range_2_label_asym_id   A 
_pdbx_struct_sheet_hbond.range_2_label_seq_id    57 
_pdbx_struct_sheet_hbond.range_2_PDB_ins_code    ? 
_pdbx_struct_sheet_hbond.range_2_auth_atom_id    O 
_pdbx_struct_sheet_hbond.range_2_auth_comp_id    GLY 
_pdbx_struct_sheet_hbond.range_2_auth_asym_id    A 
_pdbx_struct_sheet_hbond.range_2_auth_seq_id     78 
# 
loop_
_struct_site.id 
_struct_site.pdbx_evidence_code 
_struct_site.pdbx_auth_asym_id 
_struct_site.pdbx_auth_comp_id 
_struct_site.pdbx_auth_seq_id 
_struct_site.pdbx_auth_ins_code 
_struct_site.pdbx_num_residues 
_struct_site.details 
AC1 Software A GOL 200 ? 4 'BINDING SITE FOR RESIDUE GOL A 200' 
AC2 Software A NH4 201 ? 4 'BINDING SITE FOR RESIDUE NH4 A 201' 
AC3 Software A NH4 202 ? 7 'BINDING SITE FOR RESIDUE NH4 A 202' 
AC4 Software A NH4 203 ? 4 'BINDING SITE FOR RESIDUE NH4 A 203' 
AC5 Software A NH4 204 ? 8 'BINDING SITE FOR RESIDUE NH4 A 204' 
AC6 Software A NH4 205 ? 4 'BINDING SITE FOR RESIDUE NH4 A 205' 
AC7 Software A NH4 206 ? 4 'BINDING SITE FOR RESIDUE NH4 A 206' 
AC8 Software A NH4 207 ? 4 'BINDING SITE FOR RESIDUE NH4 A 207' 
AC9 Software A NH4 208 ? 5 'BINDING SITE FOR RESIDUE NH4 A 208' 
# 
loop_
_struct_site_gen.id 
_struct_site_gen.site_id 
_struct_site_gen.pdbx_num_res 
_struct_site_gen.label_comp_id 
_struct_site_gen.label_asym_id 
_struct_site_gen.label_seq_id 
_struct_site_gen.pdbx_auth_ins_code 
_struct_site_gen.auth_comp_id 
_struct_site_gen.auth_asym_id 
_struct_site_gen.auth_seq_id 
_struct_site_gen.label_atom_id 
_struct_site_gen.label_alt_id 
_struct_site_gen.symmetry 
_struct_site_gen.details 
1  AC1 4 PHE A 104 ? PHE A 125 . ? 1_555 ? 
2  AC1 4 ARG A 108 ? ARG A 129 . ? 1_555 ? 
3  AC1 4 TYR A 111 ? TYR A 132 . ? 1_555 ? 
4  AC1 4 HOH K .   ? HOH A 261 . ? 1_555 ? 
5  AC2 4 LEU A 23  ? LEU A 44  . ? 3_545 ? 
6  AC2 4 GLU A 75  ? GLU A 96  . ? 1_555 ? 
7  AC2 4 HOH K .   ? HOH A 211 . ? 3_545 ? 
8  AC2 4 HOH K .   ? HOH A 215 . ? 3_545 ? 
9  AC3 7 LEU A 85  ? LEU A 106 . ? 1_555 ? 
10 AC3 7 GLU A 86  ? GLU A 107 . ? 1_555 ? 
11 AC3 7 ASN A 89  ? ASN A 110 . ? 1_555 ? 
12 AC3 7 LEU A 90  ? LEU A 111 . ? 1_555 ? 
13 AC3 7 GLU A 91  ? GLU A 112 . ? 1_555 ? 
14 AC3 7 HIS A 136 ? HIS A 157 . ? 1_555 ? 
15 AC3 7 HOH K .   ? HOH A 244 . ? 1_555 ? 
16 AC4 4 CYS A 40  ? CYS A 61  . ? 1_555 ? 
17 AC4 4 ARG A 43  ? ARG A 64  . ? 1_555 ? 
18 AC4 4 HOH K .   ? HOH A 221 . ? 1_555 ? 
19 AC4 4 HOH K .   ? HOH A 277 . ? 1_555 ? 
20 AC5 8 SER A 12  ? SER A 33  . ? 1_555 ? 
21 AC5 8 ASN A 13  ? ASN A 34  . ? 1_555 ? 
22 AC5 8 VAL A 15  ? VAL A 36  . ? 1_555 ? 
23 AC5 8 ALA A 19  ? ALA A 40  . ? 1_555 ? 
24 AC5 8 ASP A 72  ? ASP A 93  . ? 3_455 ? 
25 AC5 8 NH4 I .   ? NH4 A 207 . ? 1_555 ? 
26 AC5 8 HOH K .   ? HOH A 258 . ? 3_455 ? 
27 AC5 8 HOH K .   ? HOH A 269 . ? 1_555 ? 
28 AC6 4 ASN A 50  ? ASN A 71  . ? 1_555 ? 
29 AC6 4 ASP A 59  ? ASP A 80  . ? 1_555 ? 
30 AC6 4 NH4 J .   ? NH4 A 208 . ? 1_555 ? 
31 AC6 4 HOH K .   ? HOH A 230 . ? 1_555 ? 
32 AC7 4 GLU A 109 ? GLU A 130 . ? 2_657 ? 
33 AC7 4 ASP A 110 ? ASP A 131 . ? 1_555 ? 
34 AC7 4 HOH K .   ? HOH A 213 . ? 1_555 ? 
35 AC7 4 HOH K .   ? HOH A 255 . ? 1_555 ? 
36 AC8 4 ASN A 13  ? ASN A 34  . ? 1_555 ? 
37 AC8 4 NH4 F .   ? NH4 A 204 . ? 1_555 ? 
38 AC8 4 NH4 J .   ? NH4 A 208 . ? 4_556 ? 
39 AC8 4 HOH K .   ? HOH A 278 . ? 1_555 ? 
40 AC9 5 ASN A 50  ? ASN A 71  . ? 1_555 ? 
41 AC9 5 GLU A 132 ? GLU A 153 . ? 1_555 ? 
42 AC9 5 NH4 G .   ? NH4 A 205 . ? 1_555 ? 
43 AC9 5 NH4 I .   ? NH4 A 207 . ? 4_546 ? 
44 AC9 5 HOH K .   ? HOH A 252 . ? 2_656 ? 
# 
_pdbx_entry_details.entry_id                   3L4A 
_pdbx_entry_details.compound_details           ? 
_pdbx_entry_details.source_details             ? 
_pdbx_entry_details.nonpolymer_details         ? 
_pdbx_entry_details.sequence_details           ? 
_pdbx_entry_details.has_ligand_of_interest     ? 
_pdbx_entry_details.has_protein_modification   Y 
# 
loop_
_pdbx_struct_special_symmetry.id 
_pdbx_struct_special_symmetry.PDB_model_num 
_pdbx_struct_special_symmetry.auth_asym_id 
_pdbx_struct_special_symmetry.auth_comp_id 
_pdbx_struct_special_symmetry.auth_seq_id 
_pdbx_struct_special_symmetry.PDB_ins_code 
_pdbx_struct_special_symmetry.label_asym_id 
_pdbx_struct_special_symmetry.label_comp_id 
_pdbx_struct_special_symmetry.label_seq_id 
1 1 A HOH 220 ? K HOH . 
2 1 A HOH 223 ? K HOH . 
# 
loop_
_pdbx_unobs_or_zero_occ_residues.id 
_pdbx_unobs_or_zero_occ_residues.PDB_model_num 
_pdbx_unobs_or_zero_occ_residues.polymer_flag 
_pdbx_unobs_or_zero_occ_residues.occupancy_flag 
_pdbx_unobs_or_zero_occ_residues.auth_asym_id 
_pdbx_unobs_or_zero_occ_residues.auth_comp_id 
_pdbx_unobs_or_zero_occ_residues.auth_seq_id 
_pdbx_unobs_or_zero_occ_residues.PDB_ins_code 
_pdbx_unobs_or_zero_occ_residues.label_asym_id 
_pdbx_unobs_or_zero_occ_residues.label_comp_id 
_pdbx_unobs_or_zero_occ_residues.label_seq_id 
1  1 Y 1 A ALA 22  ? A ALA 1   
2  1 Y 1 A ASP 23  ? A ASP 2   
3  1 Y 1 A ASN 24  ? A ASN 3   
4  1 Y 1 A ASN 140 ? A ASN 119 
5  1 Y 1 A ALA 141 ? A ALA 120 
6  1 Y 1 A THR 142 ? A THR 121 
7  1 Y 1 A SER 143 ? A SER 122 
8  1 Y 1 A GLU 144 ? A GLU 123 
9  1 Y 1 A LEU 145 ? A LEU 124 
10 1 Y 1 A VAL 146 ? A VAL 125 
11 1 Y 1 A PRO 147 ? A PRO 126 
12 1 Y 1 A ARG 148 ? A ARG 127 
13 1 Y 1 A GLY 149 ? A GLY 128 
14 1 Y 1 A SER 150 ? A SER 129 
15 1 Y 1 A SER 151 ? A SER 130 
16 1 Y 1 A GLY 152 ? A GLY 131 
17 1 Y 1 A GLN 159 ? A GLN 138 
18 1 Y 1 A PHE 160 ? A PHE 139 
19 1 Y 1 A GLU 161 ? A GLU 140 
20 1 Y 1 A LYS 162 ? A LYS 141 
# 
loop_
_chem_comp_atom.comp_id 
_chem_comp_atom.atom_id 
_chem_comp_atom.type_symbol 
_chem_comp_atom.pdbx_aromatic_flag 
_chem_comp_atom.pdbx_stereo_config 
_chem_comp_atom.pdbx_ordinal 
ALA N    N N N 1   
ALA CA   C N S 2   
ALA C    C N N 3   
ALA O    O N N 4   
ALA CB   C N N 5   
ALA OXT  O N N 6   
ALA H    H N N 7   
ALA H2   H N N 8   
ALA HA   H N N 9   
ALA HB1  H N N 10  
ALA HB2  H N N 11  
ALA HB3  H N N 12  
ALA HXT  H N N 13  
ARG N    N N N 14  
ARG CA   C N S 15  
ARG C    C N N 16  
ARG O    O N N 17  
ARG CB   C N N 18  
ARG CG   C N N 19  
ARG CD   C N N 20  
ARG NE   N N N 21  
ARG CZ   C N N 22  
ARG NH1  N N N 23  
ARG NH2  N N N 24  
ARG OXT  O N N 25  
ARG H    H N N 26  
ARG H2   H N N 27  
ARG HA   H N N 28  
ARG HB2  H N N 29  
ARG HB3  H N N 30  
ARG HG2  H N N 31  
ARG HG3  H N N 32  
ARG HD2  H N N 33  
ARG HD3  H N N 34  
ARG HE   H N N 35  
ARG HH11 H N N 36  
ARG HH12 H N N 37  
ARG HH21 H N N 38  
ARG HH22 H N N 39  
ARG HXT  H N N 40  
ASN N    N N N 41  
ASN CA   C N S 42  
ASN C    C N N 43  
ASN O    O N N 44  
ASN CB   C N N 45  
ASN CG   C N N 46  
ASN OD1  O N N 47  
ASN ND2  N N N 48  
ASN OXT  O N N 49  
ASN H    H N N 50  
ASN H2   H N N 51  
ASN HA   H N N 52  
ASN HB2  H N N 53  
ASN HB3  H N N 54  
ASN HD21 H N N 55  
ASN HD22 H N N 56  
ASN HXT  H N N 57  
ASP N    N N N 58  
ASP CA   C N S 59  
ASP C    C N N 60  
ASP O    O N N 61  
ASP CB   C N N 62  
ASP CG   C N N 63  
ASP OD1  O N N 64  
ASP OD2  O N N 65  
ASP OXT  O N N 66  
ASP H    H N N 67  
ASP H2   H N N 68  
ASP HA   H N N 69  
ASP HB2  H N N 70  
ASP HB3  H N N 71  
ASP HD2  H N N 72  
ASP HXT  H N N 73  
CYS N    N N N 74  
CYS CA   C N R 75  
CYS C    C N N 76  
CYS O    O N N 77  
CYS CB   C N N 78  
CYS SG   S N N 79  
CYS OXT  O N N 80  
CYS H    H N N 81  
CYS H2   H N N 82  
CYS HA   H N N 83  
CYS HB2  H N N 84  
CYS HB3  H N N 85  
CYS HG   H N N 86  
CYS HXT  H N N 87  
GLN N    N N N 88  
GLN CA   C N S 89  
GLN C    C N N 90  
GLN O    O N N 91  
GLN CB   C N N 92  
GLN CG   C N N 93  
GLN CD   C N N 94  
GLN OE1  O N N 95  
GLN NE2  N N N 96  
GLN OXT  O N N 97  
GLN H    H N N 98  
GLN H2   H N N 99  
GLN HA   H N N 100 
GLN HB2  H N N 101 
GLN HB3  H N N 102 
GLN HG2  H N N 103 
GLN HG3  H N N 104 
GLN HE21 H N N 105 
GLN HE22 H N N 106 
GLN HXT  H N N 107 
GLU N    N N N 108 
GLU CA   C N S 109 
GLU C    C N N 110 
GLU O    O N N 111 
GLU CB   C N N 112 
GLU CG   C N N 113 
GLU CD   C N N 114 
GLU OE1  O N N 115 
GLU OE2  O N N 116 
GLU OXT  O N N 117 
GLU H    H N N 118 
GLU H2   H N N 119 
GLU HA   H N N 120 
GLU HB2  H N N 121 
GLU HB3  H N N 122 
GLU HG2  H N N 123 
GLU HG3  H N N 124 
GLU HE2  H N N 125 
GLU HXT  H N N 126 
GLY N    N N N 127 
GLY CA   C N N 128 
GLY C    C N N 129 
GLY O    O N N 130 
GLY OXT  O N N 131 
GLY H    H N N 132 
GLY H2   H N N 133 
GLY HA2  H N N 134 
GLY HA3  H N N 135 
GLY HXT  H N N 136 
GOL C1   C N N 137 
GOL O1   O N N 138 
GOL C2   C N N 139 
GOL O2   O N N 140 
GOL C3   C N N 141 
GOL O3   O N N 142 
GOL H11  H N N 143 
GOL H12  H N N 144 
GOL HO1  H N N 145 
GOL H2   H N N 146 
GOL HO2  H N N 147 
GOL H31  H N N 148 
GOL H32  H N N 149 
GOL HO3  H N N 150 
HIS N    N N N 151 
HIS CA   C N S 152 
HIS C    C N N 153 
HIS O    O N N 154 
HIS CB   C N N 155 
HIS CG   C Y N 156 
HIS ND1  N Y N 157 
HIS CD2  C Y N 158 
HIS CE1  C Y N 159 
HIS NE2  N Y N 160 
HIS OXT  O N N 161 
HIS H    H N N 162 
HIS H2   H N N 163 
HIS HA   H N N 164 
HIS HB2  H N N 165 
HIS HB3  H N N 166 
HIS HD1  H N N 167 
HIS HD2  H N N 168 
HIS HE1  H N N 169 
HIS HE2  H N N 170 
HIS HXT  H N N 171 
HOH O    O N N 172 
HOH H1   H N N 173 
HOH H2   H N N 174 
ILE N    N N N 175 
ILE CA   C N S 176 
ILE C    C N N 177 
ILE O    O N N 178 
ILE CB   C N S 179 
ILE CG1  C N N 180 
ILE CG2  C N N 181 
ILE CD1  C N N 182 
ILE OXT  O N N 183 
ILE H    H N N 184 
ILE H2   H N N 185 
ILE HA   H N N 186 
ILE HB   H N N 187 
ILE HG12 H N N 188 
ILE HG13 H N N 189 
ILE HG21 H N N 190 
ILE HG22 H N N 191 
ILE HG23 H N N 192 
ILE HD11 H N N 193 
ILE HD12 H N N 194 
ILE HD13 H N N 195 
ILE HXT  H N N 196 
LEU N    N N N 197 
LEU CA   C N S 198 
LEU C    C N N 199 
LEU O    O N N 200 
LEU CB   C N N 201 
LEU CG   C N N 202 
LEU CD1  C N N 203 
LEU CD2  C N N 204 
LEU OXT  O N N 205 
LEU H    H N N 206 
LEU H2   H N N 207 
LEU HA   H N N 208 
LEU HB2  H N N 209 
LEU HB3  H N N 210 
LEU HG   H N N 211 
LEU HD11 H N N 212 
LEU HD12 H N N 213 
LEU HD13 H N N 214 
LEU HD21 H N N 215 
LEU HD22 H N N 216 
LEU HD23 H N N 217 
LEU HXT  H N N 218 
LYS N    N N N 219 
LYS CA   C N S 220 
LYS C    C N N 221 
LYS O    O N N 222 
LYS CB   C N N 223 
LYS CG   C N N 224 
LYS CD   C N N 225 
LYS CE   C N N 226 
LYS NZ   N N N 227 
LYS OXT  O N N 228 
LYS H    H N N 229 
LYS H2   H N N 230 
LYS HA   H N N 231 
LYS HB2  H N N 232 
LYS HB3  H N N 233 
LYS HG2  H N N 234 
LYS HG3  H N N 235 
LYS HD2  H N N 236 
LYS HD3  H N N 237 
LYS HE2  H N N 238 
LYS HE3  H N N 239 
LYS HZ1  H N N 240 
LYS HZ2  H N N 241 
LYS HZ3  H N N 242 
LYS HXT  H N N 243 
MET N    N N N 244 
MET CA   C N S 245 
MET C    C N N 246 
MET O    O N N 247 
MET CB   C N N 248 
MET CG   C N N 249 
MET SD   S N N 250 
MET CE   C N N 251 
MET OXT  O N N 252 
MET H    H N N 253 
MET H2   H N N 254 
MET HA   H N N 255 
MET HB2  H N N 256 
MET HB3  H N N 257 
MET HG2  H N N 258 
MET HG3  H N N 259 
MET HE1  H N N 260 
MET HE2  H N N 261 
MET HE3  H N N 262 
MET HXT  H N N 263 
NH4 N    N N N 264 
NH4 HN1  H N N 265 
NH4 HN2  H N N 266 
NH4 HN3  H N N 267 
NH4 HN4  H N N 268 
PHE N    N N N 269 
PHE CA   C N S 270 
PHE C    C N N 271 
PHE O    O N N 272 
PHE CB   C N N 273 
PHE CG   C Y N 274 
PHE CD1  C Y N 275 
PHE CD2  C Y N 276 
PHE CE1  C Y N 277 
PHE CE2  C Y N 278 
PHE CZ   C Y N 279 
PHE OXT  O N N 280 
PHE H    H N N 281 
PHE H2   H N N 282 
PHE HA   H N N 283 
PHE HB2  H N N 284 
PHE HB3  H N N 285 
PHE HD1  H N N 286 
PHE HD2  H N N 287 
PHE HE1  H N N 288 
PHE HE2  H N N 289 
PHE HZ   H N N 290 
PHE HXT  H N N 291 
PRO N    N N N 292 
PRO CA   C N S 293 
PRO C    C N N 294 
PRO O    O N N 295 
PRO CB   C N N 296 
PRO CG   C N N 297 
PRO CD   C N N 298 
PRO OXT  O N N 299 
PRO H    H N N 300 
PRO HA   H N N 301 
PRO HB2  H N N 302 
PRO HB3  H N N 303 
PRO HG2  H N N 304 
PRO HG3  H N N 305 
PRO HD2  H N N 306 
PRO HD3  H N N 307 
PRO HXT  H N N 308 
SER N    N N N 309 
SER CA   C N S 310 
SER C    C N N 311 
SER O    O N N 312 
SER CB   C N N 313 
SER OG   O N N 314 
SER OXT  O N N 315 
SER H    H N N 316 
SER H2   H N N 317 
SER HA   H N N 318 
SER HB2  H N N 319 
SER HB3  H N N 320 
SER HG   H N N 321 
SER HXT  H N N 322 
THR N    N N N 323 
THR CA   C N S 324 
THR C    C N N 325 
THR O    O N N 326 
THR CB   C N R 327 
THR OG1  O N N 328 
THR CG2  C N N 329 
THR OXT  O N N 330 
THR H    H N N 331 
THR H2   H N N 332 
THR HA   H N N 333 
THR HB   H N N 334 
THR HG1  H N N 335 
THR HG21 H N N 336 
THR HG22 H N N 337 
THR HG23 H N N 338 
THR HXT  H N N 339 
TRP N    N N N 340 
TRP CA   C N S 341 
TRP C    C N N 342 
TRP O    O N N 343 
TRP CB   C N N 344 
TRP CG   C Y N 345 
TRP CD1  C Y N 346 
TRP CD2  C Y N 347 
TRP NE1  N Y N 348 
TRP CE2  C Y N 349 
TRP CE3  C Y N 350 
TRP CZ2  C Y N 351 
TRP CZ3  C Y N 352 
TRP CH2  C Y N 353 
TRP OXT  O N N 354 
TRP H    H N N 355 
TRP H2   H N N 356 
TRP HA   H N N 357 
TRP HB2  H N N 358 
TRP HB3  H N N 359 
TRP HD1  H N N 360 
TRP HE1  H N N 361 
TRP HE3  H N N 362 
TRP HZ2  H N N 363 
TRP HZ3  H N N 364 
TRP HH2  H N N 365 
TRP HXT  H N N 366 
TYR N    N N N 367 
TYR CA   C N S 368 
TYR C    C N N 369 
TYR O    O N N 370 
TYR CB   C N N 371 
TYR CG   C Y N 372 
TYR CD1  C Y N 373 
TYR CD2  C Y N 374 
TYR CE1  C Y N 375 
TYR CE2  C Y N 376 
TYR CZ   C Y N 377 
TYR OH   O N N 378 
TYR OXT  O N N 379 
TYR H    H N N 380 
TYR H2   H N N 381 
TYR HA   H N N 382 
TYR HB2  H N N 383 
TYR HB3  H N N 384 
TYR HD1  H N N 385 
TYR HD2  H N N 386 
TYR HE1  H N N 387 
TYR HE2  H N N 388 
TYR HH   H N N 389 
TYR HXT  H N N 390 
VAL N    N N N 391 
VAL CA   C N S 392 
VAL C    C N N 393 
VAL O    O N N 394 
VAL CB   C N N 395 
VAL CG1  C N N 396 
VAL CG2  C N N 397 
VAL OXT  O N N 398 
VAL H    H N N 399 
VAL H2   H N N 400 
VAL HA   H N N 401 
VAL HB   H N N 402 
VAL HG11 H N N 403 
VAL HG12 H N N 404 
VAL HG13 H N N 405 
VAL HG21 H N N 406 
VAL HG22 H N N 407 
VAL HG23 H N N 408 
VAL HXT  H N N 409 
# 
loop_
_chem_comp_bond.comp_id 
_chem_comp_bond.atom_id_1 
_chem_comp_bond.atom_id_2 
_chem_comp_bond.value_order 
_chem_comp_bond.pdbx_aromatic_flag 
_chem_comp_bond.pdbx_stereo_config 
_chem_comp_bond.pdbx_ordinal 
ALA N   CA   sing N N 1   
ALA N   H    sing N N 2   
ALA N   H2   sing N N 3   
ALA CA  C    sing N N 4   
ALA CA  CB   sing N N 5   
ALA CA  HA   sing N N 6   
ALA C   O    doub N N 7   
ALA C   OXT  sing N N 8   
ALA CB  HB1  sing N N 9   
ALA CB  HB2  sing N N 10  
ALA CB  HB3  sing N N 11  
ALA OXT HXT  sing N N 12  
ARG N   CA   sing N N 13  
ARG N   H    sing N N 14  
ARG N   H2   sing N N 15  
ARG CA  C    sing N N 16  
ARG CA  CB   sing N N 17  
ARG CA  HA   sing N N 18  
ARG C   O    doub N N 19  
ARG C   OXT  sing N N 20  
ARG CB  CG   sing N N 21  
ARG CB  HB2  sing N N 22  
ARG CB  HB3  sing N N 23  
ARG CG  CD   sing N N 24  
ARG CG  HG2  sing N N 25  
ARG CG  HG3  sing N N 26  
ARG CD  NE   sing N N 27  
ARG CD  HD2  sing N N 28  
ARG CD  HD3  sing N N 29  
ARG NE  CZ   sing N N 30  
ARG NE  HE   sing N N 31  
ARG CZ  NH1  sing N N 32  
ARG CZ  NH2  doub N N 33  
ARG NH1 HH11 sing N N 34  
ARG NH1 HH12 sing N N 35  
ARG NH2 HH21 sing N N 36  
ARG NH2 HH22 sing N N 37  
ARG OXT HXT  sing N N 38  
ASN N   CA   sing N N 39  
ASN N   H    sing N N 40  
ASN N   H2   sing N N 41  
ASN CA  C    sing N N 42  
ASN CA  CB   sing N N 43  
ASN CA  HA   sing N N 44  
ASN C   O    doub N N 45  
ASN C   OXT  sing N N 46  
ASN CB  CG   sing N N 47  
ASN CB  HB2  sing N N 48  
ASN CB  HB3  sing N N 49  
ASN CG  OD1  doub N N 50  
ASN CG  ND2  sing N N 51  
ASN ND2 HD21 sing N N 52  
ASN ND2 HD22 sing N N 53  
ASN OXT HXT  sing N N 54  
ASP N   CA   sing N N 55  
ASP N   H    sing N N 56  
ASP N   H2   sing N N 57  
ASP CA  C    sing N N 58  
ASP CA  CB   sing N N 59  
ASP CA  HA   sing N N 60  
ASP C   O    doub N N 61  
ASP C   OXT  sing N N 62  
ASP CB  CG   sing N N 63  
ASP CB  HB2  sing N N 64  
ASP CB  HB3  sing N N 65  
ASP CG  OD1  doub N N 66  
ASP CG  OD2  sing N N 67  
ASP OD2 HD2  sing N N 68  
ASP OXT HXT  sing N N 69  
CYS N   CA   sing N N 70  
CYS N   H    sing N N 71  
CYS N   H2   sing N N 72  
CYS CA  C    sing N N 73  
CYS CA  CB   sing N N 74  
CYS CA  HA   sing N N 75  
CYS C   O    doub N N 76  
CYS C   OXT  sing N N 77  
CYS CB  SG   sing N N 78  
CYS CB  HB2  sing N N 79  
CYS CB  HB3  sing N N 80  
CYS SG  HG   sing N N 81  
CYS OXT HXT  sing N N 82  
GLN N   CA   sing N N 83  
GLN N   H    sing N N 84  
GLN N   H2   sing N N 85  
GLN CA  C    sing N N 86  
GLN CA  CB   sing N N 87  
GLN CA  HA   sing N N 88  
GLN C   O    doub N N 89  
GLN C   OXT  sing N N 90  
GLN CB  CG   sing N N 91  
GLN CB  HB2  sing N N 92  
GLN CB  HB3  sing N N 93  
GLN CG  CD   sing N N 94  
GLN CG  HG2  sing N N 95  
GLN CG  HG3  sing N N 96  
GLN CD  OE1  doub N N 97  
GLN CD  NE2  sing N N 98  
GLN NE2 HE21 sing N N 99  
GLN NE2 HE22 sing N N 100 
GLN OXT HXT  sing N N 101 
GLU N   CA   sing N N 102 
GLU N   H    sing N N 103 
GLU N   H2   sing N N 104 
GLU CA  C    sing N N 105 
GLU CA  CB   sing N N 106 
GLU CA  HA   sing N N 107 
GLU C   O    doub N N 108 
GLU C   OXT  sing N N 109 
GLU CB  CG   sing N N 110 
GLU CB  HB2  sing N N 111 
GLU CB  HB3  sing N N 112 
GLU CG  CD   sing N N 113 
GLU CG  HG2  sing N N 114 
GLU CG  HG3  sing N N 115 
GLU CD  OE1  doub N N 116 
GLU CD  OE2  sing N N 117 
GLU OE2 HE2  sing N N 118 
GLU OXT HXT  sing N N 119 
GLY N   CA   sing N N 120 
GLY N   H    sing N N 121 
GLY N   H2   sing N N 122 
GLY CA  C    sing N N 123 
GLY CA  HA2  sing N N 124 
GLY CA  HA3  sing N N 125 
GLY C   O    doub N N 126 
GLY C   OXT  sing N N 127 
GLY OXT HXT  sing N N 128 
GOL C1  O1   sing N N 129 
GOL C1  C2   sing N N 130 
GOL C1  H11  sing N N 131 
GOL C1  H12  sing N N 132 
GOL O1  HO1  sing N N 133 
GOL C2  O2   sing N N 134 
GOL C2  C3   sing N N 135 
GOL C2  H2   sing N N 136 
GOL O2  HO2  sing N N 137 
GOL C3  O3   sing N N 138 
GOL C3  H31  sing N N 139 
GOL C3  H32  sing N N 140 
GOL O3  HO3  sing N N 141 
HIS N   CA   sing N N 142 
HIS N   H    sing N N 143 
HIS N   H2   sing N N 144 
HIS CA  C    sing N N 145 
HIS CA  CB   sing N N 146 
HIS CA  HA   sing N N 147 
HIS C   O    doub N N 148 
HIS C   OXT  sing N N 149 
HIS CB  CG   sing N N 150 
HIS CB  HB2  sing N N 151 
HIS CB  HB3  sing N N 152 
HIS CG  ND1  sing Y N 153 
HIS CG  CD2  doub Y N 154 
HIS ND1 CE1  doub Y N 155 
HIS ND1 HD1  sing N N 156 
HIS CD2 NE2  sing Y N 157 
HIS CD2 HD2  sing N N 158 
HIS CE1 NE2  sing Y N 159 
HIS CE1 HE1  sing N N 160 
HIS NE2 HE2  sing N N 161 
HIS OXT HXT  sing N N 162 
HOH O   H1   sing N N 163 
HOH O   H2   sing N N 164 
ILE N   CA   sing N N 165 
ILE N   H    sing N N 166 
ILE N   H2   sing N N 167 
ILE CA  C    sing N N 168 
ILE CA  CB   sing N N 169 
ILE CA  HA   sing N N 170 
ILE C   O    doub N N 171 
ILE C   OXT  sing N N 172 
ILE CB  CG1  sing N N 173 
ILE CB  CG2  sing N N 174 
ILE CB  HB   sing N N 175 
ILE CG1 CD1  sing N N 176 
ILE CG1 HG12 sing N N 177 
ILE CG1 HG13 sing N N 178 
ILE CG2 HG21 sing N N 179 
ILE CG2 HG22 sing N N 180 
ILE CG2 HG23 sing N N 181 
ILE CD1 HD11 sing N N 182 
ILE CD1 HD12 sing N N 183 
ILE CD1 HD13 sing N N 184 
ILE OXT HXT  sing N N 185 
LEU N   CA   sing N N 186 
LEU N   H    sing N N 187 
LEU N   H2   sing N N 188 
LEU CA  C    sing N N 189 
LEU CA  CB   sing N N 190 
LEU CA  HA   sing N N 191 
LEU C   O    doub N N 192 
LEU C   OXT  sing N N 193 
LEU CB  CG   sing N N 194 
LEU CB  HB2  sing N N 195 
LEU CB  HB3  sing N N 196 
LEU CG  CD1  sing N N 197 
LEU CG  CD2  sing N N 198 
LEU CG  HG   sing N N 199 
LEU CD1 HD11 sing N N 200 
LEU CD1 HD12 sing N N 201 
LEU CD1 HD13 sing N N 202 
LEU CD2 HD21 sing N N 203 
LEU CD2 HD22 sing N N 204 
LEU CD2 HD23 sing N N 205 
LEU OXT HXT  sing N N 206 
LYS N   CA   sing N N 207 
LYS N   H    sing N N 208 
LYS N   H2   sing N N 209 
LYS CA  C    sing N N 210 
LYS CA  CB   sing N N 211 
LYS CA  HA   sing N N 212 
LYS C   O    doub N N 213 
LYS C   OXT  sing N N 214 
LYS CB  CG   sing N N 215 
LYS CB  HB2  sing N N 216 
LYS CB  HB3  sing N N 217 
LYS CG  CD   sing N N 218 
LYS CG  HG2  sing N N 219 
LYS CG  HG3  sing N N 220 
LYS CD  CE   sing N N 221 
LYS CD  HD2  sing N N 222 
LYS CD  HD3  sing N N 223 
LYS CE  NZ   sing N N 224 
LYS CE  HE2  sing N N 225 
LYS CE  HE3  sing N N 226 
LYS NZ  HZ1  sing N N 227 
LYS NZ  HZ2  sing N N 228 
LYS NZ  HZ3  sing N N 229 
LYS OXT HXT  sing N N 230 
MET N   CA   sing N N 231 
MET N   H    sing N N 232 
MET N   H2   sing N N 233 
MET CA  C    sing N N 234 
MET CA  CB   sing N N 235 
MET CA  HA   sing N N 236 
MET C   O    doub N N 237 
MET C   OXT  sing N N 238 
MET CB  CG   sing N N 239 
MET CB  HB2  sing N N 240 
MET CB  HB3  sing N N 241 
MET CG  SD   sing N N 242 
MET CG  HG2  sing N N 243 
MET CG  HG3  sing N N 244 
MET SD  CE   sing N N 245 
MET CE  HE1  sing N N 246 
MET CE  HE2  sing N N 247 
MET CE  HE3  sing N N 248 
MET OXT HXT  sing N N 249 
NH4 N   HN1  sing N N 250 
NH4 N   HN2  sing N N 251 
NH4 N   HN3  sing N N 252 
NH4 N   HN4  sing N N 253 
PHE N   CA   sing N N 254 
PHE N   H    sing N N 255 
PHE N   H2   sing N N 256 
PHE CA  C    sing N N 257 
PHE CA  CB   sing N N 258 
PHE CA  HA   sing N N 259 
PHE C   O    doub N N 260 
PHE C   OXT  sing N N 261 
PHE CB  CG   sing N N 262 
PHE CB  HB2  sing N N 263 
PHE CB  HB3  sing N N 264 
PHE CG  CD1  doub Y N 265 
PHE CG  CD2  sing Y N 266 
PHE CD1 CE1  sing Y N 267 
PHE CD1 HD1  sing N N 268 
PHE CD2 CE2  doub Y N 269 
PHE CD2 HD2  sing N N 270 
PHE CE1 CZ   doub Y N 271 
PHE CE1 HE1  sing N N 272 
PHE CE2 CZ   sing Y N 273 
PHE CE2 HE2  sing N N 274 
PHE CZ  HZ   sing N N 275 
PHE OXT HXT  sing N N 276 
PRO N   CA   sing N N 277 
PRO N   CD   sing N N 278 
PRO N   H    sing N N 279 
PRO CA  C    sing N N 280 
PRO CA  CB   sing N N 281 
PRO CA  HA   sing N N 282 
PRO C   O    doub N N 283 
PRO C   OXT  sing N N 284 
PRO CB  CG   sing N N 285 
PRO CB  HB2  sing N N 286 
PRO CB  HB3  sing N N 287 
PRO CG  CD   sing N N 288 
PRO CG  HG2  sing N N 289 
PRO CG  HG3  sing N N 290 
PRO CD  HD2  sing N N 291 
PRO CD  HD3  sing N N 292 
PRO OXT HXT  sing N N 293 
SER N   CA   sing N N 294 
SER N   H    sing N N 295 
SER N   H2   sing N N 296 
SER CA  C    sing N N 297 
SER CA  CB   sing N N 298 
SER CA  HA   sing N N 299 
SER C   O    doub N N 300 
SER C   OXT  sing N N 301 
SER CB  OG   sing N N 302 
SER CB  HB2  sing N N 303 
SER CB  HB3  sing N N 304 
SER OG  HG   sing N N 305 
SER OXT HXT  sing N N 306 
THR N   CA   sing N N 307 
THR N   H    sing N N 308 
THR N   H2   sing N N 309 
THR CA  C    sing N N 310 
THR CA  CB   sing N N 311 
THR CA  HA   sing N N 312 
THR C   O    doub N N 313 
THR C   OXT  sing N N 314 
THR CB  OG1  sing N N 315 
THR CB  CG2  sing N N 316 
THR CB  HB   sing N N 317 
THR OG1 HG1  sing N N 318 
THR CG2 HG21 sing N N 319 
THR CG2 HG22 sing N N 320 
THR CG2 HG23 sing N N 321 
THR OXT HXT  sing N N 322 
TRP N   CA   sing N N 323 
TRP N   H    sing N N 324 
TRP N   H2   sing N N 325 
TRP CA  C    sing N N 326 
TRP CA  CB   sing N N 327 
TRP CA  HA   sing N N 328 
TRP C   O    doub N N 329 
TRP C   OXT  sing N N 330 
TRP CB  CG   sing N N 331 
TRP CB  HB2  sing N N 332 
TRP CB  HB3  sing N N 333 
TRP CG  CD1  doub Y N 334 
TRP CG  CD2  sing Y N 335 
TRP CD1 NE1  sing Y N 336 
TRP CD1 HD1  sing N N 337 
TRP CD2 CE2  doub Y N 338 
TRP CD2 CE3  sing Y N 339 
TRP NE1 CE2  sing Y N 340 
TRP NE1 HE1  sing N N 341 
TRP CE2 CZ2  sing Y N 342 
TRP CE3 CZ3  doub Y N 343 
TRP CE3 HE3  sing N N 344 
TRP CZ2 CH2  doub Y N 345 
TRP CZ2 HZ2  sing N N 346 
TRP CZ3 CH2  sing Y N 347 
TRP CZ3 HZ3  sing N N 348 
TRP CH2 HH2  sing N N 349 
TRP OXT HXT  sing N N 350 
TYR N   CA   sing N N 351 
TYR N   H    sing N N 352 
TYR N   H2   sing N N 353 
TYR CA  C    sing N N 354 
TYR CA  CB   sing N N 355 
TYR CA  HA   sing N N 356 
TYR C   O    doub N N 357 
TYR C   OXT  sing N N 358 
TYR CB  CG   sing N N 359 
TYR CB  HB2  sing N N 360 
TYR CB  HB3  sing N N 361 
TYR CG  CD1  doub Y N 362 
TYR CG  CD2  sing Y N 363 
TYR CD1 CE1  sing Y N 364 
TYR CD1 HD1  sing N N 365 
TYR CD2 CE2  doub Y N 366 
TYR CD2 HD2  sing N N 367 
TYR CE1 CZ   doub Y N 368 
TYR CE1 HE1  sing N N 369 
TYR CE2 CZ   sing Y N 370 
TYR CE2 HE2  sing N N 371 
TYR CZ  OH   sing N N 372 
TYR OH  HH   sing N N 373 
TYR OXT HXT  sing N N 374 
VAL N   CA   sing N N 375 
VAL N   H    sing N N 376 
VAL N   H2   sing N N 377 
VAL CA  C    sing N N 378 
VAL CA  CB   sing N N 379 
VAL CA  HA   sing N N 380 
VAL C   O    doub N N 381 
VAL C   OXT  sing N N 382 
VAL CB  CG1  sing N N 383 
VAL CB  CG2  sing N N 384 
VAL CB  HB   sing N N 385 
VAL CG1 HG11 sing N N 386 
VAL CG1 HG12 sing N N 387 
VAL CG1 HG13 sing N N 388 
VAL CG2 HG21 sing N N 389 
VAL CG2 HG22 sing N N 390 
VAL CG2 HG23 sing N N 391 
VAL OXT HXT  sing N N 392 
# 
_pdbx_initial_refinement_model.id               1 
_pdbx_initial_refinement_model.entity_id_list   ? 
_pdbx_initial_refinement_model.type             'experimental model' 
_pdbx_initial_refinement_model.source_name      PDB 
_pdbx_initial_refinement_model.accession_code   3L47 
_pdbx_initial_refinement_model.details          ? 
# 
_atom_sites.entry_id                    3L4A 
_atom_sites.fract_transf_matrix[1][1]   -0.00816234 
_atom_sites.fract_transf_matrix[1][2]   0.01051660 
_atom_sites.fract_transf_matrix[1][3]   -0.00444860 
_atom_sites.fract_transf_matrix[2][1]   0.02146097 
_atom_sites.fract_transf_matrix[2][2]   0.01312721 
_atom_sites.fract_transf_matrix[2][3]   -0.00834376 
_atom_sites.fract_transf_matrix[3][1]   -0.00398195 
_atom_sites.fract_transf_matrix[3][2]   -0.00725629 
_atom_sites.fract_transf_matrix[3][3]   -0.02165828 
_atom_sites.fract_transf_vector[1]      0.349095 
_atom_sites.fract_transf_vector[2]      0.862770 
_atom_sites.fract_transf_vector[3]      0.755763 
# 
loop_
_atom_type.symbol 
C 
N 
O 
S 
# 
loop_
_atom_site.group_PDB 
_atom_site.id 
_atom_site.type_symbol 
_atom_site.label_atom_id 
_atom_site.label_alt_id 
_atom_site.label_comp_id 
_atom_site.label_asym_id 
_atom_site.label_entity_id 
_atom_site.label_seq_id 
_atom_site.pdbx_PDB_ins_code 
_atom_site.Cartn_x 
_atom_site.Cartn_y 
_atom_site.Cartn_z 
_atom_site.occupancy 
_atom_site.B_iso_or_equiv 
_atom_site.pdbx_formal_charge 
_atom_site.auth_seq_id 
_atom_site.auth_comp_id 
_atom_site.auth_asym_id 
_atom_site.auth_atom_id 
_atom_site.pdbx_PDB_model_num 
ATOM   1    N N   . ASN A 1 4   ? 7.369   8.676   4.303   1.00 48.52 ? 25  ASN A N   1 
ATOM   2    C CA  . ASN A 1 4   ? 8.446   9.552   4.746   1.00 41.99 ? 25  ASN A CA  1 
ATOM   3    C C   . ASN A 1 4   ? 9.761   8.806   4.981   1.00 38.92 ? 25  ASN A C   1 
ATOM   4    O O   . ASN A 1 4   ? 9.783   7.572   5.050   1.00 31.69 ? 25  ASN A O   1 
ATOM   5    C CB  . ASN A 1 4   ? 8.028   10.332  5.997   1.00 40.59 ? 25  ASN A CB  1 
ATOM   6    C CG  . ASN A 1 4   ? 7.563   9.429   7.124   1.00 45.52 ? 25  ASN A CG  1 
ATOM   7    O OD1 . ASN A 1 4   ? 6.371   9.352   7.421   1.00 45.35 ? 25  ASN A OD1 1 
ATOM   8    N ND2 . ASN A 1 4   ? 8.506   8.739   7.759   1.00 32.74 ? 25  ASN A ND2 1 
ATOM   9    N N   . GLU A 1 5   ? 10.854  9.559   5.088   1.00 36.08 ? 26  GLU A N   1 
ATOM   10   C CA  . GLU A 1 5   ? 12.187  8.979   5.244   1.00 33.76 ? 26  GLU A CA  1 
ATOM   11   C C   . GLU A 1 5   ? 12.256  7.995   6.404   1.00 28.07 ? 26  GLU A C   1 
ATOM   12   O O   . GLU A 1 5   ? 12.785  6.894   6.260   1.00 24.81 ? 26  GLU A O   1 
ATOM   13   C CB  A GLU A 1 5   ? 13.249  10.067  5.423   0.48 35.45 ? 26  GLU A CB  1 
ATOM   14   C CB  B GLU A 1 5   ? 13.217  10.090  5.469   0.52 35.48 ? 26  GLU A CB  1 
ATOM   15   C CG  A GLU A 1 5   ? 14.652  9.511   5.645   0.48 34.66 ? 26  GLU A CG  1 
ATOM   16   C CG  B GLU A 1 5   ? 12.802  11.103  6.533   0.52 34.83 ? 26  GLU A CG  1 
ATOM   17   C CD  A GLU A 1 5   ? 15.700  10.593  5.839   0.48 35.11 ? 26  GLU A CD  1 
ATOM   18   C CD  B GLU A 1 5   ? 13.979  11.806  7.187   0.52 33.55 ? 26  GLU A CD  1 
ATOM   19   O OE1 A GLU A 1 5   ? 15.342  11.703  6.288   0.48 38.07 ? 26  GLU A OE1 1 
ATOM   20   O OE1 B GLU A 1 5   ? 15.137  11.455  6.880   0.52 35.21 ? 26  GLU A OE1 1 
ATOM   21   O OE2 A GLU A 1 5   ? 16.886  10.329  5.547   0.48 33.16 ? 26  GLU A OE2 1 
ATOM   22   O OE2 B GLU A 1 5   ? 13.744  12.711  8.014   0.52 26.29 ? 26  GLU A OE2 1 
ATOM   23   N N   . SER A 1 6   ? 11.731  8.406   7.554   1.00 27.39 ? 27  SER A N   1 
ATOM   24   C CA  . SER A 1 6   ? 11.836  7.620   8.780   1.00 15.11 ? 27  SER A CA  1 
ATOM   25   C C   . SER A 1 6   ? 11.253  6.219   8.602   1.00 14.57 ? 27  SER A C   1 
ATOM   26   O O   . SER A 1 6   ? 11.866  5.221   8.989   1.00 14.69 ? 27  SER A O   1 
ATOM   27   C CB  . SER A 1 6   ? 11.129  8.351   9.926   1.00 16.95 ? 27  SER A CB  1 
ATOM   28   O OG  . SER A 1 6   ? 11.157  7.596   11.118  1.00 19.12 ? 27  SER A OG  1 
ATOM   29   N N   . VAL A 1 7   ? 10.066  6.156   8.012   1.00 20.38 ? 28  VAL A N   1 
ATOM   30   C CA  . VAL A 1 7   ? 9.378   4.885   7.816   1.00 12.77 ? 28  VAL A CA  1 
ATOM   31   C C   . VAL A 1 7   ? 10.091  3.996   6.794   1.00 15.82 ? 28  VAL A C   1 
ATOM   32   O O   . VAL A 1 7   ? 10.145  2.779   6.960   1.00 13.43 ? 28  VAL A O   1 
ATOM   33   C CB  . VAL A 1 7   ? 7.896   5.109   7.438   1.00 18.20 ? 28  VAL A CB  1 
ATOM   34   C CG1 . VAL A 1 7   ? 7.245   3.814   7.029   1.00 20.73 ? 28  VAL A CG1 1 
ATOM   35   C CG2 . VAL A 1 7   ? 7.145   5.723   8.604   1.00 22.95 ? 28  VAL A CG2 1 
ATOM   36   N N   . ILE A 1 8   ? 10.666  4.596   5.757   1.00 15.21 ? 29  ILE A N   1 
ATOM   37   C CA  . ILE A 1 8   ? 11.434  3.822   4.784   1.00 16.63 ? 29  ILE A CA  1 
ATOM   38   C C   . ILE A 1 8   ? 12.640  3.154   5.453   1.00 17.27 ? 29  ILE A C   1 
ATOM   39   O O   . ILE A 1 8   ? 12.904  1.958   5.265   1.00 12.56 ? 29  ILE A O   1 
ATOM   40   C CB  . ILE A 1 8   ? 11.899  4.686   3.594   1.00 15.81 ? 29  ILE A CB  1 
ATOM   41   C CG1 . ILE A 1 8   ? 10.715  5.000   2.676   1.00 20.77 ? 29  ILE A CG1 1 
ATOM   42   C CG2 . ILE A 1 8   ? 12.993  3.970   2.819   1.00 19.10 ? 29  ILE A CG2 1 
ATOM   43   C CD1 . ILE A 1 8   ? 11.043  5.995   1.582   1.00 28.96 ? 29  ILE A CD1 1 
ATOM   44   N N   . GLU A 1 9   ? 13.367  3.922   6.258   1.00 15.43 ? 30  GLU A N   1 
ATOM   45   C CA  . GLU A 1 9   ? 14.528  3.372   6.935   1.00 13.81 ? 30  GLU A CA  1 
ATOM   46   C C   . GLU A 1 9   ? 14.137  2.281   7.934   1.00 12.31 ? 30  GLU A C   1 
ATOM   47   O O   . GLU A 1 9   ? 14.741  1.214   7.966   1.00 12.65 ? 30  GLU A O   1 
ATOM   48   C CB  . GLU A 1 9   ? 15.319  4.484   7.629   1.00 15.84 ? 30  GLU A CB  1 
ATOM   49   C CG  . GLU A 1 9   ? 15.677  5.644   6.697   1.00 15.53 ? 30  GLU A CG  1 
ATOM   50   C CD  . GLU A 1 9   ? 16.526  5.201   5.531   1.00 22.27 ? 30  GLU A CD  1 
ATOM   51   O OE1 . GLU A 1 9   ? 16.338  5.733   4.418   1.00 43.16 ? 30  GLU A OE1 1 
ATOM   52   O OE2 . GLU A 1 9   ? 17.374  4.310   5.724   1.00 20.14 ? 30  GLU A OE2 1 
ATOM   53   N N   . SER A 1 10  ? 13.110  2.540   8.743   1.00 9.61  ? 31  SER A N   1 
ATOM   54   C CA  . SER A 1 10  ? 12.690  1.556   9.732   1.00 9.06  ? 31  SER A CA  1 
ATOM   55   C C   . SER A 1 10  ? 12.169  0.283   9.071   1.00 8.26  ? 31  SER A C   1 
ATOM   56   O O   . SER A 1 10  ? 12.465  -0.820  9.512   1.00 8.52  ? 31  SER A O   1 
ATOM   57   C CB  A SER A 1 10  ? 11.645  2.154   10.670  0.81 9.75  ? 31  SER A CB  1 
ATOM   58   C CB  B SER A 1 10  ? 11.624  2.143   10.658  0.19 9.90  ? 31  SER A CB  1 
ATOM   59   O OG  A SER A 1 10  ? 12.226  3.215   11.412  0.81 10.50 ? 31  SER A OG  1 
ATOM   60   O OG  B SER A 1 10  ? 10.508  2.608   9.921   0.19 12.77 ? 31  SER A OG  1 
ATOM   61   N N   . CYS A 1 11  ? 11.390  0.438   8.009   1.00 10.18 ? 32  CYS A N   1 
ATOM   62   C CA  . CYS A 1 11  ? 10.884  -0.737  7.309   1.00 9.43  ? 32  CYS A CA  1 
ATOM   63   C C   . CYS A 1 11  ? 11.998  -1.519  6.604   1.00 11.07 ? 32  CYS A C   1 
ATOM   64   O O   . CYS A 1 11  ? 11.929  -2.739  6.490   1.00 11.31 ? 32  CYS A O   1 
ATOM   65   C CB  . CYS A 1 11  ? 9.752   -0.372  6.355   1.00 10.18 ? 32  CYS A CB  1 
ATOM   66   S SG  . CYS A 1 11  ? 8.180   -0.126  7.220   1.00 10.62 ? 32  CYS A SG  1 
ATOM   67   N N   . SER A 1 12  ? 13.028  -0.819  6.143   1.00 12.36 ? 33  SER A N   1 
ATOM   68   C CA  A SER A 1 12  ? 14.156  -1.507  5.535   0.80 11.78 ? 33  SER A CA  1 
ATOM   69   C CA  B SER A 1 12  ? 14.191  -1.471  5.547   0.20 11.78 ? 33  SER A CA  1 
ATOM   70   C C   . SER A 1 12  ? 14.866  -2.372  6.573   1.00 13.67 ? 33  SER A C   1 
ATOM   71   O O   . SER A 1 12  ? 15.432  -3.410  6.241   1.00 11.92 ? 33  SER A O   1 
ATOM   72   C CB  A SER A 1 12  ? 15.129  -0.519  4.889   0.80 11.51 ? 33  SER A CB  1 
ATOM   73   C CB  B SER A 1 12  ? 15.197  -0.434  5.044   0.20 11.92 ? 33  SER A CB  1 
ATOM   74   O OG  A SER A 1 12  ? 15.956  0.101   5.860   0.80 12.75 ? 33  SER A OG  1 
ATOM   75   O OG  B SER A 1 12  ? 14.655  0.354   4.002   0.20 13.76 ? 33  SER A OG  1 
ATOM   76   N N   . ASN A 1 13  ? 14.815  -1.960  7.835   1.00 13.11 ? 34  ASN A N   1 
ATOM   77   C CA  . ASN A 1 13  ? 15.407  -2.762  8.892   1.00 11.98 ? 34  ASN A CA  1 
ATOM   78   C C   . ASN A 1 13  ? 14.500  -3.870  9.397   1.00 13.98 ? 34  ASN A C   1 
ATOM   79   O O   . ASN A 1 13  ? 14.977  -4.947  9.754   1.00 16.62 ? 34  ASN A O   1 
ATOM   80   C CB  . ASN A 1 13  ? 15.880  -1.867  10.034  1.00 9.79  ? 34  ASN A CB  1 
ATOM   81   C CG  . ASN A 1 13  ? 17.163  -1.163  9.688   1.00 22.48 ? 34  ASN A CG  1 
ATOM   82   O OD1 . ASN A 1 13  ? 18.052  -1.760  9.076   1.00 22.97 ? 34  ASN A OD1 1 
ATOM   83   N ND2 . ASN A 1 13  ? 17.267  0.110   10.051  1.00 16.51 ? 34  ASN A ND2 1 
ATOM   84   N N   . ALA A 1 14  ? 13.197  -3.613  9.409   1.00 10.55 ? 35  ALA A N   1 
ATOM   85   C CA  . ALA A 1 14  ? 12.231  -4.580  9.909   1.00 13.83 ? 35  ALA A CA  1 
ATOM   86   C C   . ALA A 1 14  ? 12.073  -5.759  8.961   1.00 14.45 ? 35  ALA A C   1 
ATOM   87   O O   . ALA A 1 14  ? 11.739  -6.863  9.384   1.00 17.54 ? 35  ALA A O   1 
ATOM   88   C CB  . ALA A 1 14  ? 10.891  -3.903  10.129  1.00 15.70 ? 35  ALA A CB  1 
ATOM   89   N N   . VAL A 1 15  ? 12.311  -5.516  7.675   1.00 12.20 ? 36  VAL A N   1 
ATOM   90   C CA  . VAL A 1 15  ? 12.060  -6.515  6.651   1.00 12.98 ? 36  VAL A CA  1 
ATOM   91   C C   . VAL A 1 15  ? 13.369  -7.159  6.183   1.00 11.68 ? 36  VAL A C   1 
ATOM   92   O O   . VAL A 1 15  ? 14.288  -6.470  5.736   1.00 11.44 ? 36  VAL A O   1 
ATOM   93   C CB  . VAL A 1 15  ? 11.306  -5.888  5.462   1.00 9.80  ? 36  VAL A CB  1 
ATOM   94   C CG1 . VAL A 1 15  ? 11.181  -6.884  4.323   1.00 11.30 ? 36  VAL A CG1 1 
ATOM   95   C CG2 . VAL A 1 15  ? 9.928   -5.380  5.901   1.00 12.37 ? 36  VAL A CG2 1 
ATOM   96   N N   . GLN A 1 16  ? 13.446  -8.482  6.304   1.00 15.29 ? 37  GLN A N   1 
ATOM   97   C CA  . GLN A 1 16  ? 14.630  -9.223  5.893   1.00 15.33 ? 37  GLN A CA  1 
ATOM   98   C C   . GLN A 1 16  ? 14.929  -8.956  4.423   1.00 14.88 ? 37  GLN A C   1 
ATOM   99   O O   . GLN A 1 16  ? 14.052  -9.092  3.576   1.00 14.40 ? 37  GLN A O   1 
ATOM   100  C CB  . GLN A 1 16  ? 14.418  -10.720 6.108   1.00 23.21 ? 37  GLN A CB  1 
ATOM   101  C CG  . GLN A 1 16  ? 15.675  -11.558 5.927   1.00 30.66 ? 37  GLN A CG  1 
ATOM   102  C CD  . GLN A 1 16  ? 16.654  -11.398 7.077   1.00 44.24 ? 37  GLN A CD  1 
ATOM   103  O OE1 . GLN A 1 16  ? 16.459  -10.566 7.966   1.00 54.71 ? 37  GLN A OE1 1 
ATOM   104  N NE2 . GLN A 1 16  ? 17.716  -12.196 7.066   1.00 54.43 ? 37  GLN A NE2 1 
ATOM   105  N N   . GLY A 1 17  ? 16.154  -8.541  4.126   1.00 11.82 ? 38  GLY A N   1 
ATOM   106  C CA  . GLY A 1 17  ? 16.564  -8.299  2.751   1.00 10.59 ? 38  GLY A CA  1 
ATOM   107  C C   . GLY A 1 17  ? 16.332  -6.879  2.258   1.00 8.03  ? 38  GLY A C   1 
ATOM   108  O O   . GLY A 1 17  ? 16.878  -6.465  1.243   1.00 11.70 ? 38  GLY A O   1 
ATOM   109  N N   . ALA A 1 18  ? 15.522  -6.112  2.993   1.00 8.86  ? 39  ALA A N   1 
ATOM   110  C CA  . ALA A 1 18  ? 15.105  -4.802  2.508   1.00 6.77  ? 39  ALA A CA  1 
ATOM   111  C C   . ALA A 1 18  ? 16.100  -3.665  2.746   1.00 9.88  ? 39  ALA A C   1 
ATOM   112  O O   . ALA A 1 18  ? 15.924  -2.572  2.206   1.00 12.53 ? 39  ALA A O   1 
ATOM   113  C CB  . ALA A 1 18  ? 13.731  -4.430  3.088   1.00 7.91  ? 39  ALA A CB  1 
ATOM   114  N N   . ALA A 1 19  ? 17.134  -3.919  3.550   1.00 10.97 ? 40  ALA A N   1 
ATOM   115  C CA  . ALA A 1 19  ? 18.192  -2.938  3.775   1.00 12.69 ? 40  ALA A CA  1 
ATOM   116  C C   . ALA A 1 19  ? 19.224  -3.108  2.669   1.00 12.15 ? 40  ALA A C   1 
ATOM   117  O O   . ALA A 1 19  ? 20.399  -3.373  2.922   1.00 13.01 ? 40  ALA A O   1 
ATOM   118  C CB  . ALA A 1 19  ? 18.826  -3.137  5.149   1.00 12.48 ? 40  ALA A CB  1 
ATOM   119  N N   . ASN A 1 20  ? 18.749  -2.961  1.440   1.00 11.99 ? 41  ASN A N   1 
ATOM   120  C CA  . ASN A 1 20  ? 19.496  -3.280  0.238   1.00 13.45 ? 41  ASN A CA  1 
ATOM   121  C C   . ASN A 1 20  ? 19.583  -2.005  -0.577  1.00 16.79 ? 41  ASN A C   1 
ATOM   122  O O   . ASN A 1 20  ? 18.562  -1.378  -0.847  1.00 15.35 ? 41  ASN A O   1 
ATOM   123  C CB  . ASN A 1 20  ? 18.763  -4.384  -0.537  1.00 14.15 ? 41  ASN A CB  1 
ATOM   124  C CG  . ASN A 1 20  ? 19.403  -4.698  -1.871  1.00 15.81 ? 41  ASN A CG  1 
ATOM   125  O OD1 . ASN A 1 20  ? 18.981  -4.194  -2.907  1.00 14.14 ? 41  ASN A OD1 1 
ATOM   126  N ND2 . ASN A 1 20  ? 20.419  -5.557  -1.856  1.00 13.46 ? 41  ASN A ND2 1 
ATOM   127  N N   . ASP A 1 21  ? 20.798  -1.598  -0.934  1.00 15.98 ? 42  ASP A N   1 
ATOM   128  C CA  . ASP A 1 21  ? 21.011  -0.322  -1.615  1.00 20.24 ? 42  ASP A CA  1 
ATOM   129  C C   . ASP A 1 21  ? 20.156  -0.189  -2.869  1.00 16.99 ? 42  ASP A C   1 
ATOM   130  O O   . ASP A 1 21  ? 19.488  0.827   -3.076  1.00 21.99 ? 42  ASP A O   1 
ATOM   131  C CB  . ASP A 1 21  ? 22.485  -0.153  -2.006  1.00 19.87 ? 42  ASP A CB  1 
ATOM   132  C CG  . ASP A 1 21  ? 23.379  0.150   -0.821  1.00 34.91 ? 42  ASP A CG  1 
ATOM   133  O OD1 . ASP A 1 21  ? 22.853  0.494   0.257   1.00 29.74 ? 42  ASP A OD1 1 
ATOM   134  O OD2 . ASP A 1 21  ? 24.616  0.049   -0.972  1.00 39.38 ? 42  ASP A OD2 1 
ATOM   135  N N   . GLU A 1 22  ? 20.202  -1.212  -3.710  1.00 15.64 ? 43  GLU A N   1 
ATOM   136  C CA  . GLU A 1 22  ? 19.504  -1.205  -4.981  1.00 19.91 ? 43  GLU A CA  1 
ATOM   137  C C   . GLU A 1 22  ? 17.991  -1.107  -4.790  1.00 18.69 ? 43  GLU A C   1 
ATOM   138  O O   . GLU A 1 22  ? 17.323  -0.305  -5.446  1.00 19.14 ? 43  GLU A O   1 
ATOM   139  C CB  . GLU A 1 22  ? 19.864  -2.456  -5.778  1.00 27.18 ? 43  GLU A CB  1 
ATOM   140  C CG  . GLU A 1 22  ? 19.316  -2.482  -7.192  1.00 35.07 ? 43  GLU A CG  1 
ATOM   141  C CD  . GLU A 1 22  ? 20.074  -3.447  -8.082  1.00 47.89 ? 43  GLU A CD  1 
ATOM   142  O OE1 . GLU A 1 22  ? 19.437  -4.112  -8.928  1.00 56.11 ? 43  GLU A OE1 1 
ATOM   143  O OE2 . GLU A 1 22  ? 21.311  -3.546  -7.928  1.00 44.29 ? 43  GLU A OE2 1 
ATOM   144  N N   . LEU A 1 23  ? 17.450  -1.925  -3.892  1.00 15.79 ? 44  LEU A N   1 
ATOM   145  C CA  . LEU A 1 23  ? 16.021  -1.849  -3.597  1.00 13.66 ? 44  LEU A CA  1 
ATOM   146  C C   . LEU A 1 23  ? 15.627  -0.480  -3.040  1.00 16.63 ? 44  LEU A C   1 
ATOM   147  O O   . LEU A 1 23  ? 14.586  0.061   -3.404  1.00 15.08 ? 44  LEU A O   1 
ATOM   148  C CB  . LEU A 1 23  ? 15.599  -2.948  -2.625  1.00 12.82 ? 44  LEU A CB  1 
ATOM   149  C CG  . LEU A 1 23  ? 15.546  -4.378  -3.161  1.00 11.69 ? 44  LEU A CG  1 
ATOM   150  C CD1 . LEU A 1 23  ? 15.207  -5.340  -2.024  1.00 12.98 ? 44  LEU A CD1 1 
ATOM   151  C CD2 . LEU A 1 23  ? 14.531  -4.506  -4.301  1.00 15.69 ? 44  LEU A CD2 1 
ATOM   152  N N   . LYS A 1 24  ? 16.443  0.080   -2.151  1.00 14.24 ? 45  LYS A N   1 
ATOM   153  C CA  . LYS A 1 24  ? 16.088  1.347   -1.508  1.00 13.47 ? 45  LYS A CA  1 
ATOM   154  C C   . LYS A 1 24  ? 16.117  2.539   -2.464  1.00 20.37 ? 45  LYS A C   1 
ATOM   155  O O   . LYS A 1 24  ? 15.404  3.528   -2.262  1.00 17.46 ? 45  LYS A O   1 
ATOM   156  C CB  . LYS A 1 24  ? 16.946  1.593   -0.270  1.00 15.77 ? 45  LYS A CB  1 
ATOM   157  C CG  . LYS A 1 24  ? 16.535  0.732   0.909   1.00 18.72 ? 45  LYS A CG  1 
ATOM   158  C CD  . LYS A 1 24  ? 17.463  0.927   2.090   1.00 20.36 ? 45  LYS A CD  1 
ATOM   159  C CE  . LYS A 1 24  ? 17.257  2.293   2.727   1.00 21.64 ? 45  LYS A CE  1 
ATOM   160  N NZ  . LYS A 1 24  ? 18.301  2.567   3.751   1.00 28.40 ? 45  LYS A NZ  1 
ATOM   161  N N   . VAL A 1 25  ? 16.925  2.441   -3.511  1.00 18.63 ? 46  VAL A N   1 
ATOM   162  C CA  . VAL A 1 25  ? 16.879  3.442   -4.565  1.00 22.51 ? 46  VAL A CA  1 
ATOM   163  C C   . VAL A 1 25  ? 15.492  3.438   -5.205  1.00 15.95 ? 46  VAL A C   1 
ATOM   164  O O   . VAL A 1 25  ? 14.921  4.499   -5.466  1.00 22.32 ? 46  VAL A O   1 
ATOM   165  C CB  . VAL A 1 25  ? 17.954  3.200   -5.643  1.00 25.76 ? 46  VAL A CB  1 
ATOM   166  C CG1 . VAL A 1 25  ? 17.709  4.106   -6.846  1.00 27.46 ? 46  VAL A CG1 1 
ATOM   167  C CG2 . VAL A 1 25  ? 19.346  3.426   -5.067  1.00 26.21 ? 46  VAL A CG2 1 
ATOM   168  N N   . HIS A 1 26  ? 14.957  2.249   -5.468  1.00 19.32 ? 47  HIS A N   1 
ATOM   169  C CA  . HIS A 1 26  ? 13.610  2.130   -6.022  1.00 21.33 ? 47  HIS A CA  1 
ATOM   170  C C   . HIS A 1 26  ? 12.582  2.714   -5.063  1.00 23.68 ? 47  HIS A C   1 
ATOM   171  O O   . HIS A 1 26  ? 11.733  3.514   -5.459  1.00 24.71 ? 47  HIS A O   1 
ATOM   172  C CB  . HIS A 1 26  ? 13.262  0.672   -6.303  1.00 22.60 ? 47  HIS A CB  1 
ATOM   173  C CG  . HIS A 1 26  ? 13.961  0.097   -7.493  1.00 23.85 ? 47  HIS A CG  1 
ATOM   174  N ND1 . HIS A 1 26  ? 13.634  0.442   -8.786  1.00 29.30 ? 47  HIS A ND1 1 
ATOM   175  C CD2 . HIS A 1 26  ? 14.953  -0.820  -7.587  1.00 27.29 ? 47  HIS A CD2 1 
ATOM   176  C CE1 . HIS A 1 26  ? 14.403  -0.228  -9.626  1.00 28.21 ? 47  HIS A CE1 1 
ATOM   177  N NE2 . HIS A 1 26  ? 15.212  -1.001  -8.924  1.00 33.14 ? 47  HIS A NE2 1 
ATOM   178  N N   . TYR A 1 27  ? 12.663  2.320   -3.796  1.00 16.56 ? 48  TYR A N   1 
ATOM   179  C CA  . TYR A 1 27  ? 11.678  2.752   -2.811  1.00 15.65 ? 48  TYR A CA  1 
ATOM   180  C C   . TYR A 1 27  ? 11.620  4.274   -2.667  1.00 20.50 ? 48  TYR A C   1 
ATOM   181  O O   . TYR A 1 27  ? 10.540  4.855   -2.527  1.00 21.39 ? 48  TYR A O   1 
ATOM   182  C CB  . TYR A 1 27  ? 11.957  2.108   -1.450  1.00 14.29 ? 48  TYR A CB  1 
ATOM   183  C CG  . TYR A 1 27  ? 11.992  0.596   -1.472  1.00 12.88 ? 48  TYR A CG  1 
ATOM   184  C CD1 . TYR A 1 27  ? 11.372  -0.124  -2.489  1.00 15.66 ? 48  TYR A CD1 1 
ATOM   185  C CD2 . TYR A 1 27  ? 12.632  -0.109  -0.465  1.00 13.32 ? 48  TYR A CD2 1 
ATOM   186  C CE1 . TYR A 1 27  ? 11.402  -1.508  -2.502  1.00 14.32 ? 48  TYR A CE1 1 
ATOM   187  C CE2 . TYR A 1 27  ? 12.656  -1.487  -0.462  1.00 9.55  ? 48  TYR A CE2 1 
ATOM   188  C CZ  . TYR A 1 27  ? 12.047  -2.183  -1.482  1.00 11.03 ? 48  TYR A CZ  1 
ATOM   189  O OH  . TYR A 1 27  ? 12.082  -3.556  -1.478  1.00 11.61 ? 48  TYR A OH  1 
ATOM   190  N N   . ARG A 1 28  ? 12.781  4.920   -2.687  1.00 21.95 ? 49  ARG A N   1 
ATOM   191  C CA  . ARG A 1 28  ? 12.834  6.375   -2.565  1.00 20.97 ? 49  ARG A CA  1 
ATOM   192  C C   . ARG A 1 28  ? 12.301  7.042   -3.833  1.00 26.40 ? 49  ARG A C   1 
ATOM   193  O O   . ARG A 1 28  ? 11.950  8.221   -3.823  1.00 30.46 ? 49  ARG A O   1 
ATOM   194  C CB  . ARG A 1 28  ? 14.261  6.840   -2.256  1.00 20.52 ? 49  ARG A CB  1 
ATOM   195  C CG  . ARG A 1 28  ? 14.749  6.410   -0.880  1.00 24.31 ? 49  ARG A CG  1 
ATOM   196  C CD  . ARG A 1 28  ? 16.244  6.630   -0.712  1.00 39.36 ? 49  ARG A CD  1 
ATOM   197  N NE  . ARG A 1 28  ? 16.676  6.367   0.658   1.00 41.97 ? 49  ARG A NE  1 
ATOM   198  C CZ  . ARG A 1 28  ? 17.939  6.153   1.016   1.00 46.02 ? 49  ARG A CZ  1 
ATOM   199  N NH1 . ARG A 1 28  ? 18.899  6.163   0.102   1.00 47.13 ? 49  ARG A NH1 1 
ATOM   200  N NH2 . ARG A 1 28  ? 18.242  5.922   2.288   1.00 38.76 ? 49  ARG A NH2 1 
ATOM   201  N N   . ALA A 1 29  ? 12.239  6.275   -4.918  1.00 19.54 ? 50  ALA A N   1 
ATOM   202  C CA  . ALA A 1 29  ? 11.696  6.755   -6.187  1.00 26.86 ? 50  ALA A CA  1 
ATOM   203  C C   . ALA A 1 29  ? 10.244  6.303   -6.367  1.00 33.94 ? 50  ALA A C   1 
ATOM   204  O O   . ALA A 1 29  ? 9.694   6.368   -7.467  1.00 30.26 ? 50  ALA A O   1 
ATOM   205  C CB  . ALA A 1 29  ? 12.548  6.261   -7.346  1.00 30.18 ? 50  ALA A CB  1 
ATOM   206  N N   . ASN A 1 30  ? 9.633   5.842   -5.279  1.00 25.80 ? 51  ASN A N   1 
ATOM   207  C CA  . ASN A 1 30  ? 8.268   5.319   -5.315  1.00 22.64 ? 51  ASN A CA  1 
ATOM   208  C C   . ASN A 1 30  ? 8.083   4.195   -6.335  1.00 26.50 ? 51  ASN A C   1 
ATOM   209  O O   . ASN A 1 30  ? 7.030   4.067   -6.963  1.00 28.60 ? 51  ASN A O   1 
ATOM   210  C CB  . ASN A 1 30  ? 7.265   6.449   -5.545  1.00 33.31 ? 51  ASN A CB  1 
ATOM   211  C CG  . ASN A 1 30  ? 7.189   7.396   -4.366  1.00 34.50 ? 51  ASN A CG  1 
ATOM   212  O OD1 . ASN A 1 30  ? 7.026   6.969   -3.222  1.00 35.24 ? 51  ASN A OD1 1 
ATOM   213  N ND2 . ASN A 1 30  ? 7.311   8.691   -4.638  1.00 39.73 ? 51  ASN A ND2 1 
ATOM   214  N N   . GLU A 1 31  ? 9.122   3.381   -6.482  1.00 22.58 ? 52  GLU A N   1 
ATOM   215  C CA  A GLU A 1 31  ? 9.087   2.236   -7.377  0.56 21.65 ? 52  GLU A CA  1 
ATOM   216  C CA  B GLU A 1 31  ? 9.092   2.233   -7.378  0.44 21.67 ? 52  GLU A CA  1 
ATOM   217  C C   . GLU A 1 31  ? 9.123   0.956   -6.549  1.00 21.44 ? 52  GLU A C   1 
ATOM   218  O O   . GLU A 1 31  ? 10.052  0.741   -5.775  1.00 20.69 ? 52  GLU A O   1 
ATOM   219  C CB  A GLU A 1 31  ? 10.276  2.284   -8.336  0.56 24.03 ? 52  GLU A CB  1 
ATOM   220  C CB  B GLU A 1 31  ? 10.294  2.261   -8.322  0.44 24.00 ? 52  GLU A CB  1 
ATOM   221  C CG  A GLU A 1 31  ? 10.355  3.571   -9.144  0.56 22.88 ? 52  GLU A CG  1 
ATOM   222  C CG  B GLU A 1 31  ? 10.402  1.042   -9.221  0.44 19.57 ? 52  GLU A CG  1 
ATOM   223  C CD  A GLU A 1 31  ? 11.674  3.726   -9.872  0.56 26.98 ? 52  GLU A CD  1 
ATOM   224  C CD  B GLU A 1 31  ? 9.714   1.230   -10.560 0.44 27.72 ? 52  GLU A CD  1 
ATOM   225  O OE1 A GLU A 1 31  ? 12.665  3.085   -9.461  0.56 21.74 ? 52  GLU A OE1 1 
ATOM   226  O OE1 B GLU A 1 31  ? 10.315  1.870   -11.448 0.44 27.75 ? 52  GLU A OE1 1 
ATOM   227  O OE2 A GLU A 1 31  ? 11.721  4.496   -10.853 0.56 22.02 ? 52  GLU A OE2 1 
ATOM   228  O OE2 B GLU A 1 31  ? 8.582   0.726   -10.731 0.44 34.60 ? 52  GLU A OE2 1 
ATOM   229  N N   . PHE A 1 32  ? 8.109   0.109   -6.709  1.00 17.30 ? 53  PHE A N   1 
ATOM   230  C CA  . PHE A 1 32  ? 8.002   -1.104  -5.896  1.00 13.97 ? 53  PHE A CA  1 
ATOM   231  C C   . PHE A 1 32  ? 7.849   -2.367  -6.732  1.00 16.59 ? 53  PHE A C   1 
ATOM   232  O O   . PHE A 1 32  ? 6.742   -2.761  -7.078  1.00 18.79 ? 53  PHE A O   1 
ATOM   233  C CB  . PHE A 1 32  ? 6.850   -0.960  -4.898  1.00 16.55 ? 53  PHE A CB  1 
ATOM   234  C CG  . PHE A 1 32  ? 6.940   0.283   -4.078  1.00 15.01 ? 53  PHE A CG  1 
ATOM   235  C CD1 . PHE A 1 32  ? 6.291   1.439   -4.482  1.00 16.79 ? 53  PHE A CD1 1 
ATOM   236  C CD2 . PHE A 1 32  ? 7.718   0.323   -2.930  1.00 14.00 ? 53  PHE A CD2 1 
ATOM   237  C CE1 . PHE A 1 32  ? 6.391   2.600   -3.742  1.00 18.60 ? 53  PHE A CE1 1 
ATOM   238  C CE2 . PHE A 1 32  ? 7.824   1.481   -2.186  1.00 17.65 ? 53  PHE A CE2 1 
ATOM   239  C CZ  . PHE A 1 32  ? 7.155   2.624   -2.589  1.00 18.60 ? 53  PHE A CZ  1 
ATOM   240  N N   . PRO A 1 33  ? 8.978   -3.011  -7.061  1.00 17.49 ? 54  PRO A N   1 
ATOM   241  C CA  . PRO A 1 33  ? 9.013   -4.208  -7.907  1.00 17.20 ? 54  PRO A CA  1 
ATOM   242  C C   . PRO A 1 33  ? 8.274   -5.395  -7.297  1.00 15.62 ? 54  PRO A C   1 
ATOM   243  O O   . PRO A 1 33  ? 8.073   -5.440  -6.080  1.00 13.42 ? 54  PRO A O   1 
ATOM   244  C CB  . PRO A 1 33  ? 10.510  -4.532  -8.000  1.00 20.45 ? 54  PRO A CB  1 
ATOM   245  C CG  . PRO A 1 33  ? 11.204  -3.276  -7.616  1.00 18.49 ? 54  PRO A CG  1 
ATOM   246  C CD  . PRO A 1 33  ? 10.320  -2.618  -6.606  1.00 16.86 ? 54  PRO A CD  1 
ATOM   247  N N   . ASP A 1 34  ? 7.878   -6.343  -8.142  1.00 15.26 ? 55  ASP A N   1 
ATOM   248  C CA  . ASP A 1 34  ? 7.094   -7.491  -7.718  1.00 16.81 ? 55  ASP A CA  1 
ATOM   249  C C   . ASP A 1 34  ? 8.014   -8.628  -7.278  1.00 20.76 ? 55  ASP A C   1 
ATOM   250  O O   . ASP A 1 34  ? 8.175   -9.629  -7.979  1.00 22.05 ? 55  ASP A O   1 
ATOM   251  C CB  . ASP A 1 34  ? 6.164   -7.931  -8.856  1.00 17.28 ? 55  ASP A CB  1 
ATOM   252  C CG  . ASP A 1 34  ? 5.132   -8.946  -8.413  1.00 22.83 ? 55  ASP A CG  1 
ATOM   253  O OD1 . ASP A 1 34  ? 5.301   -9.552  -7.338  1.00 22.68 ? 55  ASP A OD1 1 
ATOM   254  O OD2 . ASP A 1 34  ? 4.148   -9.153  -9.159  1.00 23.86 ? 55  ASP A OD2 1 
ATOM   255  N N   . ASP A 1 35  ? 8.621   -8.458  -6.107  1.00 13.94 ? 56  ASP A N   1 
ATOM   256  C CA  . ASP A 1 35  ? 9.530   -9.450  -5.541  1.00 13.30 ? 56  ASP A CA  1 
ATOM   257  C C   . ASP A 1 35  ? 9.211   -9.635  -4.054  1.00 13.16 ? 56  ASP A C   1 
ATOM   258  O O   . ASP A 1 35  ? 8.625   -8.753  -3.442  1.00 11.74 ? 56  ASP A O   1 
ATOM   259  C CB  . ASP A 1 35  ? 10.981  -8.999  -5.744  1.00 11.08 ? 56  ASP A CB  1 
ATOM   260  C CG  . ASP A 1 35  ? 11.369  -7.836  -4.851  1.00 11.71 ? 56  ASP A CG  1 
ATOM   261  O OD1 . ASP A 1 35  ? 11.382  -6.688  -5.335  1.00 13.63 ? 56  ASP A OD1 1 
ATOM   262  O OD2 . ASP A 1 35  ? 11.674  -8.079  -3.669  1.00 12.16 ? 56  ASP A OD2 1 
ATOM   263  N N   . PRO A 1 36  ? 9.591   -10.777 -3.466  1.00 10.83 ? 57  PRO A N   1 
ATOM   264  C CA  . PRO A 1 36  ? 9.184   -11.089 -2.090  1.00 13.62 ? 57  PRO A CA  1 
ATOM   265  C C   . PRO A 1 36  ? 9.633   -10.072 -1.039  1.00 9.79  ? 57  PRO A C   1 
ATOM   266  O O   . PRO A 1 36  ? 8.893   -9.817  -0.091  1.00 11.59 ? 57  PRO A O   1 
ATOM   267  C CB  . PRO A 1 36  ? 9.843   -12.445 -1.828  1.00 19.05 ? 57  PRO A CB  1 
ATOM   268  C CG  . PRO A 1 36  ? 9.993   -13.053 -3.179  1.00 21.38 ? 57  PRO A CG  1 
ATOM   269  C CD  . PRO A 1 36  ? 10.280  -11.912 -4.107  1.00 17.37 ? 57  PRO A CD  1 
ATOM   270  N N   . VAL A 1 37  ? 10.830  -9.516  -1.190  1.00 9.94  ? 58  VAL A N   1 
ATOM   271  C CA  . VAL A 1 37  ? 11.316  -8.516  -0.244  1.00 7.46  ? 58  VAL A CA  1 
ATOM   272  C C   . VAL A 1 37  ? 10.449  -7.272  -0.320  1.00 10.39 ? 58  VAL A C   1 
ATOM   273  O O   . VAL A 1 37  ? 9.955   -6.775  0.697   1.00 8.99  ? 58  VAL A O   1 
ATOM   274  C CB  . VAL A 1 37  ? 12.785  -8.143  -0.519  1.00 9.72  ? 58  VAL A CB  1 
ATOM   275  C CG1 . VAL A 1 37  ? 13.238  -7.029  0.419   1.00 9.13  ? 58  VAL A CG1 1 
ATOM   276  C CG2 . VAL A 1 37  ? 13.666  -9.368  -0.345  1.00 10.88 ? 58  VAL A CG2 1 
ATOM   277  N N   . THR A 1 38  ? 10.252  -6.775  -1.535  1.00 9.09  ? 59  THR A N   1 
ATOM   278  C CA  . THR A 1 38  ? 9.404   -5.605  -1.739  1.00 6.91  ? 59  THR A CA  1 
ATOM   279  C C   . THR A 1 38  ? 7.968   -5.848  -1.267  1.00 6.90  ? 59  THR A C   1 
ATOM   280  O O   . THR A 1 38  ? 7.322   -4.931  -0.756  1.00 7.48  ? 59  THR A O   1 
ATOM   281  C CB  . THR A 1 38  ? 9.419   -5.149  -3.201  1.00 10.82 ? 59  THR A CB  1 
ATOM   282  O OG1 . THR A 1 38  ? 10.761  -4.790  -3.558  1.00 10.96 ? 59  THR A OG1 1 
ATOM   283  C CG2 . THR A 1 38  ? 8.533   -3.935  -3.392  1.00 10.28 ? 59  THR A CG2 1 
ATOM   284  N N   . HIS A 1 39  ? 7.461   -7.063  -1.438  1.00 8.17  ? 60  HIS A N   1 
ATOM   285  C CA  . HIS A 1 39  ? 6.122   -7.358  -0.926  1.00 10.31 ? 60  HIS A CA  1 
ATOM   286  C C   . HIS A 1 39  ? 6.056   -7.033  0.556   1.00 8.59  ? 60  HIS A C   1 
ATOM   287  O O   . HIS A 1 39  ? 5.143   -6.349  1.022   1.00 9.15  ? 60  HIS A O   1 
ATOM   288  C CB  . HIS A 1 39  ? 5.746   -8.826  -1.110  1.00 9.44  ? 60  HIS A CB  1 
ATOM   289  C CG  . HIS A 1 39  ? 5.613   -9.251  -2.536  1.00 10.27 ? 60  HIS A CG  1 
ATOM   290  N ND1 . HIS A 1 39  ? 5.512   -10.576 -2.901  1.00 16.74 ? 60  HIS A ND1 1 
ATOM   291  C CD2 . HIS A 1 39  ? 5.576   -8.539  -3.688  1.00 7.85  ? 60  HIS A CD2 1 
ATOM   292  C CE1 . HIS A 1 39  ? 5.407   -10.662 -4.216  1.00 15.68 ? 60  HIS A CE1 1 
ATOM   293  N NE2 . HIS A 1 39  ? 5.445   -9.442  -4.718  1.00 13.06 ? 60  HIS A NE2 1 
ATOM   294  N N   . CYS A 1 40  ? 7.020   -7.544  1.310   1.00 7.63  ? 61  CYS A N   1 
ATOM   295  C CA  . CYS A 1 40  ? 7.041   -7.310  2.744   1.00 8.71  ? 61  CYS A CA  1 
ATOM   296  C C   . CYS A 1 40  ? 7.339   -5.858  3.094   1.00 8.63  ? 61  CYS A C   1 
ATOM   297  O O   . CYS A 1 40  ? 6.810   -5.334  4.073   1.00 8.30  ? 61  CYS A O   1 
ATOM   298  C CB  . CYS A 1 40  ? 8.022   -8.255  3.443   1.00 8.86  ? 61  CYS A CB  1 
ATOM   299  S SG  . CYS A 1 40  ? 7.491   -9.986  3.450   1.00 11.54 ? 61  CYS A SG  1 
ATOM   300  N N   . PHE A 1 41  ? 8.163   -5.202  2.286   1.00 7.87  ? 62  PHE A N   1 
ATOM   301  C CA  . PHE A 1 41  ? 8.449   -3.790  2.489   1.00 6.82  ? 62  PHE A CA  1 
ATOM   302  C C   . PHE A 1 41  ? 7.173   -2.949  2.346   1.00 8.67  ? 62  PHE A C   1 
ATOM   303  O O   . PHE A 1 41  ? 6.898   -2.078  3.174   1.00 7.46  ? 62  PHE A O   1 
ATOM   304  C CB  . PHE A 1 41  ? 9.528   -3.308  1.514   1.00 9.91  ? 62  PHE A CB  1 
ATOM   305  C CG  . PHE A 1 41  ? 9.929   -1.877  1.727   1.00 8.93  ? 62  PHE A CG  1 
ATOM   306  C CD1 . PHE A 1 41  ? 10.807  -1.539  2.746   1.00 8.68  ? 62  PHE A CD1 1 
ATOM   307  C CD2 . PHE A 1 41  ? 9.417   -0.870  0.926   1.00 11.33 ? 62  PHE A CD2 1 
ATOM   308  C CE1 . PHE A 1 41  ? 11.184  -0.228  2.953   1.00 6.05  ? 62  PHE A CE1 1 
ATOM   309  C CE2 . PHE A 1 41  ? 9.783   0.451   1.128   1.00 14.48 ? 62  PHE A CE2 1 
ATOM   310  C CZ  . PHE A 1 41  ? 10.667  0.773   2.148   1.00 9.98  ? 62  PHE A CZ  1 
ATOM   311  N N   . VAL A 1 42  ? 6.406   -3.210  1.290   1.00 7.12  ? 63  VAL A N   1 
ATOM   312  C CA  . VAL A 1 42  ? 5.162   -2.493  1.060   1.00 8.32  ? 63  VAL A CA  1 
ATOM   313  C C   . VAL A 1 42  ? 4.172   -2.743  2.198   1.00 6.89  ? 63  VAL A C   1 
ATOM   314  O O   . VAL A 1 42  ? 3.526   -1.815  2.689   1.00 6.89  ? 63  VAL A O   1 
ATOM   315  C CB  . VAL A 1 42  ? 4.568   -2.880  -0.295  1.00 7.13  ? 63  VAL A CB  1 
ATOM   316  C CG1 . VAL A 1 42  ? 3.105   -2.450  -0.379  1.00 8.87  ? 63  VAL A CG1 1 
ATOM   317  C CG2 . VAL A 1 42  ? 5.414   -2.261  -1.404  1.00 8.50  ? 63  VAL A CG2 1 
ATOM   318  N N   . ARG A 1 43  ? 4.076   -3.985  2.652   1.00 7.50  ? 64  ARG A N   1 
ATOM   319  C CA  . ARG A 1 43  ? 3.259   -4.277  3.828   1.00 7.35  ? 64  ARG A CA  1 
ATOM   320  C C   . ARG A 1 43  ? 3.699   -3.426  5.021   1.00 8.54  ? 64  ARG A C   1 
ATOM   321  O O   . ARG A 1 43  ? 2.877   -2.826  5.705   1.00 8.58  ? 64  ARG A O   1 
ATOM   322  C CB  . ARG A 1 43  ? 3.328   -5.754  4.193   1.00 7.90  ? 64  ARG A CB  1 
ATOM   323  C CG  . ARG A 1 43  ? 2.633   -6.085  5.506   1.00 9.29  ? 64  ARG A CG  1 
ATOM   324  C CD  . ARG A 1 43  ? 2.575   -7.579  5.724   1.00 9.04  ? 64  ARG A CD  1 
ATOM   325  N NE  . ARG A 1 43  ? 1.993   -7.920  7.021   1.00 12.73 ? 64  ARG A NE  1 
ATOM   326  C CZ  . ARG A 1 43  ? 2.697   -8.047  8.140   1.00 14.42 ? 64  ARG A CZ  1 
ATOM   327  N NH1 . ARG A 1 43  ? 4.015   -7.880  8.121   1.00 16.36 ? 64  ARG A NH1 1 
ATOM   328  N NH2 . ARG A 1 43  ? 2.086   -8.357  9.274   1.00 18.06 ? 64  ARG A NH2 1 
ATOM   329  N N   . CYS A 1 44  ? 5.001   -3.384  5.279   1.00 7.49  ? 65  CYS A N   1 
ATOM   330  C CA  . CYS A 1 44  ? 5.532   -2.651  6.418   1.00 6.76  ? 65  CYS A CA  1 
ATOM   331  C C   . CYS A 1 44  ? 5.174   -1.170  6.346   1.00 7.87  ? 65  CYS A C   1 
ATOM   332  O O   . CYS A 1 44  ? 4.732   -0.583  7.329   1.00 8.24  ? 65  CYS A O   1 
ATOM   333  C CB  . CYS A 1 44  ? 7.050   -2.833  6.489   1.00 6.92  ? 65  CYS A CB  1 
ATOM   334  S SG  . CYS A 1 44  ? 7.823   -2.011  7.901   1.00 10.41 ? 65  CYS A SG  1 
ATOM   335  N N   . ILE A 1 45  ? 5.376   -0.557  5.182   1.00 9.63  ? 66  ILE A N   1 
ATOM   336  C CA  . ILE A 1 45  ? 5.076   0.867   5.022   1.00 7.88  ? 66  ILE A CA  1 
ATOM   337  C C   . ILE A 1 45  ? 3.582   1.119   5.234   1.00 9.11  ? 66  ILE A C   1 
ATOM   338  O O   . ILE A 1 45  ? 3.178   2.079   5.899   1.00 9.48  ? 66  ILE A O   1 
ATOM   339  C CB  . ILE A 1 45  ? 5.486   1.381   3.627   1.00 12.17 ? 66  ILE A CB  1 
ATOM   340  C CG1 . ILE A 1 45  ? 7.004   1.276   3.429   1.00 15.44 ? 66  ILE A CG1 1 
ATOM   341  C CG2 . ILE A 1 45  ? 4.989   2.808   3.423   1.00 21.96 ? 66  ILE A CG2 1 
ATOM   342  C CD1 . ILE A 1 45  ? 7.814   2.009   4.445   1.00 19.97 ? 66  ILE A CD1 1 
ATOM   343  N N   . GLY A 1 46  ? 2.754   0.242   4.682   1.00 8.07  ? 67  GLY A N   1 
ATOM   344  C CA  . GLY A 1 46  ? 1.319   0.383   4.828   1.00 9.52  ? 67  GLY A CA  1 
ATOM   345  C C   . GLY A 1 46  ? 0.891   0.279   6.278   1.00 9.99  ? 67  GLY A C   1 
ATOM   346  O O   . GLY A 1 46  ? 0.049   1.051   6.743   1.00 10.38 ? 67  GLY A O   1 
ATOM   347  N N   . LEU A 1 47  ? 1.460   -0.678  7.004   1.00 7.46  ? 68  LEU A N   1 
ATOM   348  C CA  . LEU A 1 47  ? 1.148   -0.819  8.425   1.00 8.88  ? 68  LEU A CA  1 
ATOM   349  C C   . LEU A 1 47  ? 1.605   0.390   9.232   1.00 10.75 ? 68  LEU A C   1 
ATOM   350  O O   . LEU A 1 47  ? 0.850   0.905   10.056  1.00 12.63 ? 68  LEU A O   1 
ATOM   351  C CB  . LEU A 1 47  ? 1.784   -2.090  8.992   1.00 10.49 ? 68  LEU A CB  1 
ATOM   352  C CG  . LEU A 1 47  ? 1.225   -3.410  8.463   1.00 10.80 ? 68  LEU A CG  1 
ATOM   353  C CD1 . LEU A 1 47  ? 2.054   -4.576  8.980   1.00 15.70 ? 68  LEU A CD1 1 
ATOM   354  C CD2 . LEU A 1 47  ? -0.248  -3.569  8.863   1.00 12.72 ? 68  LEU A CD2 1 
ATOM   355  N N   . GLU A 1 48  ? 2.834   0.840   8.989   1.00 10.51 ? 69  GLU A N   1 
ATOM   356  C CA  . GLU A 1 48  ? 3.427   1.934   9.764   1.00 10.25 ? 69  GLU A CA  1 
ATOM   357  C C   . GLU A 1 48  ? 2.701   3.252   9.556   1.00 13.03 ? 69  GLU A C   1 
ATOM   358  O O   . GLU A 1 48  ? 2.551   4.040   10.492  1.00 14.66 ? 69  GLU A O   1 
ATOM   359  C CB  . GLU A 1 48  ? 4.901   2.104   9.404   1.00 13.43 ? 69  GLU A CB  1 
ATOM   360  C CG  . GLU A 1 48  ? 5.797   1.070   10.030  1.00 19.71 ? 69  GLU A CG  1 
ATOM   361  C CD  . GLU A 1 48  ? 5.800   1.165   11.540  1.00 26.12 ? 69  GLU A CD  1 
ATOM   362  O OE1 . GLU A 1 48  ? 5.760   2.300   12.068  1.00 25.16 ? 69  GLU A OE1 1 
ATOM   363  O OE2 . GLU A 1 48  ? 5.834   0.107   12.195  1.00 40.97 ? 69  GLU A OE2 1 
ATOM   364  N N   . LEU A 1 49  ? 2.257   3.493   8.326   1.00 10.88 ? 70  LEU A N   1 
ATOM   365  C CA  . LEU A 1 49  ? 1.533   4.719   8.000   1.00 11.22 ? 70  LEU A CA  1 
ATOM   366  C C   . LEU A 1 49  ? 0.030   4.583   8.234   1.00 11.13 ? 70  LEU A C   1 
ATOM   367  O O   . LEU A 1 49  ? -0.726  5.510   7.957   1.00 14.48 ? 70  LEU A O   1 
ATOM   368  C CB  . LEU A 1 49  ? 1.805   5.137   6.551   1.00 11.06 ? 70  LEU A CB  1 
ATOM   369  C CG  . LEU A 1 49  ? 3.262   5.482   6.223   1.00 11.72 ? 70  LEU A CG  1 
ATOM   370  C CD1 . LEU A 1 49  ? 3.437   5.825   4.757   1.00 16.59 ? 70  LEU A CD1 1 
ATOM   371  C CD2 . LEU A 1 49  ? 3.703   6.641   7.093   1.00 16.99 ? 70  LEU A CD2 1 
ATOM   372  N N   . ASN A 1 50  ? -0.384  3.429   8.750   1.00 10.17 ? 71  ASN A N   1 
ATOM   373  C CA  A ASN A 1 50  ? -1.801  3.175   9.000   0.49 12.26 ? 71  ASN A CA  1 
ATOM   374  C CA  B ASN A 1 50  ? -1.789  3.077   8.969   0.51 12.33 ? 71  ASN A CA  1 
ATOM   375  C C   . ASN A 1 50  ? -2.657  3.261   7.734   1.00 11.87 ? 71  ASN A C   1 
ATOM   376  O O   . ASN A 1 50  ? -3.814  3.678   7.802   1.00 12.75 ? 71  ASN A O   1 
ATOM   377  C CB  A ASN A 1 50  ? -2.345  4.149   10.052  0.49 14.40 ? 71  ASN A CB  1 
ATOM   378  C CB  B ASN A 1 50  ? -2.395  3.759   10.197  0.51 12.93 ? 71  ASN A CB  1 
ATOM   379  C CG  A ASN A 1 50  ? -1.480  4.210   11.297  0.49 15.37 ? 71  ASN A CG  1 
ATOM   380  C CG  B ASN A 1 50  ? -3.434  2.889   10.868  0.51 15.53 ? 71  ASN A CG  1 
ATOM   381  O OD1 A ASN A 1 50  ? -0.882  5.243   11.600  0.49 24.22 ? 71  ASN A OD1 1 
ATOM   382  O OD1 B ASN A 1 50  ? -3.522  1.690   10.580  0.51 12.34 ? 71  ASN A OD1 1 
ATOM   383  N ND2 A ASN A 1 50  ? -1.407  3.104   12.020  0.49 18.63 ? 71  ASN A ND2 1 
ATOM   384  N ND2 B ASN A 1 50  ? -4.224  3.471   11.764  0.51 18.26 ? 71  ASN A ND2 1 
ATOM   385  N N   . LEU A 1 51  ? -2.075  2.898   6.597   1.00 8.68  ? 72  LEU A N   1 
ATOM   386  C CA  . LEU A 1 51  ? -2.769  2.876   5.310   1.00 8.05  ? 72  LEU A CA  1 
ATOM   387  C C   . LEU A 1 51  ? -3.364  1.504   5.051   1.00 9.98  ? 72  LEU A C   1 
ATOM   388  O O   . LEU A 1 51  ? -4.143  1.325   4.113   1.00 9.81  ? 72  LEU A O   1 
ATOM   389  C CB  . LEU A 1 51  ? -1.777  3.162   4.185   1.00 8.09  ? 72  LEU A CB  1 
ATOM   390  C CG  . LEU A 1 51  ? -1.073  4.507   4.212   1.00 9.30  ? 72  LEU A CG  1 
ATOM   391  C CD1 . LEU A 1 51  ? 0.032   4.554   3.168   1.00 12.03 ? 72  LEU A CD1 1 
ATOM   392  C CD2 . LEU A 1 51  ? -2.083  5.624   3.980   1.00 12.62 ? 72  LEU A CD2 1 
ATOM   393  N N   . TYR A 1 52  ? -2.979  0.537   5.870   1.00 8.62  ? 73  TYR A N   1 
ATOM   394  C CA  . TYR A 1 52  ? -3.251  -0.863  5.588   1.00 9.60  ? 73  TYR A CA  1 
ATOM   395  C C   . TYR A 1 52  ? -3.240  -1.663  6.868   1.00 10.00 ? 73  TYR A C   1 
ATOM   396  O O   . TYR A 1 52  ? -2.570  -1.314  7.846   1.00 12.44 ? 73  TYR A O   1 
ATOM   397  C CB  . TYR A 1 52  ? -2.194  -1.440  4.624   1.00 9.19  ? 73  TYR A CB  1 
ATOM   398  C CG  . TYR A 1 52  ? -2.417  -2.905  4.309   1.00 7.24  ? 73  TYR A CG  1 
ATOM   399  C CD1 . TYR A 1 52  ? -3.291  -3.290  3.302   1.00 10.48 ? 73  TYR A CD1 1 
ATOM   400  C CD2 . TYR A 1 52  ? -1.758  -3.911  5.024   1.00 8.25  ? 73  TYR A CD2 1 
ATOM   401  C CE1 . TYR A 1 52  ? -3.520  -4.625  3.022   1.00 9.77  ? 73  TYR A CE1 1 
ATOM   402  C CE2 . TYR A 1 52  ? -1.981  -5.258  4.741   1.00 9.33  ? 73  TYR A CE2 1 
ATOM   403  C CZ  . TYR A 1 52  ? -2.862  -5.606  3.731   1.00 9.04  ? 73  TYR A CZ  1 
ATOM   404  O OH  . TYR A 1 52  ? -3.106  -6.924  3.424   1.00 10.12 ? 73  TYR A OH  1 
ATOM   405  N N   . ASP A 1 53  ? -3.970  -2.767  6.826   1.00 10.89 ? 74  ASP A N   1 
ATOM   406  C CA  . ASP A 1 53  ? -4.120  -3.646  7.952   1.00 9.97  ? 74  ASP A CA  1 
ATOM   407  C C   . ASP A 1 53  ? -4.307  -5.070  7.429   1.00 10.74 ? 74  ASP A C   1 
ATOM   408  O O   . ASP A 1 53  ? -5.048  -5.269  6.476   1.00 11.39 ? 74  ASP A O   1 
ATOM   409  C CB  . ASP A 1 53  ? -5.364  -3.192  8.719   1.00 16.18 ? 74  ASP A CB  1 
ATOM   410  C CG  . ASP A 1 53  ? -5.528  -3.913  10.010  1.00 12.65 ? 74  ASP A CG  1 
ATOM   411  O OD1 . ASP A 1 53  ? -5.100  -3.349  11.035  1.00 20.53 ? 74  ASP A OD1 1 
ATOM   412  O OD2 . ASP A 1 53  ? -6.036  -5.059  9.994   1.00 9.29  ? 74  ASP A OD2 1 
ATOM   413  N N   . ASP A 1 54  ? -3.640  -6.052  8.032   1.00 11.36 ? 75  ASP A N   1 
ATOM   414  C CA  . ASP A 1 54  ? -3.718  -7.428  7.542   1.00 12.08 ? 75  ASP A CA  1 
ATOM   415  C C   . ASP A 1 54  ? -5.147  -7.947  7.550   1.00 14.33 ? 75  ASP A C   1 
ATOM   416  O O   . ASP A 1 54  ? -5.531  -8.742  6.691   1.00 14.18 ? 75  ASP A O   1 
ATOM   417  C CB  . ASP A 1 54  ? -2.833  -8.363  8.371   1.00 13.67 ? 75  ASP A CB  1 
ATOM   418  C CG  . ASP A 1 54  ? -1.363  -8.048  8.230   1.00 18.34 ? 75  ASP A CG  1 
ATOM   419  O OD1 . ASP A 1 54  ? -0.899  -7.859  7.086   1.00 12.42 ? 75  ASP A OD1 1 
ATOM   420  O OD2 . ASP A 1 54  ? -0.666  -7.990  9.262   1.00 21.51 ? 75  ASP A OD2 1 
ATOM   421  N N   . LYS A 1 55  ? -5.924  -7.498  8.532   1.00 14.14 ? 76  LYS A N   1 
ATOM   422  C CA  . LYS A 1 55  ? -7.294  -7.962  8.705   1.00 13.98 ? 76  LYS A CA  1 
ATOM   423  C C   . LYS A 1 55  ? -8.293  -7.079  7.971   1.00 12.18 ? 76  LYS A C   1 
ATOM   424  O O   . LYS A 1 55  ? -9.193  -7.580  7.291   1.00 15.61 ? 76  LYS A O   1 
ATOM   425  C CB  . LYS A 1 55  ? -7.655  -8.022  10.194  1.00 13.21 ? 76  LYS A CB  1 
ATOM   426  C CG  . LYS A 1 55  ? -9.058  -8.550  10.469  1.00 14.18 ? 76  LYS A CG  1 
ATOM   427  C CD  . LYS A 1 55  ? -9.286  -8.775  11.952  1.00 16.43 ? 76  LYS A CD  1 
ATOM   428  C CE  . LYS A 1 55  ? -10.663 -9.384  12.187  1.00 29.37 ? 76  LYS A CE  1 
ATOM   429  N NZ  . LYS A 1 55  ? -10.982 -9.570  13.626  1.00 29.97 ? 76  LYS A NZ  1 
ATOM   430  N N   . TYR A 1 56  ? -8.140  -5.766  8.124   1.00 10.32 ? 77  TYR A N   1 
ATOM   431  C CA  . TYR A 1 56  ? -9.148  -4.829  7.643   1.00 10.49 ? 77  TYR A CA  1 
ATOM   432  C C   . TYR A 1 56  ? -8.836  -4.266  6.266   1.00 12.80 ? 77  TYR A C   1 
ATOM   433  O O   . TYR A 1 56  ? -9.638  -3.520  5.695   1.00 13.70 ? 77  TYR A O   1 
ATOM   434  C CB  . TYR A 1 56  ? -9.390  -3.720  8.671   1.00 11.47 ? 77  TYR A CB  1 
ATOM   435  C CG  . TYR A 1 56  ? -9.865  -4.291  9.985   1.00 14.35 ? 77  TYR A CG  1 
ATOM   436  C CD1 . TYR A 1 56  ? -11.097 -4.920  10.076  1.00 18.67 ? 77  TYR A CD1 1 
ATOM   437  C CD2 . TYR A 1 56  ? -9.072  -4.229  11.121  1.00 13.23 ? 77  TYR A CD2 1 
ATOM   438  C CE1 . TYR A 1 56  ? -11.531 -5.460  11.270  1.00 18.24 ? 77  TYR A CE1 1 
ATOM   439  C CE2 . TYR A 1 56  ? -9.495  -4.768  12.315  1.00 16.23 ? 77  TYR A CE2 1 
ATOM   440  C CZ  . TYR A 1 56  ? -10.723 -5.383  12.378  1.00 16.80 ? 77  TYR A CZ  1 
ATOM   441  O OH  . TYR A 1 56  ? -11.163 -5.923  13.560  1.00 21.53 ? 77  TYR A OH  1 
ATOM   442  N N   . GLY A 1 57  ? -7.670  -4.629  5.742   1.00 11.15 ? 78  GLY A N   1 
ATOM   443  C CA  . GLY A 1 57  ? -7.304  -4.264  4.383   1.00 13.10 ? 78  GLY A CA  1 
ATOM   444  C C   . GLY A 1 57  ? -6.837  -2.825  4.248   1.00 12.41 ? 78  GLY A C   1 
ATOM   445  O O   . GLY A 1 57  ? -6.182  -2.278  5.131   1.00 11.38 ? 78  GLY A O   1 
ATOM   446  N N   . VAL A 1 58  ? -7.215  -2.193  3.145   1.00 14.03 ? 79  VAL A N   1 
ATOM   447  C CA  . VAL A 1 58  ? -6.777  -0.838  2.831   1.00 11.12 ? 79  VAL A CA  1 
ATOM   448  C C   . VAL A 1 58  ? -7.721  0.220   3.411   1.00 12.48 ? 79  VAL A C   1 
ATOM   449  O O   . VAL A 1 58  ? -8.932  0.170   3.182   1.00 13.97 ? 79  VAL A O   1 
ATOM   450  C CB  . VAL A 1 58  ? -6.700  -0.652  1.304   1.00 13.84 ? 79  VAL A CB  1 
ATOM   451  C CG1 . VAL A 1 58  ? -6.417  0.794   0.939   1.00 12.00 ? 79  VAL A CG1 1 
ATOM   452  C CG2 . VAL A 1 58  ? -5.653  -1.583  0.712   1.00 12.83 ? 79  VAL A CG2 1 
ATOM   453  N N   . ASP A 1 59  ? -7.186  1.170   4.172   1.00 11.12 ? 80  ASP A N   1 
ATOM   454  C CA  . ASP A 1 59  ? -8.015  2.280   4.625   1.00 12.94 ? 80  ASP A CA  1 
ATOM   455  C C   . ASP A 1 59  ? -8.093  3.269   3.484   1.00 12.51 ? 80  ASP A C   1 
ATOM   456  O O   . ASP A 1 59  ? -7.158  4.029   3.237   1.00 10.56 ? 80  ASP A O   1 
ATOM   457  C CB  . ASP A 1 59  ? -7.466  2.947   5.898   1.00 14.47 ? 80  ASP A CB  1 
ATOM   458  C CG  . ASP A 1 59  ? -8.273  4.179   6.316   1.00 11.42 ? 80  ASP A CG  1 
ATOM   459  O OD1 . ASP A 1 59  ? -9.186  4.590   5.578   1.00 14.33 ? 80  ASP A OD1 1 
ATOM   460  O OD2 . ASP A 1 59  ? -7.985  4.773   7.382   1.00 16.77 ? 80  ASP A OD2 1 
ATOM   461  N N   . LEU A 1 60  ? -9.217  3.250   2.770   1.00 9.92  ? 81  LEU A N   1 
ATOM   462  C CA  . LEU A 1 60  ? -9.375  4.090   1.599   1.00 12.26 ? 81  LEU A CA  1 
ATOM   463  C C   . LEU A 1 60  ? -9.365  5.598   1.910   1.00 7.24  ? 81  LEU A C   1 
ATOM   464  O O   . LEU A 1 60  ? -8.896  6.402   1.106   1.00 10.69 ? 81  LEU A O   1 
ATOM   465  C CB  . LEU A 1 60  ? -10.625 3.665   0.815   1.00 13.23 ? 81  LEU A CB  1 
ATOM   466  C CG  . LEU A 1 60  ? -10.515 2.227   0.291   1.00 12.14 ? 81  LEU A CG  1 
ATOM   467  C CD1 . LEU A 1 60  ? -11.826 1.734   -0.334  1.00 14.57 ? 81  LEU A CD1 1 
ATOM   468  C CD2 . LEU A 1 60  ? -9.376  2.113   -0.695  1.00 13.76 ? 81  LEU A CD2 1 
ATOM   469  N N   . GLN A 1 61  ? -9.889  5.989   3.070   1.00 10.35 ? 82  GLN A N   1 
ATOM   470  C CA  . GLN A 1 61  ? -9.840  7.397   3.455   1.00 9.79  ? 82  GLN A CA  1 
ATOM   471  C C   . GLN A 1 61  ? -8.409  7.856   3.750   1.00 7.60  ? 82  GLN A C   1 
ATOM   472  O O   . GLN A 1 61  ? -7.993  8.936   3.320   1.00 10.84 ? 82  GLN A O   1 
ATOM   473  C CB  . GLN A 1 61  ? -10.744 7.670   4.659   1.00 12.03 ? 82  GLN A CB  1 
ATOM   474  C CG  . GLN A 1 61  ? -10.665 9.108   5.139   1.00 10.19 ? 82  GLN A CG  1 
ATOM   475  C CD  . GLN A 1 61  ? -11.180 10.105  4.114   1.00 9.65  ? 82  GLN A CD  1 
ATOM   476  O OE1 . GLN A 1 61  ? -12.109 9.809   3.354   1.00 11.54 ? 82  GLN A OE1 1 
ATOM   477  N NE2 . GLN A 1 61  ? -10.591 11.290  4.087   1.00 10.91 ? 82  GLN A NE2 1 
ATOM   478  N N   . ALA A 1 62  ? -7.660  7.020   4.466   1.00 13.52 ? 83  ALA A N   1 
ATOM   479  C CA  . ALA A 1 62  ? -6.257  7.310   4.751   1.00 13.81 ? 83  ALA A CA  1 
ATOM   480  C C   . ALA A 1 62  ? -5.438  7.435   3.465   1.00 11.53 ? 83  ALA A C   1 
ATOM   481  O O   . ALA A 1 62  ? -4.609  8.326   3.322   1.00 12.41 ? 83  ALA A O   1 
ATOM   482  C CB  . ALA A 1 62  ? -5.669  6.247   5.657   1.00 13.04 ? 83  ALA A CB  1 
ATOM   483  N N   . ASN A 1 63  ? -5.681  6.535   2.519   1.00 11.11 ? 84  ASN A N   1 
ATOM   484  C CA  . ASN A 1 63  ? -5.012  6.629   1.226   1.00 9.52  ? 84  ASN A CA  1 
ATOM   485  C C   . ASN A 1 63  ? -5.426  7.857   0.407   1.00 9.09  ? 84  ASN A C   1 
ATOM   486  O O   . ASN A 1 63  ? -4.603  8.491   -0.249  1.00 10.97 ? 84  ASN A O   1 
ATOM   487  C CB  . ASN A 1 63  ? -5.185  5.326   0.445   1.00 9.33  ? 84  ASN A CB  1 
ATOM   488  C CG  . ASN A 1 63  ? -4.249  4.251   0.934   1.00 10.31 ? 84  ASN A CG  1 
ATOM   489  O OD1 . ASN A 1 63  ? -3.089  4.191   0.513   1.00 10.99 ? 84  ASN A OD1 1 
ATOM   490  N ND2 . ASN A 1 63  ? -4.723  3.415   1.847   1.00 11.51 ? 84  ASN A ND2 1 
ATOM   491  N N   . TRP A 1 64  ? -6.711  8.201   0.456   1.00 10.10 ? 85  TRP A N   1 
ATOM   492  C CA  . TRP A 1 64  ? -7.196  9.412   -0.194  1.00 9.39  ? 85  TRP A CA  1 
ATOM   493  C C   . TRP A 1 64  ? -6.425  10.607  0.345   1.00 9.45  ? 85  TRP A C   1 
ATOM   494  O O   . TRP A 1 64  ? -5.960  11.450  -0.410  1.00 11.83 ? 85  TRP A O   1 
ATOM   495  C CB  . TRP A 1 64  ? -8.693  9.566   0.095   1.00 11.16 ? 85  TRP A CB  1 
ATOM   496  C CG  . TRP A 1 64  ? -9.323  10.836  -0.413  1.00 10.18 ? 85  TRP A CG  1 
ATOM   497  C CD1 . TRP A 1 64  ? -9.683  11.931  0.334   1.00 11.82 ? 85  TRP A CD1 1 
ATOM   498  C CD2 . TRP A 1 64  ? -9.702  11.131  -1.760  1.00 8.18  ? 85  TRP A CD2 1 
ATOM   499  N NE1 . TRP A 1 64  ? -10.244 12.884  -0.471  1.00 13.24 ? 85  TRP A NE1 1 
ATOM   500  C CE2 . TRP A 1 64  ? -10.270 12.425  -1.761  1.00 11.01 ? 85  TRP A CE2 1 
ATOM   501  C CE3 . TRP A 1 64  ? -9.611  10.434  -2.967  1.00 9.32  ? 85  TRP A CE3 1 
ATOM   502  C CZ2 . TRP A 1 64  ? -10.748 13.025  -2.918  1.00 12.55 ? 85  TRP A CZ2 1 
ATOM   503  C CZ3 . TRP A 1 64  ? -10.084 11.035  -4.118  1.00 13.93 ? 85  TRP A CZ3 1 
ATOM   504  C CH2 . TRP A 1 64  ? -10.645 12.322  -4.086  1.00 11.14 ? 85  TRP A CH2 1 
ATOM   505  N N   . GLU A 1 65  ? -6.267  10.655  1.659   1.00 11.62 ? 86  GLU A N   1 
ATOM   506  C CA  . GLU A 1 65  ? -5.537  11.753  2.280   1.00 11.43 ? 86  GLU A CA  1 
ATOM   507  C C   . GLU A 1 65  ? -4.050  11.714  1.923   1.00 12.99 ? 86  GLU A C   1 
ATOM   508  O O   . GLU A 1 65  ? -3.411  12.758  1.800   1.00 17.93 ? 86  GLU A O   1 
ATOM   509  C CB  . GLU A 1 65  ? -5.755  11.737  3.792   1.00 12.70 ? 86  GLU A CB  1 
ATOM   510  C CG  . GLU A 1 65  ? -7.183  12.080  4.181   1.00 12.02 ? 86  GLU A CG  1 
ATOM   511  C CD  . GLU A 1 65  ? -7.458  11.901  5.669   1.00 16.75 ? 86  GLU A CD  1 
ATOM   512  O OE1 . GLU A 1 65  ? -6.497  11.813  6.460   1.00 26.47 ? 86  GLU A OE1 1 
ATOM   513  O OE2 . GLU A 1 65  ? -8.646  11.854  6.049   1.00 13.49 ? 86  GLU A OE2 1 
ATOM   514  N N   . ASN A 1 66  ? -3.516  10.514  1.720   1.00 13.36 ? 87  ASN A N   1 
ATOM   515  C CA  . ASN A 1 66  ? -2.106  10.357  1.355   1.00 13.22 ? 87  ASN A CA  1 
ATOM   516  C C   . ASN A 1 66  ? -1.843  10.696  -0.115  1.00 15.66 ? 87  ASN A C   1 
ATOM   517  O O   . ASN A 1 66  ? -0.692  10.759  -0.550  1.00 19.00 ? 87  ASN A O   1 
ATOM   518  C CB  . ASN A 1 66  ? -1.642  8.935   1.682   1.00 12.99 ? 87  ASN A CB  1 
ATOM   519  C CG  . ASN A 1 66  ? -0.125  8.806   1.742   1.00 11.02 ? 87  ASN A CG  1 
ATOM   520  O OD1 . ASN A 1 66  ? 0.561   9.671   2.284   1.00 17.92 ? 87  ASN A OD1 1 
ATOM   521  N ND2 . ASN A 1 66  ? 0.399   7.714   1.189   1.00 12.82 ? 87  ASN A ND2 1 
ATOM   522  N N   . LEU A 1 67  ? -2.918  10.923  -0.865  1.00 13.64 ? 88  LEU A N   1 
ATOM   523  C CA  . LEU A 1 67  ? -2.850  11.317  -2.267  1.00 15.91 ? 88  LEU A CA  1 
ATOM   524  C C   . LEU A 1 67  ? -3.049  12.824  -2.433  1.00 15.05 ? 88  LEU A C   1 
ATOM   525  O O   . LEU A 1 67  ? -3.434  13.302  -3.505  1.00 17.49 ? 88  LEU A O   1 
ATOM   526  C CB  . LEU A 1 67  ? -3.907  10.562  -3.082  1.00 11.96 ? 88  LEU A CB  1 
ATOM   527  C CG  . LEU A 1 67  ? -3.594  9.078   -3.280  1.00 13.11 ? 88  LEU A CG  1 
ATOM   528  C CD1 . LEU A 1 67  ? -4.835  8.331   -3.738  1.00 14.70 ? 88  LEU A CD1 1 
ATOM   529  C CD2 . LEU A 1 67  ? -2.469  8.907   -4.283  1.00 13.53 ? 88  LEU A CD2 1 
ATOM   530  N N   . GLY A 1 68  ? -2.815  13.570  -1.357  1.00 17.30 ? 89  GLY A N   1 
ATOM   531  C CA  . GLY A 1 68  ? -2.833  15.020  -1.428  1.00 18.11 ? 89  GLY A CA  1 
ATOM   532  C C   . GLY A 1 68  ? -4.188  15.655  -1.177  1.00 22.03 ? 89  GLY A C   1 
ATOM   533  O O   . GLY A 1 68  ? -4.438  16.777  -1.620  1.00 22.80 ? 89  GLY A O   1 
ATOM   534  N N   . ASN A 1 69  ? -5.058  14.949  -0.460  1.00 17.06 ? 90  ASN A N   1 
ATOM   535  C CA  . ASN A 1 69  ? -6.395  15.463  -0.164  1.00 14.89 ? 90  ASN A CA  1 
ATOM   536  C C   . ASN A 1 69  ? -6.603  15.627  1.331   1.00 13.77 ? 90  ASN A C   1 
ATOM   537  O O   . ASN A 1 69  ? -6.018  14.895  2.131   1.00 15.05 ? 90  ASN A O   1 
ATOM   538  C CB  . ASN A 1 69  ? -7.469  14.517  -0.713  1.00 13.10 ? 90  ASN A CB  1 
ATOM   539  C CG  . ASN A 1 69  ? -7.317  14.255  -2.188  1.00 12.38 ? 90  ASN A CG  1 
ATOM   540  O OD1 . ASN A 1 69  ? -6.986  13.137  -2.604  1.00 16.28 ? 90  ASN A OD1 1 
ATOM   541  N ND2 . ASN A 1 69  ? -7.559  15.272  -2.997  1.00 15.25 ? 90  ASN A ND2 1 
ATOM   542  N N   . SER A 1 70  ? -7.454  16.577  1.714   1.00 13.08 ? 91  SER A N   1 
ATOM   543  C CA  . SER A 1 70  ? -7.766  16.772  3.128   1.00 16.20 ? 91  SER A CA  1 
ATOM   544  C C   . SER A 1 70  ? -9.243  16.528  3.448   1.00 19.00 ? 91  SER A C   1 
ATOM   545  O O   . SER A 1 70  ? -9.655  16.599  4.608   1.00 21.34 ? 91  SER A O   1 
ATOM   546  C CB  A SER A 1 70  ? -7.370  18.184  3.563   0.57 16.57 ? 91  SER A CB  1 
ATOM   547  C CB  B SER A 1 70  ? -7.344  18.170  3.587   0.43 16.58 ? 91  SER A CB  1 
ATOM   548  O OG  A SER A 1 70  ? -7.892  19.152  2.669   0.57 21.48 ? 91  SER A OG  1 
ATOM   549  O OG  B SER A 1 70  ? -5.936  18.326  3.511   0.43 18.82 ? 91  SER A OG  1 
ATOM   550  N N   . ASP A 1 71  ? -10.025 16.224  2.416   1.00 12.61 ? 92  ASP A N   1 
ATOM   551  C CA  . ASP A 1 71  ? -11.477 16.084  2.562   1.00 11.88 ? 92  ASP A CA  1 
ATOM   552  C C   . ASP A 1 71  ? -11.943 14.627  2.569   1.00 13.04 ? 92  ASP A C   1 
ATOM   553  O O   . ASP A 1 71  ? -11.128 13.712  2.484   1.00 12.90 ? 92  ASP A O   1 
ATOM   554  C CB  . ASP A 1 71  ? -12.185 16.855  1.448   1.00 12.83 ? 92  ASP A CB  1 
ATOM   555  C CG  . ASP A 1 71  ? -11.804 16.373  0.048   1.00 15.53 ? 92  ASP A CG  1 
ATOM   556  O OD1 . ASP A 1 71  ? -10.787 15.657  -0.116  1.00 13.93 ? 92  ASP A OD1 1 
ATOM   557  O OD2 . ASP A 1 71  ? -12.514 16.732  -0.911  1.00 15.68 ? 92  ASP A OD2 1 
ATOM   558  N N   . ASP A 1 72  ? -13.254 14.411  2.697   1.00 10.62 ? 93  ASP A N   1 
ATOM   559  C CA  . ASP A 1 72  ? -13.831 13.072  2.558   1.00 8.18  ? 93  ASP A CA  1 
ATOM   560  C C   . ASP A 1 72  ? -13.544 12.548  1.155   1.00 8.63  ? 93  ASP A C   1 
ATOM   561  O O   . ASP A 1 72  ? -13.703 13.269  0.177   1.00 9.60  ? 93  ASP A O   1 
ATOM   562  C CB  . ASP A 1 72  ? -15.358 13.102  2.712   1.00 10.03 ? 93  ASP A CB  1 
ATOM   563  C CG  . ASP A 1 72  ? -15.819 13.337  4.142   1.00 17.63 ? 93  ASP A CG  1 
ATOM   564  O OD1 . ASP A 1 72  ? -14.998 13.315  5.080   1.00 16.57 ? 93  ASP A OD1 1 
ATOM   565  O OD2 . ASP A 1 72  ? -17.036 13.548  4.323   1.00 12.07 ? 93  ASP A OD2 1 
ATOM   566  N N   . ALA A 1 73  ? -13.149 11.283  1.054   1.00 8.53  ? 94  ALA A N   1 
ATOM   567  C CA  . ALA A 1 73  ? -12.883 10.676  -0.252  1.00 8.96  ? 94  ALA A CA  1 
ATOM   568  C C   . ALA A 1 73  ? -14.095 10.758  -1.187  1.00 9.91  ? 94  ALA A C   1 
ATOM   569  O O   . ALA A 1 73  ? -15.230 10.570  -0.742  1.00 9.99  ? 94  ALA A O   1 
ATOM   570  C CB  . ALA A 1 73  ? -12.484 9.226   -0.067  1.00 9.78  ? 94  ALA A CB  1 
ATOM   571  N N   . ASP A 1 74  ? -13.850 11.015  -2.473  1.00 7.76  ? 95  ASP A N   1 
ATOM   572  C CA  . ASP A 1 74  ? -14.904 10.950  -3.488  1.00 9.20  ? 95  ASP A CA  1 
ATOM   573  C C   . ASP A 1 74  ? -15.561 9.577   -3.411  1.00 11.13 ? 95  ASP A C   1 
ATOM   574  O O   . ASP A 1 74  ? -14.881 8.562   -3.250  1.00 9.02  ? 95  ASP A O   1 
ATOM   575  C CB  . ASP A 1 74  ? -14.331 11.080  -4.903  1.00 10.71 ? 95  ASP A CB  1 
ATOM   576  C CG  . ASP A 1 74  ? -13.815 12.467  -5.232  1.00 16.21 ? 95  ASP A CG  1 
ATOM   577  O OD1 . ASP A 1 74  ? -14.002 13.416  -4.445  1.00 15.61 ? 95  ASP A OD1 1 
ATOM   578  O OD2 . ASP A 1 74  ? -13.212 12.605  -6.322  1.00 19.13 ? 95  ASP A OD2 1 
ATOM   579  N N   . GLU A 1 75  ? -16.877 9.535   -3.582  1.00 9.24  ? 96  GLU A N   1 
ATOM   580  C CA  A GLU A 1 75  ? -17.626 8.282   -3.586  0.40 8.28  ? 96  GLU A CA  1 
ATOM   581  C CA  B GLU A 1 75  ? -17.598 8.276   -3.559  0.60 8.16  ? 96  GLU A CA  1 
ATOM   582  C C   . GLU A 1 75  ? -17.096 7.294   -4.621  1.00 8.75  ? 96  GLU A C   1 
ATOM   583  O O   . GLU A 1 75  ? -16.994 6.098   -4.354  1.00 9.68  ? 96  GLU A O   1 
ATOM   584  C CB  A GLU A 1 75  ? -19.109 8.534   -3.893  0.40 11.57 ? 96  GLU A CB  1 
ATOM   585  C CB  B GLU A 1 75  ? -19.101 8.525   -3.737  0.60 11.42 ? 96  GLU A CB  1 
ATOM   586  C CG  A GLU A 1 75  ? -19.808 9.542   -3.005  0.40 16.30 ? 96  GLU A CG  1 
ATOM   587  C CG  B GLU A 1 75  ? -19.941 7.264   -3.699  0.60 9.49  ? 96  GLU A CG  1 
ATOM   588  C CD  A GLU A 1 75  ? -21.142 9.990   -3.590  0.40 15.60 ? 96  GLU A CD  1 
ATOM   589  C CD  B GLU A 1 75  ? -21.336 7.467   -4.264  0.60 22.34 ? 96  GLU A CD  1 
ATOM   590  O OE1 A GLU A 1 75  ? -22.120 9.220   -3.496  0.40 19.00 ? 96  GLU A OE1 1 
ATOM   591  O OE1 B GLU A 1 75  ? -21.706 8.625   -4.551  0.60 15.87 ? 96  GLU A OE1 1 
ATOM   592  O OE2 A GLU A 1 75  ? -21.207 11.109  -4.142  0.40 8.37  ? 96  GLU A OE2 1 
ATOM   593  O OE2 B GLU A 1 75  ? -22.060 6.462   -4.427  0.60 17.92 ? 96  GLU A OE2 1 
ATOM   594  N N   . GLU A 1 76  ? -16.787 7.797   -5.814  1.00 10.29 ? 97  GLU A N   1 
ATOM   595  C CA  . GLU A 1 76  ? -16.340 6.903   -6.883  1.00 8.78  ? 97  GLU A CA  1 
ATOM   596  C C   . GLU A 1 76  ? -14.954 6.337   -6.607  1.00 9.15  ? 97  GLU A C   1 
ATOM   597  O O   . GLU A 1 76  ? -14.647 5.241   -7.049  1.00 8.92  ? 97  GLU A O   1 
ATOM   598  C CB  . GLU A 1 76  ? -16.399 7.581   -8.261  1.00 13.70 ? 97  GLU A CB  1 
ATOM   599  C CG  . GLU A 1 76  ? -15.535 8.801   -8.423  1.00 18.47 ? 97  GLU A CG  1 
ATOM   600  C CD  . GLU A 1 76  ? -16.282 10.098  -8.127  1.00 26.57 ? 97  GLU A CD  1 
ATOM   601  O OE1 . GLU A 1 76  ? -16.150 11.039  -8.935  1.00 27.85 ? 97  GLU A OE1 1 
ATOM   602  O OE2 . GLU A 1 76  ? -17.000 10.181  -7.098  1.00 17.28 ? 97  GLU A OE2 1 
ATOM   603  N N   . PHE A 1 77  ? -14.122 7.079   -5.875  1.00 8.72  ? 98  PHE A N   1 
ATOM   604  C CA  . PHE A 1 77  ? -12.807 6.574   -5.469  1.00 8.31  ? 98  PHE A CA  1 
ATOM   605  C C   . PHE A 1 77  ? -12.990 5.405   -4.500  1.00 8.55  ? 98  PHE A C   1 
ATOM   606  O O   . PHE A 1 77  ? -12.371 4.344   -4.640  1.00 9.30  ? 98  PHE A O   1 
ATOM   607  C CB  . PHE A 1 77  ? -12.003 7.705   -4.816  1.00 9.10  ? 98  PHE A CB  1 
ATOM   608  C CG  . PHE A 1 77  ? -10.690 7.275   -4.214  1.00 8.50  ? 98  PHE A CG  1 
ATOM   609  C CD1 . PHE A 1 77  ? -10.621 6.833   -2.898  1.00 8.70  ? 98  PHE A CD1 1 
ATOM   610  C CD2 . PHE A 1 77  ? -9.517  7.347   -4.953  1.00 9.56  ? 98  PHE A CD2 1 
ATOM   611  C CE1 . PHE A 1 77  ? -9.406  6.452   -2.335  1.00 9.27  ? 98  PHE A CE1 1 
ATOM   612  C CE2 . PHE A 1 77  ? -8.309  6.970   -4.394  1.00 10.13 ? 98  PHE A CE2 1 
ATOM   613  C CZ  . PHE A 1 77  ? -8.254  6.523   -3.091  1.00 11.23 ? 98  PHE A CZ  1 
ATOM   614  N N   . VAL A 1 78  ? -13.859 5.586   -3.514  1.00 7.72  ? 99  VAL A N   1 
ATOM   615  C CA  . VAL A 1 78  ? -14.129 4.535   -2.559  1.00 8.06  ? 99  VAL A CA  1 
ATOM   616  C C   . VAL A 1 78  ? -14.729 3.313   -3.266  1.00 9.90  ? 99  VAL A C   1 
ATOM   617  O O   . VAL A 1 78  ? -14.283 2.189   -3.064  1.00 9.17  ? 99  VAL A O   1 
ATOM   618  C CB  . VAL A 1 78  ? -15.073 5.021   -1.448  1.00 9.67  ? 99  VAL A CB  1 
ATOM   619  C CG1 . VAL A 1 78  ? -15.421 3.882   -0.520  1.00 12.41 ? 99  VAL A CG1 1 
ATOM   620  C CG2 . VAL A 1 78  ? -14.430 6.194   -0.685  1.00 10.98 ? 99  VAL A CG2 1 
ATOM   621  N N   . ALA A 1 79  ? -15.742 3.538   -4.100  1.00 9.33  ? 100 ALA A N   1 
ATOM   622  C CA  . ALA A 1 79  ? -16.411 2.442   -4.794  1.00 9.00  ? 100 ALA A CA  1 
ATOM   623  C C   . ALA A 1 79  ? -15.460 1.663   -5.691  1.00 8.18  ? 100 ALA A C   1 
ATOM   624  O O   . ALA A 1 79  ? -15.461 0.435   -5.696  1.00 8.51  ? 100 ALA A O   1 
ATOM   625  C CB  . ALA A 1 79  ? -17.556 2.985   -5.629  1.00 11.52 ? 100 ALA A CB  1 
ATOM   626  N N   . LYS A 1 80  ? -14.668 2.393   -6.464  1.00 8.55  ? 101 LYS A N   1 
ATOM   627  C CA  . LYS A 1 80  ? -13.783 1.761   -7.424  1.00 7.79  ? 101 LYS A CA  1 
ATOM   628  C C   . LYS A 1 80  ? -12.760 0.890   -6.709  1.00 8.25  ? 101 LYS A C   1 
ATOM   629  O O   . LYS A 1 80  ? -12.515 -0.250  -7.109  1.00 8.20  ? 101 LYS A O   1 
ATOM   630  C CB  . LYS A 1 80  ? -13.133 2.801   -8.333  1.00 9.99  ? 101 LYS A CB  1 
ATOM   631  C CG  . LYS A 1 80  ? -11.999 3.580   -7.748  1.00 17.72 ? 101 LYS A CG  1 
ATOM   632  C CD  . LYS A 1 80  ? -11.591 4.697   -8.715  1.00 16.33 ? 101 LYS A CD  1 
ATOM   633  C CE  . LYS A 1 80  ? -11.268 4.157   -10.113 1.00 15.76 ? 101 LYS A CE  1 
ATOM   634  N NZ  . LYS A 1 80  ? -10.674 5.221   -11.004 1.00 25.67 ? 101 LYS A NZ  1 
ATOM   635  N N   . HIS A 1 81  ? -12.203 1.395   -5.615  1.00 8.51  ? 102 HIS A N   1 
ATOM   636  C CA  . HIS A 1 81  ? -11.187 0.615   -4.913  1.00 9.63  ? 102 HIS A CA  1 
ATOM   637  C C   . HIS A 1 81  ? -11.747 -0.517  -4.071  1.00 9.94  ? 102 HIS A C   1 
ATOM   638  O O   . HIS A 1 81  ? -11.147 -1.586  -3.995  1.00 9.91  ? 102 HIS A O   1 
ATOM   639  C CB  . HIS A 1 81  ? -10.246 1.517   -4.125  1.00 8.89  ? 102 HIS A CB  1 
ATOM   640  C CG  . HIS A 1 81  ? -9.388  2.346   -5.014  1.00 11.66 ? 102 HIS A CG  1 
ATOM   641  N ND1 . HIS A 1 81  ? -8.521  1.779   -5.924  1.00 14.40 ? 102 HIS A ND1 1 
ATOM   642  C CD2 . HIS A 1 81  ? -9.312  3.683   -5.198  1.00 12.78 ? 102 HIS A CD2 1 
ATOM   643  C CE1 . HIS A 1 81  ? -7.917  2.737   -6.603  1.00 14.19 ? 102 HIS A CE1 1 
ATOM   644  N NE2 . HIS A 1 81  ? -8.376  3.901   -6.182  1.00 13.92 ? 102 HIS A NE2 1 
ATOM   645  N N   . ARG A 1 82  ? -12.901 -0.302  -3.451  1.00 9.07  ? 103 ARG A N   1 
ATOM   646  C CA  . ARG A 1 82  ? -13.569 -1.404  -2.761  1.00 10.76 ? 103 ARG A CA  1 
ATOM   647  C C   . ARG A 1 82  ? -13.761 -2.572  -3.729  1.00 8.49  ? 103 ARG A C   1 
ATOM   648  O O   . ARG A 1 82  ? -13.458 -3.709  -3.401  1.00 10.29 ? 103 ARG A O   1 
ATOM   649  C CB  . ARG A 1 82  ? -14.929 -0.981  -2.208  1.00 12.87 ? 103 ARG A CB  1 
ATOM   650  C CG  . ARG A 1 82  ? -14.884 -0.189  -0.922  1.00 18.15 ? 103 ARG A CG  1 
ATOM   651  C CD  . ARG A 1 82  ? -16.269 -0.148  -0.285  1.00 23.15 ? 103 ARG A CD  1 
ATOM   652  N NE  . ARG A 1 82  ? -16.378 0.876   0.751   1.00 34.87 ? 103 ARG A NE  1 
ATOM   653  C CZ  . ARG A 1 82  ? -15.968 0.722   2.004   1.00 35.73 ? 103 ARG A CZ  1 
ATOM   654  N NH1 . ARG A 1 82  ? -16.112 1.712   2.878   1.00 34.83 ? 103 ARG A NH1 1 
ATOM   655  N NH2 . ARG A 1 82  ? -15.412 -0.421  2.385   1.00 38.18 ? 103 ARG A NH2 1 
ATOM   656  N N   . ALA A 1 83  ? -14.237 -2.282  -4.939  1.00 9.42  ? 104 ALA A N   1 
ATOM   657  C CA  . ALA A 1 83  ? -14.466 -3.320  -5.937  1.00 9.23  ? 104 ALA A CA  1 
ATOM   658  C C   . ALA A 1 83  ? -13.166 -3.987  -6.412  1.00 9.12  ? 104 ALA A C   1 
ATOM   659  O O   . ALA A 1 83  ? -13.102 -5.216  -6.554  1.00 9.33  ? 104 ALA A O   1 
ATOM   660  C CB  . ALA A 1 83  ? -15.237 -2.749  -7.121  1.00 9.86  ? 104 ALA A CB  1 
ATOM   661  N N   . CYS A 1 84  ? -12.138 -3.181  -6.650  1.00 8.03  ? 105 CYS A N   1 
ATOM   662  C CA  . CYS A 1 84  ? -10.844 -3.708  -7.057  1.00 7.49  ? 105 CYS A CA  1 
ATOM   663  C C   . CYS A 1 84  ? -10.311 -4.666  -5.997  1.00 9.99  ? 105 CYS A C   1 
ATOM   664  O O   . CYS A 1 84  ? -9.875  -5.768  -6.311  1.00 9.95  ? 105 CYS A O   1 
ATOM   665  C CB  . CYS A 1 84  ? -9.865  -2.560  -7.286  1.00 9.28  ? 105 CYS A CB  1 
ATOM   666  S SG  . CYS A 1 84  ? -8.232  -3.083  -7.838  1.00 10.85 ? 105 CYS A SG  1 
ATOM   667  N N   . LEU A 1 85  ? -10.355 -4.243  -4.738  1.00 8.84  ? 106 LEU A N   1 
ATOM   668  C CA  . LEU A 1 85  ? -9.834  -5.059  -3.646  1.00 8.68  ? 106 LEU A CA  1 
ATOM   669  C C   . LEU A 1 85  ? -10.641 -6.336  -3.474  1.00 11.39 ? 106 LEU A C   1 
ATOM   670  O O   . LEU A 1 85  ? -10.080 -7.404  -3.246  1.00 11.82 ? 106 LEU A O   1 
ATOM   671  C CB  . LEU A 1 85  ? -9.809  -4.243  -2.344  1.00 8.52  ? 106 LEU A CB  1 
ATOM   672  C CG  . LEU A 1 85  ? -8.826  -3.076  -2.415  1.00 9.43  ? 106 LEU A CG  1 
ATOM   673  C CD1 . LEU A 1 85  ? -9.082  -2.030  -1.341  1.00 11.92 ? 106 LEU A CD1 1 
ATOM   674  C CD2 . LEU A 1 85  ? -7.393  -3.612  -2.317  1.00 8.92  ? 106 LEU A CD2 1 
ATOM   675  N N   . GLU A 1 86  ? -11.959 -6.237  -3.583  1.00 10.61 ? 107 GLU A N   1 
ATOM   676  C CA  A GLU A 1 86  ? -12.814 -7.416  -3.496  0.37 11.58 ? 107 GLU A CA  1 
ATOM   677  C CA  B GLU A 1 86  ? -12.795 -7.422  -3.475  0.63 11.50 ? 107 GLU A CA  1 
ATOM   678  C C   . GLU A 1 86  ? -12.427 -8.422  -4.569  1.00 11.75 ? 107 GLU A C   1 
ATOM   679  O O   . GLU A 1 86  ? -12.381 -9.636  -4.323  1.00 14.80 ? 107 GLU A O   1 
ATOM   680  C CB  A GLU A 1 86  ? -14.287 -7.024  -3.659  0.37 12.63 ? 107 GLU A CB  1 
ATOM   681  C CB  B GLU A 1 86  ? -14.282 -7.046  -3.543  0.63 12.50 ? 107 GLU A CB  1 
ATOM   682  C CG  A GLU A 1 86  ? -15.282 -8.140  -3.338  0.37 13.19 ? 107 GLU A CG  1 
ATOM   683  C CG  B GLU A 1 86  ? -14.799 -6.306  -2.315  0.63 13.46 ? 107 GLU A CG  1 
ATOM   684  C CD  A GLU A 1 86  ? -15.505 -9.113  -4.487  0.37 22.33 ? 107 GLU A CD  1 
ATOM   685  C CD  B GLU A 1 86  ? -14.809 -7.171  -1.066  0.63 23.34 ? 107 GLU A CD  1 
ATOM   686  O OE1 A GLU A 1 86  ? -14.895 -8.939  -5.564  0.37 28.62 ? 107 GLU A OE1 1 
ATOM   687  O OE1 B GLU A 1 86  ? -14.840 -8.413  -1.200  0.63 34.05 ? 107 GLU A OE1 1 
ATOM   688  O OE2 A GLU A 1 86  ? -16.302 -10.059 -4.312  0.37 28.65 ? 107 GLU A OE2 1 
ATOM   689  O OE2 B GLU A 1 86  ? -14.787 -6.609  0.050   0.63 34.24 ? 107 GLU A OE2 1 
ATOM   690  N N   . ALA A 1 87  ? -12.147 -7.914  -5.767  1.00 10.42 ? 108 ALA A N   1 
ATOM   691  C CA  . ALA A 1 87  ? -11.822 -8.773  -6.903  1.00 14.28 ? 108 ALA A CA  1 
ATOM   692  C C   . ALA A 1 87  ? -10.503 -9.511  -6.722  1.00 21.04 ? 108 ALA A C   1 
ATOM   693  O O   . ALA A 1 87  ? -10.250 -10.507 -7.396  1.00 23.79 ? 108 ALA A O   1 
ATOM   694  C CB  . ALA A 1 87  ? -11.809 -7.971  -8.203  1.00 13.11 ? 108 ALA A CB  1 
ATOM   695  N N   . LYS A 1 88  ? -9.670  -9.027  -5.807  1.00 15.38 ? 109 LYS A N   1 
ATOM   696  C CA  . LYS A 1 88  ? -8.376  -9.650  -5.547  1.00 15.91 ? 109 LYS A CA  1 
ATOM   697  C C   . LYS A 1 88  ? -8.429  -10.779 -4.519  1.00 16.18 ? 109 LYS A C   1 
ATOM   698  O O   . LYS A 1 88  ? -7.413  -11.433 -4.265  1.00 18.01 ? 109 LYS A O   1 
ATOM   699  C CB  . LYS A 1 88  ? -7.359  -8.592  -5.141  1.00 17.20 ? 109 LYS A CB  1 
ATOM   700  C CG  . LYS A 1 88  ? -6.921  -7.749  -6.320  1.00 22.30 ? 109 LYS A CG  1 
ATOM   701  C CD  . LYS A 1 88  ? -6.023  -6.623  -5.889  1.00 21.98 ? 109 LYS A CD  1 
ATOM   702  C CE  . LYS A 1 88  ? -5.296  -6.035  -7.097  1.00 19.00 ? 109 LYS A CE  1 
ATOM   703  N NZ  . LYS A 1 88  ? -4.223  -6.941  -7.595  1.00 19.61 ? 109 LYS A NZ  1 
ATOM   704  N N   . ASN A 1 89  ? -9.606  -11.003 -3.943  1.00 14.81 ? 110 ASN A N   1 
ATOM   705  C CA  . ASN A 1 89  ? -9.818  -12.108 -3.007  1.00 14.46 ? 110 ASN A CA  1 
ATOM   706  C C   . ASN A 1 89  ? -8.687  -12.211 -1.996  1.00 12.47 ? 110 ASN A C   1 
ATOM   707  O O   . ASN A 1 89  ? -8.070  -13.272 -1.822  1.00 14.15 ? 110 ASN A O   1 
ATOM   708  C CB  . ASN A 1 89  ? -9.992  -13.425 -3.761  1.00 21.04 ? 110 ASN A CB  1 
ATOM   709  C CG  . ASN A 1 89  ? -11.262 -13.454 -4.584  1.00 29.86 ? 110 ASN A CG  1 
ATOM   710  O OD1 . ASN A 1 89  ? -12.239 -14.102 -4.213  1.00 47.33 ? 110 ASN A OD1 1 
ATOM   711  N ND2 . ASN A 1 89  ? -11.262 -12.735 -5.698  1.00 28.50 ? 110 ASN A ND2 1 
ATOM   712  N N   . LEU A 1 90  ? -8.435  -11.092 -1.334  1.00 12.37 ? 111 LEU A N   1 
ATOM   713  C CA  . LEU A 1 90  ? -7.301  -10.947 -0.439  1.00 11.29 ? 111 LEU A CA  1 
ATOM   714  C C   . LEU A 1 90  ? -7.280  -11.958 0.700   1.00 13.83 ? 111 LEU A C   1 
ATOM   715  O O   . LEU A 1 90  ? -6.209  -12.362 1.143   1.00 12.65 ? 111 LEU A O   1 
ATOM   716  C CB  . LEU A 1 90  ? -7.254  -9.532  0.138   1.00 14.70 ? 111 LEU A CB  1 
ATOM   717  C CG  . LEU A 1 90  ? -7.079  -8.372  -0.846  1.00 15.77 ? 111 LEU A CG  1 
ATOM   718  C CD1 . LEU A 1 90  ? -7.095  -7.046  -0.096  1.00 19.36 ? 111 LEU A CD1 1 
ATOM   719  C CD2 . LEU A 1 90  ? -5.791  -8.538  -1.627  1.00 13.37 ? 111 LEU A CD2 1 
ATOM   720  N N   . GLU A 1 91  ? -8.455  -12.354 1.172   1.00 14.08 ? 112 GLU A N   1 
ATOM   721  C CA  A GLU A 1 91  ? -8.553  -13.284 2.297   0.53 18.38 ? 112 GLU A CA  1 
ATOM   722  C CA  B GLU A 1 91  ? -8.543  -13.277 2.296   0.47 18.38 ? 112 GLU A CA  1 
ATOM   723  C C   . GLU A 1 91  ? -8.023  -14.669 1.942   1.00 19.40 ? 112 GLU A C   1 
ATOM   724  O O   . GLU A 1 91  ? -7.711  -15.466 2.829   1.00 22.36 ? 112 GLU A O   1 
ATOM   725  C CB  A GLU A 1 91  ? -10.000 -13.410 2.781   0.53 18.94 ? 112 GLU A CB  1 
ATOM   726  C CB  B GLU A 1 91  ? -9.982  -13.357 2.813   0.47 19.00 ? 112 GLU A CB  1 
ATOM   727  C CG  A GLU A 1 91  ? -10.960 -12.450 2.122   0.53 26.82 ? 112 GLU A CG  1 
ATOM   728  C CG  B GLU A 1 91  ? -10.544 -12.019 3.274   0.47 22.30 ? 112 GLU A CG  1 
ATOM   729  C CD  A GLU A 1 91  ? -11.270 -12.853 0.698   0.53 20.84 ? 112 GLU A CD  1 
ATOM   730  C CD  B GLU A 1 91  ? -9.770  -11.421 4.434   0.47 27.79 ? 112 GLU A CD  1 
ATOM   731  O OE1 A GLU A 1 91  ? -11.650 -14.024 0.480   0.53 30.66 ? 112 GLU A OE1 1 
ATOM   732  O OE1 B GLU A 1 91  ? -9.084  -12.179 5.153   0.47 33.83 ? 112 GLU A OE1 1 
ATOM   733  O OE2 A GLU A 1 91  ? -11.129 -12.004 -0.199  0.53 21.51 ? 112 GLU A OE2 1 
ATOM   734  O OE2 B GLU A 1 91  ? -9.853  -10.189 4.632   0.47 30.71 ? 112 GLU A OE2 1 
ATOM   735  N N   . THR A 1 92  ? -7.926  -14.959 0.647   1.00 11.12 ? 113 THR A N   1 
ATOM   736  C CA  . THR A 1 92  ? -7.437  -16.261 0.203   1.00 14.41 ? 113 THR A CA  1 
ATOM   737  C C   . THR A 1 92  ? -5.932  -16.273 -0.033  1.00 17.43 ? 113 THR A C   1 
ATOM   738  O O   . THR A 1 92  ? -5.351  -17.313 -0.337  1.00 17.23 ? 113 THR A O   1 
ATOM   739  C CB  . THR A 1 92  ? -8.119  -16.745 -1.098  1.00 17.07 ? 113 THR A CB  1 
ATOM   740  O OG1 . THR A 1 92  ? -7.642  -15.976 -2.206  1.00 21.81 ? 113 THR A OG1 1 
ATOM   741  C CG2 . THR A 1 92  ? -9.631  -16.636 -0.996  1.00 24.78 ? 113 THR A CG2 1 
ATOM   742  N N   . ILE A 1 93  ? -5.301  -15.112 0.090   1.00 12.06 ? 114 ILE A N   1 
ATOM   743  C CA  . ILE A 1 93  ? -3.861  -15.021 -0.084  1.00 12.83 ? 114 ILE A CA  1 
ATOM   744  C C   . ILE A 1 93  ? -3.212  -15.272 1.269   1.00 12.73 ? 114 ILE A C   1 
ATOM   745  O O   . ILE A 1 93  ? -3.326  -14.459 2.187   1.00 13.20 ? 114 ILE A O   1 
ATOM   746  C CB  . ILE A 1 93  ? -3.451  -13.656 -0.660  1.00 12.30 ? 114 ILE A CB  1 
ATOM   747  C CG1 . ILE A 1 93  ? -4.107  -13.451 -2.024  1.00 12.11 ? 114 ILE A CG1 1 
ATOM   748  C CG2 . ILE A 1 93  ? -1.939  -13.582 -0.815  1.00 14.50 ? 114 ILE A CG2 1 
ATOM   749  C CD1 . ILE A 1 93  ? -3.821  -12.096 -2.643  1.00 16.57 ? 114 ILE A CD1 1 
ATOM   750  N N   . GLU A 1 94  ? -2.540  -16.415 1.385   1.00 20.96 ? 115 GLU A N   1 
ATOM   751  C CA  A GLU A 1 94  ? -2.019  -16.859 2.671   0.46 21.99 ? 115 GLU A CA  1 
ATOM   752  C CA  B GLU A 1 94  ? -2.003  -16.875 2.662   0.54 22.00 ? 115 GLU A CA  1 
ATOM   753  C C   . GLU A 1 94  ? -0.809  -16.047 3.127   1.00 15.73 ? 115 GLU A C   1 
ATOM   754  O O   . GLU A 1 94  ? -0.668  -15.752 4.310   1.00 18.59 ? 115 GLU A O   1 
ATOM   755  C CB  A GLU A 1 94  ? -1.684  -18.350 2.618   0.46 26.41 ? 115 GLU A CB  1 
ATOM   756  C CB  B GLU A 1 94  ? -1.600  -18.348 2.568   0.54 26.41 ? 115 GLU A CB  1 
ATOM   757  C CG  A GLU A 1 94  ? -1.753  -19.047 3.966   0.46 31.61 ? 115 GLU A CG  1 
ATOM   758  C CG  B GLU A 1 94  ? -2.599  -19.233 1.838   0.54 24.24 ? 115 GLU A CG  1 
ATOM   759  C CD  A GLU A 1 94  ? -2.163  -20.503 3.846   0.46 31.34 ? 115 GLU A CD  1 
ATOM   760  C CD  B GLU A 1 94  ? -2.288  -19.385 0.359   0.54 33.34 ? 115 GLU A CD  1 
ATOM   761  O OE1 A GLU A 1 94  ? -2.292  -20.996 2.705   0.46 34.61 ? 115 GLU A OE1 1 
ATOM   762  O OE1 B GLU A 1 94  ? -2.168  -18.358 -0.345  0.54 25.76 ? 115 GLU A OE1 1 
ATOM   763  O OE2 A GLU A 1 94  ? -2.363  -21.153 4.894   0.46 30.96 ? 115 GLU A OE2 1 
ATOM   764  O OE2 B GLU A 1 94  ? -2.169  -20.541 -0.102  0.54 34.77 ? 115 GLU A OE2 1 
ATOM   765  N N   . ASP A 1 95  ? 0.048   -15.678 2.183   1.00 18.61 ? 116 ASP A N   1 
ATOM   766  C CA  . ASP A 1 95  ? 1.231   -14.886 2.499   1.00 18.68 ? 116 ASP A CA  1 
ATOM   767  C C   . ASP A 1 95  ? 0.830   -13.434 2.767   1.00 13.40 ? 116 ASP A C   1 
ATOM   768  O O   . ASP A 1 95  ? 0.321   -12.759 1.873   1.00 13.46 ? 116 ASP A O   1 
ATOM   769  C CB  . ASP A 1 95  ? 2.227   -14.961 1.342   1.00 17.00 ? 116 ASP A CB  1 
ATOM   770  C CG  . ASP A 1 95  ? 3.561   -14.337 1.680   1.00 19.50 ? 116 ASP A CG  1 
ATOM   771  O OD1 . ASP A 1 95  ? 4.564   -15.073 1.736   1.00 33.07 ? 116 ASP A OD1 1 
ATOM   772  O OD2 . ASP A 1 95  ? 3.612   -13.116 1.899   1.00 13.44 ? 116 ASP A OD2 1 
ATOM   773  N N   . LEU A 1 96  ? 1.056   -12.965 3.992   1.00 11.69 ? 117 LEU A N   1 
ATOM   774  C CA  . LEU A 1 96  ? 0.641   -11.616 4.400   1.00 12.50 ? 117 LEU A CA  1 
ATOM   775  C C   . LEU A 1 96  ? 1.307   -10.506 3.595   1.00 13.23 ? 117 LEU A C   1 
ATOM   776  O O   . LEU A 1 96  ? 0.714   -9.457  3.353   1.00 11.02 ? 117 LEU A O   1 
ATOM   777  C CB  . LEU A 1 96  ? 0.925   -11.385 5.886   1.00 14.97 ? 117 LEU A CB  1 
ATOM   778  C CG  . LEU A 1 96  ? 0.097   -12.176 6.895   1.00 20.82 ? 117 LEU A CG  1 
ATOM   779  C CD1 . LEU A 1 96  ? 0.350   -11.633 8.289   1.00 20.24 ? 117 LEU A CD1 1 
ATOM   780  C CD2 . LEU A 1 96  ? -1.384  -12.101 6.549   1.00 19.17 ? 117 LEU A CD2 1 
ATOM   781  N N   . CYS A 1 97  ? 2.553   -10.722 3.202   1.00 9.92  ? 118 CYS A N   1 
ATOM   782  C CA  . CYS A 1 97  ? 3.239   -9.722  2.401   1.00 9.42  ? 118 CYS A CA  1 
ATOM   783  C C   . CYS A 1 97  ? 2.671   -9.694  0.993   1.00 8.85  ? 118 CYS A C   1 
ATOM   784  O O   . CYS A 1 97  ? 2.429   -8.624  0.436   1.00 9.11  ? 118 CYS A O   1 
ATOM   785  C CB  . CYS A 1 97  ? 4.731   -10.015 2.344   1.00 10.30 ? 118 CYS A CB  1 
ATOM   786  S SG  . CYS A 1 97  ? 5.523   -9.962  3.952   1.00 11.42 ? 118 CYS A SG  1 
ATOM   787  N N   . GLU A 1 98  ? 2.472   -10.869 0.406   1.00 10.03 ? 119 GLU A N   1 
ATOM   788  C CA  . GLU A 1 98  ? 1.891   -10.930 -0.929  1.00 10.11 ? 119 GLU A CA  1 
ATOM   789  C C   . GLU A 1 98  ? 0.494   -10.293 -0.932  1.00 8.94  ? 119 GLU A C   1 
ATOM   790  O O   . GLU A 1 98  ? 0.117   -9.596  -1.879  1.00 9.46  ? 119 GLU A O   1 
ATOM   791  C CB  . GLU A 1 98  ? 1.826   -12.379 -1.424  1.00 12.51 ? 119 GLU A CB  1 
ATOM   792  C CG  . GLU A 1 98  ? 1.315   -12.518 -2.849  1.00 17.32 ? 119 GLU A CG  1 
ATOM   793  C CD  . GLU A 1 98  ? 1.139   -13.966 -3.255  1.00 28.05 ? 119 GLU A CD  1 
ATOM   794  O OE1 . GLU A 1 98  ? 0.349   -14.232 -4.184  1.00 33.16 ? 119 GLU A OE1 1 
ATOM   795  O OE2 . GLU A 1 98  ? 1.784   -14.835 -2.631  1.00 27.41 ? 119 GLU A OE2 1 
ATOM   796  N N   . ARG A 1 99  ? -0.265  -10.533 0.132   1.00 8.96  ? 120 ARG A N   1 
ATOM   797  C CA  . ARG A 1 99  ? -1.601  -9.966  0.264   1.00 7.83  ? 120 ARG A CA  1 
ATOM   798  C C   . ARG A 1 99  ? -1.569  -8.436  0.257   1.00 9.67  ? 120 ARG A C   1 
ATOM   799  O O   . ARG A 1 99  ? -2.346  -7.795  -0.463  1.00 9.46  ? 120 ARG A O   1 
ATOM   800  C CB  . ARG A 1 99  ? -2.283  -10.483 1.531   1.00 11.27 ? 120 ARG A CB  1 
ATOM   801  C CG  . ARG A 1 99  ? -3.740  -10.082 1.653   1.00 10.13 ? 120 ARG A CG  1 
ATOM   802  C CD  . ARG A 1 99  ? -4.268  -10.345 3.047   1.00 12.13 ? 120 ARG A CD  1 
ATOM   803  N NE  . ARG A 1 99  ? -4.254  -11.771 3.348   1.00 11.71 ? 120 ARG A NE  1 
ATOM   804  C CZ  . ARG A 1 99  ? -4.474  -12.276 4.555   1.00 20.59 ? 120 ARG A CZ  1 
ATOM   805  N NH1 . ARG A 1 99  ? -4.721  -11.466 5.577   1.00 18.51 ? 120 ARG A NH1 1 
ATOM   806  N NH2 . ARG A 1 99  ? -4.439  -13.589 4.739   1.00 18.85 ? 120 ARG A NH2 1 
ATOM   807  N N   . ALA A 1 100 ? -0.682  -7.849  1.060   1.00 7.32  ? 121 ALA A N   1 
ATOM   808  C CA  . ALA A 1 100 ? -0.581  -6.396  1.123   1.00 8.66  ? 121 ALA A CA  1 
ATOM   809  C C   . ALA A 1 100 ? -0.150  -5.831  -0.220  1.00 8.94  ? 121 ALA A C   1 
ATOM   810  O O   . ALA A 1 100 ? -0.675  -4.818  -0.672  1.00 7.94  ? 121 ALA A O   1 
ATOM   811  C CB  . ALA A 1 100 ? 0.397   -5.962  2.222   1.00 9.67  ? 121 ALA A CB  1 
ATOM   812  N N   . TYR A 1 101 ? 0.819   -6.479  -0.863  1.00 7.89  ? 122 TYR A N   1 
ATOM   813  C CA  . TYR A 1 101 ? 1.299   -5.989  -2.145  1.00 7.12  ? 122 TYR A CA  1 
ATOM   814  C C   . TYR A 1 101 ? 0.187   -6.027  -3.197  1.00 8.82  ? 122 TYR A C   1 
ATOM   815  O O   . TYR A 1 101 ? -0.017  -5.055  -3.935  1.00 8.36  ? 122 TYR A O   1 
ATOM   816  C CB  . TYR A 1 101 ? 2.505   -6.811  -2.596  1.00 9.02  ? 122 TYR A CB  1 
ATOM   817  C CG  . TYR A 1 101 ? 3.178   -6.280  -3.839  1.00 8.21  ? 122 TYR A CG  1 
ATOM   818  C CD1 . TYR A 1 101 ? 2.879   -6.805  -5.088  1.00 10.50 ? 122 TYR A CD1 1 
ATOM   819  C CD2 . TYR A 1 101 ? 4.127   -5.268  -3.764  1.00 10.09 ? 122 TYR A CD2 1 
ATOM   820  C CE1 . TYR A 1 101 ? 3.495   -6.319  -6.231  1.00 14.33 ? 122 TYR A CE1 1 
ATOM   821  C CE2 . TYR A 1 101 ? 4.750   -4.772  -4.905  1.00 11.57 ? 122 TYR A CE2 1 
ATOM   822  C CZ  . TYR A 1 101 ? 4.425   -5.308  -6.132  1.00 13.17 ? 122 TYR A CZ  1 
ATOM   823  O OH  . TYR A 1 101 ? 5.031   -4.836  -7.276  1.00 16.02 ? 122 TYR A OH  1 
ATOM   824  N N   . SER A 1 102 ? -0.536  -7.145  -3.248  1.00 8.43  ? 123 SER A N   1 
ATOM   825  C CA  . SER A 1 102 ? -1.669  -7.273  -4.155  1.00 8.11  ? 123 SER A CA  1 
ATOM   826  C C   . SER A 1 102 ? -2.706  -6.188  -3.892  1.00 8.40  ? 123 SER A C   1 
ATOM   827  O O   . SER A 1 102 ? -3.220  -5.569  -4.821  1.00 9.10  ? 123 SER A O   1 
ATOM   828  C CB  A SER A 1 102 ? -2.317  -8.650  -4.038  0.76 9.39  ? 123 SER A CB  1 
ATOM   829  C CB  B SER A 1 102 ? -2.309  -8.654  -4.015  0.24 9.50  ? 123 SER A CB  1 
ATOM   830  O OG  A SER A 1 102 ? -3.367  -8.776  -4.984  0.76 13.38 ? 123 SER A OG  1 
ATOM   831  O OG  B SER A 1 102 ? -1.376  -9.677  -4.310  0.24 12.97 ? 123 SER A OG  1 
ATOM   832  N N   . ALA A 1 103 ? -3.006  -5.947  -2.621  1.00 8.13  ? 124 ALA A N   1 
ATOM   833  C CA  . ALA A 1 103 ? -3.974  -4.920  -2.261  1.00 7.29  ? 124 ALA A CA  1 
ATOM   834  C C   . ALA A 1 103 ? -3.548  -3.569  -2.813  1.00 8.97  ? 124 ALA A C   1 
ATOM   835  O O   . ALA A 1 103 ? -4.337  -2.871  -3.458  1.00 10.27 ? 124 ALA A O   1 
ATOM   836  C CB  . ALA A 1 103 ? -4.133  -4.856  -0.745  1.00 9.39  ? 124 ALA A CB  1 
ATOM   837  N N   . PHE A 1 104 ? -2.295  -3.199  -2.575  1.00 7.85  ? 125 PHE A N   1 
ATOM   838  C CA  . PHE A 1 104 ? -1.828  -1.891  -3.004  1.00 11.39 ? 125 PHE A CA  1 
ATOM   839  C C   . PHE A 1 104 ? -1.746  -1.726  -4.522  1.00 11.30 ? 125 PHE A C   1 
ATOM   840  O O   . PHE A 1 104 ? -1.780  -0.607  -5.028  1.00 10.59 ? 125 PHE A O   1 
ATOM   841  C CB  . PHE A 1 104 ? -0.515  -1.521  -2.316  1.00 13.52 ? 125 PHE A CB  1 
ATOM   842  C CG  . PHE A 1 104 ? -0.707  -0.932  -0.940  1.00 10.68 ? 125 PHE A CG  1 
ATOM   843  C CD1 . PHE A 1 104 ? -1.163  0.370   -0.790  1.00 14.20 ? 125 PHE A CD1 1 
ATOM   844  C CD2 . PHE A 1 104 ? -0.444  -1.684  0.199   1.00 11.91 ? 125 PHE A CD2 1 
ATOM   845  C CE1 . PHE A 1 104 ? -1.350  0.919   0.470   1.00 13.25 ? 125 PHE A CE1 1 
ATOM   846  C CE2 . PHE A 1 104 ? -0.620  -1.140  1.463   1.00 15.86 ? 125 PHE A CE2 1 
ATOM   847  C CZ  . PHE A 1 104 ? -1.073  0.166   1.596   1.00 14.36 ? 125 PHE A CZ  1 
ATOM   848  N N   . GLN A 1 105 ? -1.675  -2.828  -5.260  1.00 8.38  ? 126 GLN A N   1 
ATOM   849  C CA  . GLN A 1 105 ? -1.721  -2.725  -6.713  1.00 9.96  ? 126 GLN A CA  1 
ATOM   850  C C   . GLN A 1 105 ? -2.998  -2.027  -7.198  1.00 10.68 ? 126 GLN A C   1 
ATOM   851  O O   . GLN A 1 105 ? -2.997  -1.383  -8.250  1.00 10.57 ? 126 GLN A O   1 
ATOM   852  C CB  . GLN A 1 105 ? -1.571  -4.096  -7.372  1.00 9.87  ? 126 GLN A CB  1 
ATOM   853  C CG  . GLN A 1 105 ? -0.164  -4.677  -7.272  1.00 12.79 ? 126 GLN A CG  1 
ATOM   854  C CD  . GLN A 1 105 ? -0.059  -6.025  -7.934  1.00 21.51 ? 126 GLN A CD  1 
ATOM   855  O OE1 . GLN A 1 105 ? 0.929   -6.323  -8.605  1.00 27.02 ? 126 GLN A OE1 1 
ATOM   856  N NE2 . GLN A 1 105 ? -1.087  -6.849  -7.763  1.00 20.18 ? 126 GLN A NE2 1 
ATOM   857  N N   . CYS A 1 106 ? -4.079  -2.142  -6.436  1.00 7.69  ? 127 CYS A N   1 
ATOM   858  C CA  . CYS A 1 106 ? -5.317  -1.455  -6.802  1.00 8.57  ? 127 CYS A CA  1 
ATOM   859  C C   . CYS A 1 106 ? -5.132  0.052   -6.862  1.00 10.71 ? 127 CYS A C   1 
ATOM   860  O O   . CYS A 1 106 ? -5.790  0.727   -7.655  1.00 12.69 ? 127 CYS A O   1 
ATOM   861  C CB  . CYS A 1 106 ? -6.428  -1.787  -5.814  1.00 8.25  ? 127 CYS A CB  1 
ATOM   862  S SG  . CYS A 1 106 ? -7.158  -3.404  -6.119  1.00 11.26 ? 127 CYS A SG  1 
ATOM   863  N N   . LEU A 1 107 ? -4.223  0.574   -6.046  1.00 8.97  ? 128 LEU A N   1 
ATOM   864  C CA  . LEU A 1 107 ? -4.041  2.022   -5.941  1.00 10.48 ? 128 LEU A CA  1 
ATOM   865  C C   . LEU A 1 107 ? -2.850  2.530   -6.754  1.00 13.27 ? 128 LEU A C   1 
ATOM   866  O O   . LEU A 1 107 ? -2.493  3.704   -6.667  1.00 11.32 ? 128 LEU A O   1 
ATOM   867  C CB  A LEU A 1 107 ? -3.841  2.414   -4.474  0.46 13.26 ? 128 LEU A CB  1 
ATOM   868  C CB  B LEU A 1 107 ? -3.958  2.467   -4.473  0.54 13.30 ? 128 LEU A CB  1 
ATOM   869  C CG  A LEU A 1 107 ? -5.048  2.354   -3.536  0.46 12.66 ? 128 LEU A CG  1 
ATOM   870  C CG  B LEU A 1 107 ? -5.295  2.512   -3.715  0.54 12.35 ? 128 LEU A CG  1 
ATOM   871  C CD1 A LEU A 1 107 ? -4.595  2.344   -2.083  0.46 12.35 ? 128 LEU A CD1 1 
ATOM   872  C CD1 B LEU A 1 107 ? -5.736  1.127   -3.278  0.54 12.36 ? 128 LEU A CD1 1 
ATOM   873  C CD2 A LEU A 1 107 ? -5.971  3.526   -3.806  0.46 15.18 ? 128 LEU A CD2 1 
ATOM   874  C CD2 B LEU A 1 107 ? -5.213  3.438   -2.510  0.54 15.25 ? 128 LEU A CD2 1 
ATOM   875  N N   . ARG A 1 108 ? -2.239  1.654   -7.548  1.00 12.24 ? 129 ARG A N   1 
ATOM   876  C CA  . ARG A 1 108 ? -1.050  2.031   -8.311  1.00 12.16 ? 129 ARG A CA  1 
ATOM   877  C C   . ARG A 1 108 ? -1.297  3.243   -9.209  1.00 12.00 ? 129 ARG A C   1 
ATOM   878  O O   . ARG A 1 108 ? -0.535  4.210   -9.170  1.00 12.37 ? 129 ARG A O   1 
ATOM   879  C CB  . ARG A 1 108 ? -0.539  0.846   -9.141  1.00 16.20 ? 129 ARG A CB  1 
ATOM   880  C CG  . ARG A 1 108 ? 0.546   1.222   -10.155 1.00 19.84 ? 129 ARG A CG  1 
ATOM   881  C CD  . ARG A 1 108 ? 1.057   0.000   -10.912 1.00 23.04 ? 129 ARG A CD  1 
ATOM   882  N NE  . ARG A 1 108 ? 2.042   0.372   -11.927 1.00 29.62 ? 129 ARG A NE  1 
ATOM   883  C CZ  . ARG A 1 108 ? 2.325   -0.366  -12.996 1.00 37.89 ? 129 ARG A CZ  1 
ATOM   884  N NH1 . ARG A 1 108 ? 1.697   -1.517  -13.193 1.00 39.34 ? 129 ARG A NH1 1 
ATOM   885  N NH2 . ARG A 1 108 ? 3.235   0.048   -13.871 1.00 33.79 ? 129 ARG A NH2 1 
ATOM   886  N N   . GLU A 1 109 ? -2.347  3.186   -10.017 1.00 14.33 ? 130 GLU A N   1 
ATOM   887  C CA  . GLU A 1 109 ? -2.637  4.269   -10.955 1.00 13.10 ? 130 GLU A CA  1 
ATOM   888  C C   . GLU A 1 109 ? -2.830  5.601   -10.226 1.00 16.78 ? 130 GLU A C   1 
ATOM   889  O O   . GLU A 1 109 ? -2.399  6.642   -10.711 1.00 13.63 ? 130 GLU A O   1 
ATOM   890  C CB  . GLU A 1 109 ? -3.861  3.943   -11.821 1.00 15.24 ? 130 GLU A CB  1 
ATOM   891  C CG  . GLU A 1 109 ? -3.647  2.833   -12.842 1.00 18.67 ? 130 GLU A CG  1 
ATOM   892  C CD  . GLU A 1 109 ? -3.922  1.448   -12.283 1.00 21.09 ? 130 GLU A CD  1 
ATOM   893  O OE1 . GLU A 1 109 ? -3.964  0.487   -13.086 1.00 21.90 ? 130 GLU A OE1 1 
ATOM   894  O OE2 . GLU A 1 109 ? -4.101  1.320   -11.050 1.00 16.46 ? 130 GLU A OE2 1 
ATOM   895  N N   . ASP A 1 110 ? -3.475  5.565   -9.062  1.00 13.29 ? 131 ASP A N   1 
ATOM   896  C CA  . ASP A 1 110 ? -3.723  6.778   -8.295  1.00 9.90  ? 131 ASP A CA  1 
ATOM   897  C C   . ASP A 1 110 ? -2.427  7.395   -7.787  1.00 13.16 ? 131 ASP A C   1 
ATOM   898  O O   . ASP A 1 110 ? -2.223  8.609   -7.876  1.00 12.89 ? 131 ASP A O   1 
ATOM   899  C CB  . ASP A 1 110 ? -4.647  6.474   -7.115  1.00 12.39 ? 131 ASP A CB  1 
ATOM   900  C CG  . ASP A 1 110 ? -5.930  5.806   -7.544  1.00 15.92 ? 131 ASP A CG  1 
ATOM   901  O OD1 . ASP A 1 110 ? -6.960  6.501   -7.622  1.00 17.05 ? 131 ASP A OD1 1 
ATOM   902  O OD2 . ASP A 1 110 ? -5.903  4.591   -7.825  1.00 21.72 ? 131 ASP A OD2 1 
ATOM   903  N N   . TYR A 1 111 ? -1.554  6.560   -7.241  1.00 11.25 ? 132 TYR A N   1 
ATOM   904  C CA  . TYR A 1 111 ? -0.309  7.055   -6.685  1.00 12.00 ? 132 TYR A CA  1 
ATOM   905  C C   . TYR A 1 111 ? 0.591   7.578   -7.790  1.00 15.99 ? 132 TYR A C   1 
ATOM   906  O O   . TYR A 1 111 ? 1.242   8.612   -7.630  1.00 17.23 ? 132 TYR A O   1 
ATOM   907  C CB  . TYR A 1 111 ? 0.387   5.979   -5.843  1.00 13.66 ? 132 TYR A CB  1 
ATOM   908  C CG  . TYR A 1 111 ? -0.099  5.972   -4.409  1.00 11.71 ? 132 TYR A CG  1 
ATOM   909  C CD1 . TYR A 1 111 ? 0.383   6.899   -3.499  1.00 14.26 ? 132 TYR A CD1 1 
ATOM   910  C CD2 . TYR A 1 111 ? -1.054  5.062   -3.973  1.00 12.15 ? 132 TYR A CD2 1 
ATOM   911  C CE1 . TYR A 1 111 ? -0.056  6.922   -2.191  1.00 12.74 ? 132 TYR A CE1 1 
ATOM   912  C CE2 . TYR A 1 111 ? -1.507  5.070   -2.659  1.00 10.84 ? 132 TYR A CE2 1 
ATOM   913  C CZ  . TYR A 1 111 ? -1.005  6.008   -1.774  1.00 11.97 ? 132 TYR A CZ  1 
ATOM   914  O OH  . TYR A 1 111 ? -1.429  6.038   -0.461  1.00 11.21 ? 132 TYR A OH  1 
ATOM   915  N N   . GLU A 1 112 ? 0.596   6.890   -8.924  1.00 13.96 ? 133 GLU A N   1 
ATOM   916  C CA  . GLU A 1 112 ? 1.434   7.323   -10.037 1.00 16.54 ? 133 GLU A CA  1 
ATOM   917  C C   . GLU A 1 112 ? 0.945   8.653   -10.603 1.00 17.30 ? 133 GLU A C   1 
ATOM   918  O O   . GLU A 1 112 ? 1.751   9.516   -10.940 1.00 17.98 ? 133 GLU A O   1 
ATOM   919  C CB  . GLU A 1 112 ? 1.562   6.234   -11.111 1.00 17.90 ? 133 GLU A CB  1 
ATOM   920  C CG  . GLU A 1 112 ? 2.260   4.994   -10.572 1.00 20.66 ? 133 GLU A CG  1 
ATOM   921  C CD  . GLU A 1 112 ? 2.875   4.120   -11.649 1.00 28.63 ? 133 GLU A CD  1 
ATOM   922  O OE1 . GLU A 1 112 ? 2.914   4.545   -12.823 1.00 27.20 ? 133 GLU A OE1 1 
ATOM   923  O OE2 . GLU A 1 112 ? 3.328   3.005   -11.312 1.00 29.99 ? 133 GLU A OE2 1 
ATOM   924  N N   . MET A 1 113 ? -0.366  8.843   -10.678 1.00 14.84 ? 134 MET A N   1 
ATOM   925  C CA  . MET A 1 113 ? -0.881  10.112  -11.172 1.00 18.02 ? 134 MET A CA  1 
ATOM   926  C C   . MET A 1 113 ? -0.502  11.239  -10.219 1.00 20.00 ? 134 MET A C   1 
ATOM   927  O O   . MET A 1 113 ? -0.091  12.318  -10.644 1.00 22.79 ? 134 MET A O   1 
ATOM   928  C CB  . MET A 1 113 ? -2.395  10.065  -11.347 1.00 18.88 ? 134 MET A CB  1 
ATOM   929  C CG  . MET A 1 113 ? -2.930  11.271  -12.087 1.00 25.92 ? 134 MET A CG  1 
ATOM   930  S SD  . MET A 1 113 ? -4.674  11.122  -12.483 1.00 26.45 ? 134 MET A SD  1 
ATOM   931  C CE  . MET A 1 113 ? -5.412  11.423  -10.881 1.00 20.69 ? 134 MET A CE  1 
ATOM   932  N N   . TYR A 1 114 ? -0.648  10.980  -8.924  1.00 15.11 ? 135 TYR A N   1 
ATOM   933  C CA  . TYR A 1 114 ? -0.327  11.965  -7.905  1.00 20.04 ? 135 TYR A CA  1 
ATOM   934  C C   . TYR A 1 114 ? 1.155   12.325  -7.949  1.00 20.71 ? 135 TYR A C   1 
ATOM   935  O O   . TYR A 1 114 ? 1.523   13.494  -7.834  1.00 23.51 ? 135 TYR A O   1 
ATOM   936  C CB  . TYR A 1 114 ? -0.701  11.425  -6.525  1.00 15.98 ? 135 TYR A CB  1 
ATOM   937  C CG  . TYR A 1 114 ? -0.286  12.321  -5.385  1.00 24.22 ? 135 TYR A CG  1 
ATOM   938  C CD1 . TYR A 1 114 ? -0.671  13.654  -5.356  1.00 22.52 ? 135 TYR A CD1 1 
ATOM   939  C CD2 . TYR A 1 114 ? 0.476   11.837  -4.332  1.00 24.07 ? 135 TYR A CD2 1 
ATOM   940  C CE1 . TYR A 1 114 ? -0.299  14.483  -4.317  1.00 21.73 ? 135 TYR A CE1 1 
ATOM   941  C CE2 . TYR A 1 114 ? 0.849   12.663  -3.280  1.00 23.88 ? 135 TYR A CE2 1 
ATOM   942  C CZ  . TYR A 1 114 ? 0.456   13.983  -3.282  1.00 25.06 ? 135 TYR A CZ  1 
ATOM   943  O OH  . TYR A 1 114 ? 0.819   14.816  -2.247  1.00 30.48 ? 135 TYR A OH  1 
ATOM   944  N N   . GLN A 1 115 ? 1.995   11.314  -8.127  1.00 19.30 ? 136 GLN A N   1 
ATOM   945  C CA  . GLN A 1 115 ? 3.440   11.503  -8.154  1.00 28.35 ? 136 GLN A CA  1 
ATOM   946  C C   . GLN A 1 115 ? 3.900   12.235  -9.414  1.00 29.73 ? 136 GLN A C   1 
ATOM   947  O O   . GLN A 1 115 ? 4.892   12.963  -9.391  1.00 31.84 ? 136 GLN A O   1 
ATOM   948  C CB  . GLN A 1 115 ? 4.148   10.154  -8.002  1.00 19.46 ? 136 GLN A CB  1 
ATOM   949  C CG  . GLN A 1 115 ? 3.992   9.560   -6.606  1.00 26.59 ? 136 GLN A CG  1 
ATOM   950  C CD  . GLN A 1 115 ? 4.139   8.049   -6.575  1.00 36.33 ? 136 GLN A CD  1 
ATOM   951  O OE1 . GLN A 1 115 ? 4.398   7.414   -7.601  1.00 34.91 ? 136 GLN A OE1 1 
ATOM   952  N NE2 . GLN A 1 115 ? 3.970   7.463   -5.393  1.00 30.51 ? 136 GLN A NE2 1 
ATOM   953  N N   . ASN A 1 116 ? 3.168   12.050  -10.508 1.00 28.06 ? 137 ASN A N   1 
ATOM   954  C CA  . ASN A 1 116 ? 3.492   12.716  -11.765 1.00 28.12 ? 137 ASN A CA  1 
ATOM   955  C C   . ASN A 1 116 ? 2.900   14.121  -11.852 1.00 38.54 ? 137 ASN A C   1 
ATOM   956  O O   . ASN A 1 116 ? 3.187   14.869  -12.788 1.00 49.89 ? 137 ASN A O   1 
ATOM   957  C CB  . ASN A 1 116 ? 3.044   11.870  -12.958 1.00 32.64 ? 137 ASN A CB  1 
ATOM   958  C CG  . ASN A 1 116 ? 3.911   10.643  -13.157 1.00 39.43 ? 137 ASN A CG  1 
ATOM   959  O OD1 . ASN A 1 116 ? 5.126   10.690  -12.959 1.00 49.46 ? 137 ASN A OD1 1 
ATOM   960  N ND2 . ASN A 1 116 ? 3.293   9.537   -13.553 1.00 48.84 ? 137 ASN A ND2 1 
ATOM   961  N N   . ASN A 1 117 ? 2.075   14.475  -10.873 1.00 33.41 ? 138 ASN A N   1 
ATOM   962  C CA  . ASN A 1 117 ? 1.515   15.819  -10.793 1.00 44.30 ? 138 ASN A CA  1 
ATOM   963  C C   . ASN A 1 117 ? 2.414   16.737  -9.975  1.00 44.01 ? 138 ASN A C   1 
ATOM   964  O O   . ASN A 1 117 ? 2.389   17.957  -10.140 1.00 55.88 ? 138 ASN A O   1 
ATOM   965  C CB  . ASN A 1 117 ? 0.108   15.790  -10.188 1.00 41.49 ? 138 ASN A CB  1 
ATOM   966  C CG  . ASN A 1 117 ? -0.909  15.122  -11.097 1.00 46.24 ? 138 ASN A CG  1 
ATOM   967  O OD1 . ASN A 1 117 ? -0.599  14.753  -12.230 1.00 50.58 ? 138 ASN A OD1 1 
ATOM   968  N ND2 . ASN A 1 117 ? -2.134  14.966  -10.602 1.00 44.47 ? 138 ASN A ND2 1 
ATOM   969  N N   . ASN A 1 118 ? 3.210   16.140  -9.093  1.00 50.93 ? 139 ASN A N   1 
ATOM   970  C CA  . ASN A 1 118 ? 4.126   16.894  -8.245  1.00 51.52 ? 139 ASN A CA  1 
ATOM   971  C C   . ASN A 1 118 ? 5.543   16.908  -8.806  1.00 51.16 ? 139 ASN A C   1 
ATOM   972  O O   . ASN A 1 118 ? 6.513   16.752  -8.063  1.00 55.06 ? 139 ASN A O   1 
ATOM   973  C CB  . ASN A 1 118 ? 4.142   16.321  -6.828  1.00 53.54 ? 139 ASN A CB  1 
ATOM   974  C CG  . ASN A 1 118 ? 2.756   16.221  -6.222  1.00 44.69 ? 139 ASN A CG  1 
ATOM   975  O OD1 . ASN A 1 118 ? 1.862   17.004  -6.547  1.00 52.39 ? 139 ASN A OD1 1 
ATOM   976  N ND2 . ASN A 1 118 ? 2.572   15.253  -5.331  1.00 44.27 ? 139 ASN A ND2 1 
ATOM   977  N N   . GLU A 1 132 ? -12.333 6.665   9.014   1.00 23.64 ? 153 GLU A N   1 
ATOM   978  C CA  . GLU A 1 132 ? -11.691 5.560   8.304   1.00 26.89 ? 153 GLU A CA  1 
ATOM   979  C C   . GLU A 1 132 ? -12.651 4.880   7.337   1.00 22.33 ? 153 GLU A C   1 
ATOM   980  O O   . GLU A 1 132 ? -13.848 4.763   7.611   1.00 26.45 ? 153 GLU A O   1 
ATOM   981  C CB  . GLU A 1 132 ? -11.140 4.521   9.287   1.00 28.68 ? 153 GLU A CB  1 
ATOM   982  C CG  . GLU A 1 132 ? -9.904  4.964   10.051  1.00 28.32 ? 153 GLU A CG  1 
ATOM   983  C CD  . GLU A 1 132 ? -10.239 5.749   11.303  1.00 40.32 ? 153 GLU A CD  1 
ATOM   984  O OE1 . GLU A 1 132 ? -9.442  6.636   11.676  1.00 37.56 ? 153 GLU A OE1 1 
ATOM   985  O OE2 . GLU A 1 132 ? -11.296 5.476   11.913  1.00 43.99 ? 153 GLU A OE2 1 
ATOM   986  N N   . LEU A 1 133 ? -12.119 4.430   6.204   1.00 17.49 ? 154 LEU A N   1 
ATOM   987  C CA  . LEU A 1 133 ? -12.908 3.670   5.242   1.00 21.39 ? 154 LEU A CA  1 
ATOM   988  C C   . LEU A 1 133 ? -12.186 2.384   4.863   1.00 25.52 ? 154 LEU A C   1 
ATOM   989  O O   . LEU A 1 133 ? -11.704 2.226   3.742   1.00 18.71 ? 154 LEU A O   1 
ATOM   990  C CB  . LEU A 1 133 ? -13.230 4.508   4.003   1.00 21.53 ? 154 LEU A CB  1 
ATOM   991  C CG  . LEU A 1 133 ? -14.086 5.746   4.282   1.00 20.08 ? 154 LEU A CG  1 
ATOM   992  C CD1 . LEU A 1 133 ? -14.229 6.621   3.036   1.00 24.04 ? 154 LEU A CD1 1 
ATOM   993  C CD2 . LEU A 1 133 ? -15.458 5.361   4.833   1.00 26.55 ? 154 LEU A CD2 1 
ATOM   994  N N   . TRP A 1 134 ? -12.110 1.464   5.815   1.00 21.48 ? 155 TRP A N   1 
ATOM   995  C CA  . TRP A 1 134 ? -11.470 0.179   5.575   1.00 14.77 ? 155 TRP A CA  1 
ATOM   996  C C   . TRP A 1 134 ? -12.212 -0.602  4.493   1.00 22.59 ? 155 TRP A C   1 
ATOM   997  O O   . TRP A 1 134 ? -13.441 -0.668  4.491   1.00 21.30 ? 155 TRP A O   1 
ATOM   998  C CB  . TRP A 1 134 ? -11.368 -0.618  6.873   1.00 17.05 ? 155 TRP A CB  1 
ATOM   999  C CG  . TRP A 1 134 ? -10.525 0.080   7.903   1.00 17.69 ? 155 TRP A CG  1 
ATOM   1000 C CD1 . TRP A 1 134 ? -10.968 0.797   8.982   1.00 21.32 ? 155 TRP A CD1 1 
ATOM   1001 C CD2 . TRP A 1 134 ? -9.092  0.152   7.934   1.00 12.83 ? 155 TRP A CD2 1 
ATOM   1002 N NE1 . TRP A 1 134 ? -9.898  1.305   9.683   1.00 23.33 ? 155 TRP A NE1 1 
ATOM   1003 C CE2 . TRP A 1 134 ? -8.736  0.917   9.066   1.00 18.52 ? 155 TRP A CE2 1 
ATOM   1004 C CE3 . TRP A 1 134 ? -8.075  -0.368  7.124   1.00 15.23 ? 155 TRP A CE3 1 
ATOM   1005 C CZ2 . TRP A 1 134 ? -7.410  1.183   9.401   1.00 21.45 ? 155 TRP A CZ2 1 
ATOM   1006 C CZ3 . TRP A 1 134 ? -6.756  -0.106  7.461   1.00 18.59 ? 155 TRP A CZ3 1 
ATOM   1007 C CH2 . TRP A 1 134 ? -6.437  0.670   8.587   1.00 15.72 ? 155 TRP A CH2 1 
ATOM   1008 N N   . SER A 1 135 ? -11.457 -1.181  3.566   1.00 20.13 ? 156 SER A N   1 
ATOM   1009 C CA  . SER A 1 135 ? -12.050 -1.902  2.443   1.00 17.91 ? 156 SER A CA  1 
ATOM   1010 C C   . SER A 1 135 ? -12.670 -3.219  2.896   1.00 25.93 ? 156 SER A C   1 
ATOM   1011 O O   . SER A 1 135 ? -13.590 -3.742  2.259   1.00 27.39 ? 156 SER A O   1 
ATOM   1012 C CB  . SER A 1 135 ? -10.987 -2.170  1.384   1.00 21.86 ? 156 SER A CB  1 
ATOM   1013 O OG  . SER A 1 135 ? -9.891  -2.874  1.945   1.00 19.51 ? 156 SER A OG  1 
ATOM   1014 N N   . HIS A 1 136 ? -12.152 -3.755  3.995   1.00 21.23 ? 157 HIS A N   1 
ATOM   1015 C CA  . HIS A 1 136 ? -12.613 -5.027  4.533   1.00 25.32 ? 157 HIS A CA  1 
ATOM   1016 C C   . HIS A 1 136 ? -13.030 -4.842  5.990   1.00 25.60 ? 157 HIS A C   1 
ATOM   1017 O O   . HIS A 1 136 ? -12.404 -5.393  6.894   1.00 23.90 ? 157 HIS A O   1 
ATOM   1018 C CB  . HIS A 1 136 ? -11.500 -6.075  4.436   1.00 23.06 ? 157 HIS A CB  1 
ATOM   1019 C CG  . HIS A 1 136 ? -11.174 -6.497  3.033   1.00 23.02 ? 157 HIS A CG  1 
ATOM   1020 N ND1 . HIS A 1 136 ? -10.638 -5.637  2.096   1.00 32.80 ? 157 HIS A ND1 1 
ATOM   1021 C CD2 . HIS A 1 136 ? -11.287 -7.700  2.417   1.00 31.71 ? 157 HIS A CD2 1 
ATOM   1022 C CE1 . HIS A 1 136 ? -10.451 -6.287  0.960   1.00 31.99 ? 157 HIS A CE1 1 
ATOM   1023 N NE2 . HIS A 1 136 ? -10.835 -7.541  1.129   1.00 23.40 ? 157 HIS A NE2 1 
ATOM   1024 N N   . PRO A 1 137 ? -14.098 -4.064  6.222   1.00 28.67 ? 158 PRO A N   1 
ATOM   1025 C CA  . PRO A 1 137 ? -14.532 -3.711  7.579   1.00 33.90 ? 158 PRO A CA  1 
ATOM   1026 C C   . PRO A 1 137 ? -14.749 -4.943  8.455   1.00 42.52 ? 158 PRO A C   1 
ATOM   1027 O O   . PRO A 1 137 ? -15.097 -6.000  7.925   1.00 39.09 ? 158 PRO A O   1 
ATOM   1028 C CB  . PRO A 1 137 ? -15.867 -2.998  7.345   1.00 30.36 ? 158 PRO A CB  1 
ATOM   1029 C CG  . PRO A 1 137 ? -15.810 -2.522  5.938   1.00 38.42 ? 158 PRO A CG  1 
ATOM   1030 C CD  . PRO A 1 137 ? -15.021 -3.550  5.196   1.00 31.72 ? 158 PRO A CD  1 
HETATM 1031 C C1  . GOL B 2 .   ? 2.203   -0.495  -5.380  1.00 33.94 ? 200 GOL A C1  1 
HETATM 1032 O O1  . GOL B 2 .   ? 1.896   -1.059  -6.638  1.00 35.59 ? 200 GOL A O1  1 
HETATM 1033 C C2  . GOL B 2 .   ? 2.424   1.010   -5.521  1.00 39.82 ? 200 GOL A C2  1 
HETATM 1034 O O2  . GOL B 2 .   ? 1.882   1.456   -6.746  1.00 40.62 ? 200 GOL A O2  1 
HETATM 1035 C C3  . GOL B 2 .   ? 1.741   1.745   -4.374  1.00 41.39 ? 200 GOL A C3  1 
HETATM 1036 O O3  . GOL B 2 .   ? 0.350   1.788   -4.611  1.00 30.96 ? 200 GOL A O3  1 
HETATM 1037 N N   . NH4 C 3 .   ? -18.496 12.014  -3.606  1.00 11.09 ? 201 NH4 A N   1 
HETATM 1038 N N   . NH4 D 3 .   ? -10.589 -9.189  -1.247  1.00 9.36  ? 202 NH4 A N   1 
HETATM 1039 N N   . NH4 E 3 .   ? 6.043   -6.740  6.446   1.00 11.49 ? 203 NH4 A N   1 
HETATM 1040 N N   . NH4 F 3 .   ? 17.062  -5.711  6.796   1.00 14.67 ? 204 NH4 A N   1 
HETATM 1041 N N   . NH4 G 3 .   ? -5.849  5.007   9.156   1.00 13.83 ? 205 NH4 A N   1 
HETATM 1042 N N   . NH4 H 3 .   ? -6.758  9.134   -7.946  1.00 19.52 ? 206 NH4 A N   1 
HETATM 1043 N N   . NH4 I 3 .   ? 18.512  -4.499  8.843   1.00 18.47 ? 207 NH4 A N   1 
HETATM 1044 N N   . NH4 J 3 .   ? -6.914  5.378   11.791  1.00 20.32 ? 208 NH4 A N   1 
HETATM 1045 O O   . HOH K 4 .   ? -1.563  -8.687  4.630   1.00 10.58 ? 209 HOH A O   1 
HETATM 1046 O O   . HOH K 4 .   ? -9.421  6.722   -8.863  1.00 17.72 ? 210 HOH A O   1 
HETATM 1047 O O   . HOH K 4 .   ? 17.690  -8.047  -0.822  1.00 13.05 ? 211 HOH A O   1 
HETATM 1048 O O   . HOH K 4 .   ? -16.236 9.513   1.742   1.00 16.28 ? 212 HOH A O   1 
HETATM 1049 O O   . HOH K 4 .   ? -4.220  10.461  -7.797  1.00 22.43 ? 213 HOH A O   1 
HETATM 1050 O O   . HOH K 4 .   ? -2.523  -5.686  10.594  1.00 17.14 ? 214 HOH A O   1 
HETATM 1051 O O   . HOH K 4 .   ? 18.273  -5.888  -5.146  1.00 20.28 ? 215 HOH A O   1 
HETATM 1052 O O   . HOH K 4 .   ? 7.434   -12.225 0.825   1.00 24.65 ? 216 HOH A O   1 
HETATM 1053 O O   . HOH K 4 .   ? -9.693  16.900  -2.471  1.00 20.54 ? 217 HOH A O   1 
HETATM 1054 O O   . HOH K 4 .   ? -13.225 16.377  -3.608  1.00 22.62 ? 218 HOH A O   1 
HETATM 1055 O O   . HOH K 4 .   ? 0.192   -16.710 -0.580  1.00 24.67 ? 219 HOH A O   1 
HETATM 1056 O O   . HOH K 4 .   ? 0.335   8.598   -14.220 0.5  29.24 ? 220 HOH A O   1 
HETATM 1057 O O   . HOH K 4 .   ? 7.972   -8.727  6.995   1.00 26.30 ? 221 HOH A O   1 
HETATM 1058 O O   . HOH K 4 .   ? -8.589  7.751   7.826   1.00 23.16 ? 222 HOH A O   1 
HETATM 1059 O O   . HOH K 4 .   ? -1.823  7.278   -13.381 0.5  15.20 ? 223 HOH A O   1 
HETATM 1060 O O   . HOH K 4 .   ? -5.898  -7.321  3.839   1.00 24.11 ? 224 HOH A O   1 
HETATM 1061 O O   . HOH K 4 .   ? -8.395  18.476  -0.461  1.00 28.48 ? 225 HOH A O   1 
HETATM 1062 O O   . HOH K 4 .   ? 18.028  0.824   -7.941  1.00 31.43 ? 226 HOH A O   1 
HETATM 1063 O O   . HOH K 4 .   ? 10.291  5.157   12.004  1.00 20.85 ? 227 HOH A O   1 
HETATM 1064 O O   . HOH K 4 .   ? -5.972  -16.478 -4.445  1.00 23.41 ? 228 HOH A O   1 
HETATM 1065 O O   . HOH K 4 .   ? -6.966  12.632  -5.586  1.00 23.27 ? 229 HOH A O   1 
HETATM 1066 O O   . HOH K 4 .   ? -4.855  7.657   9.213   1.00 26.76 ? 230 HOH A O   1 
HETATM 1067 O O   . HOH K 4 .   ? 2.600   -14.631 5.833   1.00 27.93 ? 231 HOH A O   1 
HETATM 1068 O O   . HOH K 4 .   ? 3.853   2.661   -14.638 1.00 32.69 ? 232 HOH A O   1 
HETATM 1069 O O   . HOH K 4 .   ? -10.725 20.136  2.822   1.00 32.66 ? 233 HOH A O   1 
HETATM 1070 O O   . HOH K 4 .   ? 5.602   -12.593 -1.020  1.00 22.81 ? 234 HOH A O   1 
HETATM 1071 O O   . HOH K 4 .   ? -2.886  9.196   5.336   1.00 24.46 ? 235 HOH A O   1 
HETATM 1072 O O   . HOH K 4 .   ? -14.853 9.998   3.933   1.00 26.87 ? 236 HOH A O   1 
HETATM 1073 O O   . HOH K 4 .   ? -15.756 13.351  -7.877  1.00 25.84 ? 237 HOH A O   1 
HETATM 1074 O O   . HOH K 4 .   ? -11.766 10.753  -7.628  1.00 24.79 ? 238 HOH A O   1 
HETATM 1075 O O   . HOH K 4 .   ? -8.274  4.102   -12.233 1.00 26.22 ? 239 HOH A O   1 
HETATM 1076 O O   . HOH K 4 .   ? 18.618  0.579   5.735   1.00 23.64 ? 240 HOH A O   1 
HETATM 1077 O O   . HOH K 4 .   ? 20.244  3.190   -1.523  1.00 28.55 ? 241 HOH A O   1 
HETATM 1078 O O   . HOH K 4 .   ? -11.742 8.083   -8.481  1.00 26.98 ? 242 HOH A O   1 
HETATM 1079 O O   . HOH K 4 .   ? -14.382 10.831  -11.093 1.00 27.66 ? 243 HOH A O   1 
HETATM 1080 O O   . HOH K 4 .   ? -12.893 -10.784 -1.289  1.00 26.11 ? 244 HOH A O   1 
HETATM 1081 O O   . HOH K 4 .   ? 15.604  6.969   -5.827  1.00 33.80 ? 245 HOH A O   1 
HETATM 1082 O O   . HOH K 4 .   ? 13.054  -6.466  -7.412  1.00 29.19 ? 246 HOH A O   1 
HETATM 1083 O O   . HOH K 4 .   ? -14.235 1.813   8.015   1.00 26.24 ? 247 HOH A O   1 
HETATM 1084 O O   . HOH K 4 .   ? -6.462  -14.093 -6.181  1.00 29.61 ? 248 HOH A O   1 
HETATM 1085 O O   . HOH K 4 .   ? 10.356  -9.998  6.436   1.00 28.99 ? 249 HOH A O   1 
HETATM 1086 O O   . HOH K 4 .   ? -1.196  0.218   11.739  1.00 25.21 ? 250 HOH A O   1 
HETATM 1087 O O   . HOH K 4 .   ? -7.757  -7.484  15.287  1.00 26.66 ? 251 HOH A O   1 
HETATM 1088 O O   . HOH K 4 .   ? -13.280 15.049  6.364   1.00 24.57 ? 252 HOH A O   1 
HETATM 1089 O O   . HOH K 4 .   ? -2.651  -11.111 -6.323  1.00 34.41 ? 253 HOH A O   1 
HETATM 1090 O O   . HOH K 4 .   ? -13.325 -11.906 -7.511  1.00 28.65 ? 254 HOH A O   1 
HETATM 1091 O O   . HOH K 4 .   ? -8.556  11.163  -7.319  1.00 28.18 ? 255 HOH A O   1 
HETATM 1092 O O   . HOH K 4 .   ? 20.286  3.116   1.649   1.00 31.57 ? 256 HOH A O   1 
HETATM 1093 O O   . HOH K 4 .   ? -4.842  -1.124  -10.334 1.00 26.68 ? 257 HOH A O   1 
HETATM 1094 O O   . HOH K 4 .   ? -16.218 12.579  7.557   1.00 26.62 ? 258 HOH A O   1 
HETATM 1095 O O   . HOH K 4 .   ? -9.721  11.211  8.449   1.00 30.15 ? 259 HOH A O   1 
HETATM 1096 O O   . HOH K 4 .   ? 3.115   -7.408  -10.903 1.00 32.17 ? 260 HOH A O   1 
HETATM 1097 O O   . HOH K 4 .   ? 4.017   2.551   -8.555  1.00 29.86 ? 261 HOH A O   1 
HETATM 1098 O O   . HOH K 4 .   ? -10.392 18.265  6.667   1.00 29.09 ? 262 HOH A O   1 
HETATM 1099 O O   . HOH K 4 .   ? 9.311   7.072   -1.860  1.00 37.59 ? 263 HOH A O   1 
HETATM 1100 O O   . HOH K 4 .   ? 6.443   -13.400 3.005   1.00 27.77 ? 264 HOH A O   1 
HETATM 1101 O O   . HOH K 4 .   ? 4.365   -12.784 5.118   1.00 36.63 ? 265 HOH A O   1 
HETATM 1102 O O   . HOH K 4 .   ? 5.245   -2.096  10.772  1.00 36.60 ? 266 HOH A O   1 
HETATM 1103 O O   . HOH K 4 .   ? -4.170  12.790  -6.258  1.00 29.29 ? 267 HOH A O   1 
HETATM 1104 O O   . HOH K 4 .   ? 2.903   6.463   -14.635 1.00 30.65 ? 268 HOH A O   1 
HETATM 1105 O O   . HOH K 4 .   ? 15.924  -7.629  8.908   1.00 27.31 ? 269 HOH A O   1 
HETATM 1106 O O   . HOH K 4 .   ? 5.798   0.300   -8.705  1.00 30.69 ? 270 HOH A O   1 
HETATM 1107 O O   . HOH K 4 .   ? -5.193  19.088  0.735   1.00 34.10 ? 271 HOH A O   1 
HETATM 1108 O O   . HOH K 4 .   ? -4.650  -12.455 8.305   1.00 36.27 ? 272 HOH A O   1 
HETATM 1109 O O   . HOH K 4 .   ? -3.596  15.218  3.388   1.00 32.74 ? 273 HOH A O   1 
HETATM 1110 O O   . HOH K 4 .   ? -15.188 8.733   6.188   1.00 35.68 ? 274 HOH A O   1 
HETATM 1111 O O   . HOH K 4 .   ? 14.802  7.179   2.997   1.00 36.31 ? 275 HOH A O   1 
HETATM 1112 O O   . HOH K 4 .   ? -2.804  -12.247 10.853  1.00 28.81 ? 276 HOH A O   1 
HETATM 1113 O O   . HOH K 4 .   ? 6.841   -5.431  8.907   1.00 28.41 ? 277 HOH A O   1 
HETATM 1114 O O   . HOH K 4 .   ? 17.499  -5.625  10.948  1.00 29.42 ? 278 HOH A O   1 
HETATM 1115 O O   . HOH K 4 .   ? 8.218   3.705   11.249  1.00 32.98 ? 279 HOH A O   1 
HETATM 1116 O O   . HOH K 4 .   ? 9.048   -7.960  9.431   1.00 32.86 ? 280 HOH A O   1 
HETATM 1117 O O   . HOH K 4 .   ? -18.420 7.732   2.208   1.00 34.91 ? 281 HOH A O   1 
HETATM 1118 O O   . HOH K 4 .   ? 11.387  -10.268 3.539   1.00 25.02 ? 282 HOH A O   1 
HETATM 1119 O O   . HOH K 4 .   ? -14.317 -15.832 -5.674  1.00 36.87 ? 283 HOH A O   1 
HETATM 1120 O O   . HOH K 4 .   ? 10.432  -12.046 2.005   1.00 30.12 ? 284 HOH A O   1 
HETATM 1121 O O   . HOH K 4 .   ? -10.654 14.198  6.457   1.00 30.67 ? 285 HOH A O   1 
HETATM 1122 O O   . HOH K 4 .   ? -18.422 1.761   -1.888  1.00 34.10 ? 286 HOH A O   1 
HETATM 1123 O O   . HOH K 4 .   ? -1.986  -15.322 -5.412  1.00 37.28 ? 287 HOH A O   1 
HETATM 1124 O O   . HOH K 4 .   ? 20.883  0.323   1.900   1.00 33.31 ? 288 HOH A O   1 
HETATM 1125 O O   . HOH K 4 .   ? 21.207  -3.718  -11.251 1.00 36.32 ? 289 HOH A O   1 
HETATM 1126 O O   . HOH K 4 .   ? -5.928  -19.893 1.936   1.00 38.94 ? 290 HOH A O   1 
HETATM 1127 O O   . HOH K 4 .   ? -5.491  -17.143 3.400   1.00 32.38 ? 291 HOH A O   1 
HETATM 1128 O O   . HOH K 4 .   ? -17.692 -0.937  -4.600  1.00 17.84 ? 292 HOH A O   1 
HETATM 1129 O O   . HOH K 4 .   ? -15.380 -6.738  -6.982  1.00 15.35 ? 293 HOH A O   1 
HETATM 1130 O O   . HOH K 4 .   ? -17.336 -3.833  -4.037  1.00 32.70 ? 294 HOH A O   1 
HETATM 1131 O O   . HOH K 4 .   ? 1.253   12.540  1.271   1.00 31.96 ? 295 HOH A O   1 
HETATM 1132 O O   . HOH K 4 .   ? -1.946  -15.928 6.869   1.00 35.48 ? 296 HOH A O   1 
HETATM 1133 O O   . HOH K 4 .   ? -17.649 -5.176  -6.808  1.00 36.49 ? 297 HOH A O   1 
HETATM 1134 O O   . HOH K 4 .   ? 17.318  -2.724  -9.611  1.00 37.67 ? 298 HOH A O   1 
HETATM 1135 O O   . HOH K 4 .   ? -0.385  16.660  1.248   1.00 40.20 ? 299 HOH A O   1 
HETATM 1136 O O   . HOH K 4 .   ? -4.362  -14.990 7.398   1.00 37.46 ? 300 HOH A O   1 
HETATM 1137 O O   . HOH K 4 .   ? 0.229   -9.273  -6.724  1.00 35.64 ? 301 HOH A O   1 
HETATM 1138 O O   . HOH K 4 .   ? -17.067 -16.822 -6.850  1.00 39.94 ? 302 HOH A O   1 
HETATM 1139 O O   . HOH K 4 .   ? 16.458  -4.187  -7.266  1.00 33.54 ? 303 HOH A O   1 
HETATM 1140 O O   . HOH K 4 .   ? 20.729  1.023   -8.362  1.00 36.31 ? 304 HOH A O   1 
HETATM 1141 O O   . HOH K 4 .   ? 10.241  11.257  8.143   1.00 34.70 ? 305 HOH A O   1 
HETATM 1142 O O   . HOH K 4 .   ? -17.564 11.028  6.194   1.00 25.69 ? 306 HOH A O   1 
HETATM 1143 O O   . HOH K 4 .   ? 2.321   -10.837 -6.524  1.00 38.04 ? 307 HOH A O   1 
HETATM 1144 O O   . HOH K 4 .   ? -4.648  -9.910  -8.387  1.00 31.67 ? 308 HOH A O   1 
HETATM 1145 O O   . HOH K 4 .   ? -8.818  -11.756 -9.390  1.00 29.47 ? 309 HOH A O   1 
HETATM 1146 O O   . HOH K 4 .   ? -1.679  4.705   14.330  1.00 32.71 ? 310 HOH A O   1 
HETATM 1147 O O   . HOH K 4 .   ? 0.968   2.547   12.791  1.00 30.23 ? 311 HOH A O   1 
HETATM 1148 O O   . HOH K 4 .   ? -18.901 4.570   -2.516  1.00 27.39 ? 312 HOH A O   1 
HETATM 1149 O O   . HOH K 4 .   ? 3.751   5.305   -0.216  1.00 38.72 ? 313 HOH A O   1 
HETATM 1150 O O   . HOH K 4 .   ? -2.655  -1.658  10.499  1.00 23.37 ? 314 HOH A O   1 
HETATM 1151 O O   . HOH K 4 .   ? -10.305 -7.133  15.494  1.00 30.38 ? 315 HOH A O   1 
HETATM 1152 O O   . HOH K 4 .   ? -8.885  -13.214 -6.630  1.00 31.76 ? 316 HOH A O   1 
HETATM 1153 O O   . HOH K 4 .   ? -3.882  -13.588 -6.019  1.00 39.78 ? 317 HOH A O   1 
HETATM 1154 O O   . HOH K 4 .   ? 3.214   7.627   0.753   1.00 33.89 ? 318 HOH A O   1 
HETATM 1155 O O   . HOH K 4 .   ? -8.631  -20.098 2.287   1.00 40.40 ? 319 HOH A O   1 
HETATM 1156 O O   . HOH K 4 .   ? -5.380  -11.092 10.375  1.00 37.05 ? 320 HOH A O   1 
HETATM 1157 O O   . HOH K 4 .   ? -15.341 1.046   5.375   1.00 33.58 ? 321 HOH A O   1 
HETATM 1158 O O   . HOH K 4 .   ? -12.698 9.517   9.694   1.00 38.37 ? 322 HOH A O   1 
HETATM 1159 O O   . HOH K 4 .   ? -1.768  -2.616  -10.775 1.00 34.07 ? 323 HOH A O   1 
HETATM 1160 O O   . HOH K 4 .   ? -14.030 -7.875  9.803   1.00 44.54 ? 324 HOH A O   1 
HETATM 1161 O O   . HOH K 4 .   ? 15.777  6.378   -8.871  1.00 40.44 ? 325 HOH A O   1 
HETATM 1162 O O   . HOH K 4 .   ? -19.055 -2.998  -5.497  1.00 42.50 ? 326 HOH A O   1 
HETATM 1163 O O   . HOH K 4 .   ? -12.629 -1.279  11.213  1.00 37.87 ? 327 HOH A O   1 
HETATM 1164 O O   . HOH K 4 .   ? 12.340  -13.180 6.994   1.00 40.19 ? 328 HOH A O   1 
HETATM 1165 O O   . HOH K 4 .   ? 3.301   9.586   2.993   1.00 40.59 ? 329 HOH A O   1 
HETATM 1166 O O   . HOH K 4 .   ? 2.729   -18.550 -0.606  1.00 36.45 ? 330 HOH A O   1 
HETATM 1167 O O   . HOH K 4 .   ? 3.082   -4.421  -9.457  1.00 34.97 ? 331 HOH A O   1 
HETATM 1168 O O   . HOH K 4 .   ? -14.642 -3.213  10.954  1.00 39.55 ? 332 HOH A O   1 
HETATM 1169 O O   . HOH K 4 .   ? -4.344  13.446  6.713   1.00 32.32 ? 333 HOH A O   1 
HETATM 1170 O O   . HOH K 4 .   ? -0.941  13.762  0.871   1.00 33.59 ? 334 HOH A O   1 
HETATM 1171 O O   . HOH K 4 .   ? -13.035 17.688  6.230   1.00 26.22 ? 335 HOH A O   1 
HETATM 1172 O O   . HOH K 4 .   ? -5.132  -11.314 -5.931  1.00 31.13 ? 336 HOH A O   1 
HETATM 1173 O O   . HOH K 4 .   ? -14.092 -11.812 -3.707  1.00 34.75 ? 337 HOH A O   1 
# 
